data_8K25
#
_entry.id   8K25
#
_cell.length_a   1.00
_cell.length_b   1.00
_cell.length_c   1.00
_cell.angle_alpha   90.00
_cell.angle_beta   90.00
_cell.angle_gamma   90.00
#
_symmetry.space_group_name_H-M   'P 1'
#
loop_
_entity.id
_entity.type
_entity.pdbx_description
1 polymer "DNA (5'-D(P*CP*AP*AP*TP*TP*TP*AP*AP*AP*TP*AP*GP*GP*GP*AP*AP*G)-3')"
2 polymer "DNA (5'-D(P*TP*TP*CP*CP*CP*TP*AP*TP*TP*TP*AP*AP*AP*TP*TP*GP*C)-3')"
3 polymer 'HD Cas3-type domain-containing protein'
4 polymer Cas1
#
loop_
_entity_poly.entity_id
_entity_poly.type
_entity_poly.pdbx_seq_one_letter_code
_entity_poly.pdbx_strand_id
1 'polydeoxyribonucleotide' (DC)(DA)(DA)(DT)(DT)(DT)(DA)(DA)(DA)(DT)(DA)(DG)(DG)(DG)(DA)(DA)(DG) U
2 'polydeoxyribonucleotide' (DT)(DT)(DC)(DC)(DC)(DT)(DA)(DT)(DT)(DT)(DA)(DA)(DA)(DT)(DT)(DG)(DC) V
3 'polypeptide(L)'
;MFIRIKCFSKQPIAKKVSREVSAYLEYTGNNTWEGHISGQGVSNLQTKLINVGKGVKVVCNYQDKVLFAIGNVAMSDTGS
V
;
A,a
4 'polypeptide(L)'
;MQKQILTSQKRNMYILSRCKVLVKNGQVCHLHEDGNVYTVPYANTVFIGLAEGTSITNEAMSMLAANGVIVFWTKGGGYD
MFAADIICHLPQADYRPTKYMQNWVRLWLDEEKKLSAAKEILKMRVDSLSTHVHDFGVDVENKRVSSIVNKFDKGVTQAT
SFESLLGHEGTFVKSLYKEYALEYEIEFKRDHKSADNYNKFLTLGNYYAYGIARSSLWALGIDNSFPLLHGSTRRGGLVF
DVADIIKTSIILPLAFHAADQGMSNTEFKRSCVAYFDKNDILAYLINNIKRLCMEN
;
D,d,E,e
#
# COMPACT_ATOMS: atom_id res chain seq x y z
N MET C 1 6.79 11.38 1.52
CA MET C 1 7.05 10.02 1.95
C MET C 1 5.75 9.20 1.90
N PHE C 2 5.85 8.01 1.32
CA PHE C 2 4.70 7.23 0.88
C PHE C 2 4.09 6.47 2.06
N ILE C 3 2.98 6.99 2.59
CA ILE C 3 2.22 6.33 3.65
C ILE C 3 0.80 6.05 3.14
N ARG C 4 0.06 5.26 3.92
CA ARG C 4 -1.29 4.87 3.53
C ARG C 4 -2.13 4.65 4.79
N ILE C 5 -3.33 5.23 4.82
CA ILE C 5 -4.21 5.23 5.99
C ILE C 5 -5.49 4.51 5.63
N LYS C 6 -5.89 3.55 6.47
CA LYS C 6 -7.20 2.92 6.39
C LYS C 6 -7.97 3.23 7.67
N CYS C 7 -9.22 3.64 7.52
CA CYS C 7 -10.08 3.92 8.66
C CYS C 7 -11.13 2.82 8.78
N PHE C 8 -11.25 2.23 9.96
CA PHE C 8 -12.21 1.18 10.24
C PHE C 8 -13.28 1.60 11.23
N SER C 9 -13.44 2.89 11.47
CA SER C 9 -14.31 3.33 12.56
C SER C 9 -15.76 3.39 12.10
N LYS C 10 -16.62 3.76 13.05
CA LYS C 10 -18.06 3.85 12.84
C LYS C 10 -18.50 5.31 12.74
N GLN C 11 -19.64 5.52 12.11
CA GLN C 11 -20.20 6.85 11.99
C GLN C 11 -20.74 7.32 13.34
N PRO C 12 -20.67 8.64 13.63
CA PRO C 12 -20.17 9.76 12.83
C PRO C 12 -18.68 10.04 13.02
N ILE C 13 -17.98 9.17 13.75
CA ILE C 13 -16.55 9.35 13.95
C ILE C 13 -15.78 9.14 12.65
N ALA C 14 -16.26 8.21 11.80
CA ALA C 14 -15.59 7.91 10.54
C ALA C 14 -15.60 9.09 9.57
N LYS C 15 -16.66 9.92 9.59
CA LYS C 15 -16.67 11.14 8.79
C LYS C 15 -15.66 12.15 9.32
N LYS C 16 -15.47 12.20 10.64
CA LYS C 16 -14.45 13.08 11.22
C LYS C 16 -13.04 12.63 10.84
N VAL C 17 -12.80 11.31 10.85
CA VAL C 17 -11.52 10.77 10.41
C VAL C 17 -11.31 11.04 8.93
N SER C 18 -12.40 10.97 8.15
CA SER C 18 -12.33 11.32 6.74
C SER C 18 -11.96 12.79 6.54
N ARG C 19 -12.49 13.67 7.39
CA ARG C 19 -12.14 15.08 7.29
C ARG C 19 -10.68 15.34 7.69
N GLU C 20 -10.19 14.65 8.73
CA GLU C 20 -8.81 14.87 9.16
C GLU C 20 -7.81 14.31 8.15
N VAL C 21 -7.99 13.06 7.70
CA VAL C 21 -6.99 12.45 6.82
C VAL C 21 -7.17 12.90 5.37
N SER C 22 -8.40 13.25 4.96
CA SER C 22 -8.66 13.70 3.60
C SER C 22 -8.07 15.07 3.32
N ALA C 23 -7.70 15.83 4.36
CA ALA C 23 -6.91 17.03 4.15
C ALA C 23 -5.45 16.70 3.85
N TYR C 24 -4.99 15.49 4.17
CA TYR C 24 -3.59 15.12 3.97
C TYR C 24 -3.37 14.08 2.89
N LEU C 25 -4.36 13.23 2.63
CA LEU C 25 -4.24 12.20 1.61
C LEU C 25 -5.47 12.21 0.72
N GLU C 26 -5.29 11.78 -0.53
CA GLU C 26 -6.42 11.64 -1.42
C GLU C 26 -7.04 10.25 -1.25
N TYR C 27 -8.36 10.20 -1.47
CA TYR C 27 -9.13 9.01 -1.13
C TYR C 27 -9.18 8.06 -2.32
N THR C 28 -8.95 6.79 -2.05
CA THR C 28 -8.90 5.79 -3.11
C THR C 28 -10.16 4.94 -3.23
N GLY C 29 -10.63 4.34 -2.13
CA GLY C 29 -11.92 3.69 -2.17
C GLY C 29 -12.17 2.69 -1.06
N ASN C 30 -13.37 2.77 -0.46
CA ASN C 30 -13.76 2.01 0.73
C ASN C 30 -12.75 2.20 1.87
N ASN C 31 -12.45 3.48 2.12
CA ASN C 31 -11.63 3.96 3.23
C ASN C 31 -10.20 3.40 3.21
N THR C 32 -9.45 3.78 2.17
CA THR C 32 -8.00 3.61 2.17
C THR C 32 -7.35 4.85 1.57
N TRP C 33 -7.05 5.81 2.43
CA TRP C 33 -6.37 7.03 2.00
C TRP C 33 -4.92 6.70 1.65
N GLU C 34 -4.41 7.37 0.63
CA GLU C 34 -3.19 6.94 -0.05
C GLU C 34 -2.50 8.17 -0.61
N GLY C 35 -1.19 8.25 -0.44
CA GLY C 35 -0.44 9.38 -0.97
C GLY C 35 0.85 9.58 -0.22
N HIS C 36 1.31 10.83 -0.21
CA HIS C 36 2.64 11.15 0.29
C HIS C 36 2.56 12.28 1.30
N ILE C 37 2.96 12.00 2.54
CA ILE C 37 3.11 13.00 3.59
C ILE C 37 4.54 12.92 4.13
N SER C 38 5.13 14.06 4.43
CA SER C 38 6.40 14.08 5.15
C SER C 38 6.19 13.61 6.59
N GLY C 39 7.30 13.25 7.24
CA GLY C 39 7.22 12.61 8.56
C GLY C 39 6.67 13.51 9.65
N GLN C 40 6.98 14.80 9.58
CA GLN C 40 6.35 15.76 10.49
C GLN C 40 4.86 15.88 10.22
N GLY C 41 4.45 15.72 8.95
CA GLY C 41 3.03 15.69 8.63
C GLY C 41 2.33 14.48 9.20
N VAL C 42 2.99 13.31 9.18
CA VAL C 42 2.41 12.13 9.83
C VAL C 42 2.36 12.32 11.34
N SER C 43 3.36 13.02 11.91
CA SER C 43 3.35 13.27 13.35
C SER C 43 2.20 14.20 13.76
N ASN C 44 1.98 15.28 13.02
CA ASN C 44 0.86 16.15 13.38
C ASN C 44 -0.48 15.53 12.97
N LEU C 45 -0.50 14.65 11.97
CA LEU C 45 -1.70 13.88 11.67
C LEU C 45 -2.03 12.93 12.82
N GLN C 46 -1.01 12.31 13.41
CA GLN C 46 -1.18 11.53 14.63
C GLN C 46 -1.70 12.40 15.77
N THR C 47 -1.22 13.65 15.83
CA THR C 47 -1.68 14.57 16.88
C THR C 47 -3.17 14.90 16.73
N LYS C 48 -3.63 15.20 15.50
CA LYS C 48 -5.06 15.46 15.36
C LYS C 48 -5.88 14.19 15.45
N LEU C 49 -5.30 13.02 15.16
CA LEU C 49 -5.99 11.77 15.41
C LEU C 49 -6.15 11.50 16.90
N ILE C 50 -5.16 11.88 17.71
CA ILE C 50 -5.29 11.82 19.16
C ILE C 50 -6.34 12.83 19.63
N ASN C 51 -6.32 14.05 19.09
CA ASN C 51 -7.30 15.08 19.45
C ASN C 51 -8.70 14.77 18.95
N VAL C 52 -8.86 13.83 18.01
CA VAL C 52 -10.20 13.32 17.70
C VAL C 52 -10.79 12.63 18.92
N GLY C 53 -9.98 11.81 19.60
CA GLY C 53 -10.40 11.20 20.84
C GLY C 53 -10.56 9.69 20.74
N LYS C 54 -11.48 9.14 21.52
CA LYS C 54 -11.75 7.71 21.49
C LYS C 54 -12.55 7.34 20.25
N GLY C 55 -12.59 6.05 19.96
CA GLY C 55 -13.35 5.54 18.84
C GLY C 55 -12.64 5.53 17.51
N VAL C 56 -11.43 6.07 17.43
CA VAL C 56 -10.67 6.06 16.19
C VAL C 56 -10.17 4.64 15.92
N LYS C 57 -10.42 4.14 14.72
CA LYS C 57 -9.94 2.83 14.27
C LYS C 57 -9.14 3.06 13.00
N VAL C 58 -7.86 3.40 13.17
CA VAL C 58 -6.96 3.70 12.06
C VAL C 58 -5.72 2.86 12.21
N VAL C 59 -5.36 2.13 11.17
CA VAL C 59 -4.06 1.50 11.07
C VAL C 59 -3.36 2.11 9.85
N CYS C 60 -2.15 2.60 10.06
CA CYS C 60 -1.37 3.14 8.96
C CYS C 60 -0.53 2.03 8.35
N ASN C 61 0.14 2.37 7.24
CA ASN C 61 1.04 1.42 6.61
C ASN C 61 2.16 2.18 5.91
N TYR C 62 3.39 1.92 6.34
CA TYR C 62 4.60 2.32 5.63
C TYR C 62 5.12 1.06 4.96
N GLN C 63 4.88 0.94 3.65
CA GLN C 63 4.96 -0.30 2.88
C GLN C 63 4.19 -1.41 3.58
N ASP C 64 4.89 -2.43 4.07
CA ASP C 64 4.24 -3.52 4.77
C ASP C 64 4.18 -3.31 6.28
N LYS C 65 5.17 -2.62 6.84
CA LYS C 65 5.21 -2.39 8.29
C LYS C 65 4.19 -1.34 8.69
N VAL C 66 3.52 -1.57 9.82
CA VAL C 66 2.57 -0.60 10.36
C VAL C 66 3.36 0.57 10.94
N LEU C 67 3.16 1.76 10.38
CA LEU C 67 3.83 2.94 10.91
C LEU C 67 3.24 3.37 12.25
N PHE C 68 1.92 3.44 12.34
CA PHE C 68 1.23 3.64 13.60
C PHE C 68 -0.17 3.07 13.51
N ALA C 69 -0.79 2.90 14.67
CA ALA C 69 -2.16 2.39 14.74
C ALA C 69 -2.78 2.92 16.02
N ILE C 70 -3.86 3.69 15.89
CA ILE C 70 -4.55 4.27 17.04
C ILE C 70 -5.91 3.60 17.15
N GLY C 71 -6.11 2.86 18.24
CA GLY C 71 -7.35 2.16 18.48
C GLY C 71 -7.41 0.85 17.74
N ASN C 72 -7.74 -0.24 18.44
CA ASN C 72 -7.76 -1.55 17.81
C ASN C 72 -8.71 -2.45 18.58
N VAL C 73 -9.15 -3.52 17.90
CA VAL C 73 -9.96 -4.56 18.53
C VAL C 73 -9.24 -5.89 18.36
N ALA C 74 -8.92 -6.24 17.12
CA ALA C 74 -8.19 -7.47 16.83
C ALA C 74 -7.43 -7.28 15.52
N MET C 75 -6.10 -7.34 15.59
CA MET C 75 -5.25 -7.12 14.42
C MET C 75 -4.05 -8.05 14.59
N SER C 76 -4.11 -9.20 13.93
CA SER C 76 -3.11 -10.25 14.04
C SER C 76 -1.96 -9.94 13.08
N ASP C 77 -1.17 -10.97 12.76
CA ASP C 77 -0.03 -10.86 11.85
C ASP C 77 -0.49 -10.33 10.49
N THR C 78 -1.67 -10.76 10.04
CA THR C 78 -2.15 -10.47 8.70
C THR C 78 -2.84 -9.12 8.59
N GLY C 79 -3.77 -8.82 9.49
CA GLY C 79 -4.54 -7.60 9.39
C GLY C 79 -5.94 -7.77 8.87
N SER C 80 -6.51 -8.97 8.94
CA SER C 80 -7.84 -9.22 8.40
C SER C 80 -8.89 -9.16 9.49
N VAL C 81 -10.14 -8.97 9.06
CA VAL C 81 -11.29 -9.01 9.96
C VAL C 81 -12.28 -10.05 9.46
N MET D 1 7.83 -9.02 -4.14
CA MET D 1 7.01 -7.95 -4.70
C MET D 1 5.72 -7.77 -3.91
N PHE D 2 5.65 -6.68 -3.14
CA PHE D 2 4.47 -6.37 -2.34
C PHE D 2 3.51 -5.60 -3.24
N ILE D 3 2.42 -6.26 -3.65
CA ILE D 3 1.40 -5.66 -4.48
C ILE D 3 0.11 -5.56 -3.68
N ARG D 4 -0.79 -4.71 -4.16
CA ARG D 4 -1.95 -4.32 -3.36
C ARG D 4 -3.18 -4.19 -4.25
N ILE D 5 -4.15 -5.08 -4.05
CA ILE D 5 -5.39 -5.11 -4.85
C ILE D 5 -6.46 -4.34 -4.09
N LYS D 6 -7.15 -3.45 -4.80
CA LYS D 6 -8.33 -2.77 -4.28
C LYS D 6 -9.48 -2.98 -5.25
N CYS D 7 -10.55 -3.61 -4.77
CA CYS D 7 -11.73 -3.90 -5.59
C CYS D 7 -12.83 -2.88 -5.34
N PHE D 8 -13.67 -2.68 -6.37
CA PHE D 8 -14.70 -1.65 -6.31
C PHE D 8 -16.03 -2.10 -6.90
N SER D 9 -16.26 -3.41 -7.06
CA SER D 9 -17.22 -3.83 -8.09
C SER D 9 -18.67 -3.75 -7.63
N LYS D 10 -19.08 -4.63 -6.71
CA LYS D 10 -20.49 -4.81 -6.37
C LYS D 10 -20.64 -5.67 -5.12
N GLN D 11 -21.84 -6.20 -4.89
CA GLN D 11 -21.99 -7.29 -3.93
C GLN D 11 -21.62 -8.67 -4.47
N PRO D 12 -22.18 -9.20 -5.62
CA PRO D 12 -21.94 -10.61 -5.93
C PRO D 12 -20.59 -10.91 -6.58
N ILE D 13 -20.11 -10.02 -7.45
CA ILE D 13 -18.83 -10.26 -8.12
C ILE D 13 -17.67 -9.99 -7.15
N ALA D 14 -17.91 -9.21 -6.09
CA ALA D 14 -16.89 -9.00 -5.07
C ALA D 14 -16.58 -10.27 -4.29
N LYS D 15 -17.55 -11.17 -4.16
CA LYS D 15 -17.29 -12.45 -3.50
C LYS D 15 -16.36 -13.32 -4.34
N LYS D 16 -16.55 -13.31 -5.67
CA LYS D 16 -15.68 -14.09 -6.55
C LYS D 16 -14.28 -13.51 -6.63
N VAL D 17 -14.17 -12.18 -6.66
CA VAL D 17 -12.84 -11.58 -6.67
C VAL D 17 -12.19 -11.71 -5.30
N SER D 18 -13.00 -11.82 -4.23
CA SER D 18 -12.44 -12.18 -2.92
C SER D 18 -11.86 -13.59 -2.96
N ARG D 19 -12.61 -14.54 -3.52
CA ARG D 19 -12.16 -15.93 -3.57
C ARG D 19 -10.99 -16.14 -4.52
N GLU D 20 -10.77 -15.22 -5.48
CA GLU D 20 -9.67 -15.39 -6.42
C GLU D 20 -8.50 -14.44 -6.22
N VAL D 21 -8.60 -13.45 -5.33
CA VAL D 21 -7.43 -12.65 -4.95
C VAL D 21 -7.01 -12.86 -3.50
N SER D 22 -7.89 -13.29 -2.59
CA SER D 22 -7.42 -13.65 -1.27
C SER D 22 -6.71 -14.99 -1.29
N ALA D 23 -6.89 -15.77 -2.36
CA ALA D 23 -6.01 -16.90 -2.64
C ALA D 23 -4.59 -16.42 -2.91
N TYR D 24 -4.45 -15.21 -3.47
CA TYR D 24 -3.13 -14.71 -3.83
C TYR D 24 -2.64 -13.58 -2.95
N LEU D 25 -3.53 -12.86 -2.26
CA LEU D 25 -3.16 -11.76 -1.38
C LEU D 25 -3.92 -11.89 -0.07
N GLU D 26 -3.88 -10.84 0.75
CA GLU D 26 -4.50 -10.88 2.06
C GLU D 26 -5.30 -9.61 2.33
N TYR D 27 -6.56 -9.78 2.70
CA TYR D 27 -7.51 -8.68 2.86
C TYR D 27 -7.22 -7.92 4.14
N THR D 28 -6.98 -6.60 4.02
CA THR D 28 -6.76 -5.78 5.21
C THR D 28 -7.83 -4.72 5.43
N GLY D 29 -7.98 -3.75 4.51
CA GLY D 29 -8.98 -2.73 4.74
C GLY D 29 -10.17 -2.71 3.81
N ASN D 30 -11.27 -3.33 4.23
CA ASN D 30 -12.63 -3.23 3.67
C ASN D 30 -12.80 -3.70 2.23
N ASN D 31 -11.69 -4.03 1.53
CA ASN D 31 -11.54 -4.34 0.11
C ASN D 31 -10.09 -4.21 -0.31
N THR D 32 -9.22 -3.74 0.58
CA THR D 32 -7.82 -3.46 0.24
C THR D 32 -7.00 -4.70 0.51
N TRP D 33 -6.78 -5.49 -0.55
CA TRP D 33 -5.94 -6.66 -0.44
C TRP D 33 -4.49 -6.25 -0.51
N GLU D 34 -3.63 -6.93 0.25
CA GLU D 34 -2.19 -6.68 0.17
C GLU D 34 -1.45 -7.93 0.61
N GLY D 35 -0.20 -8.03 0.16
CA GLY D 35 0.63 -9.18 0.51
C GLY D 35 1.75 -9.39 -0.49
N HIS D 36 2.71 -10.26 -0.14
CA HIS D 36 3.82 -10.54 -1.02
C HIS D 36 3.41 -11.57 -2.06
N ILE D 37 3.95 -11.43 -3.27
CA ILE D 37 3.51 -12.23 -4.40
C ILE D 37 4.59 -12.20 -5.48
N SER D 38 4.49 -13.14 -6.42
CA SER D 38 5.37 -13.23 -7.58
C SER D 38 4.74 -12.55 -8.80
N GLY D 39 5.60 -12.20 -9.76
CA GLY D 39 5.11 -11.71 -11.04
C GLY D 39 4.46 -12.80 -11.88
N GLN D 40 4.90 -14.04 -11.70
CA GLN D 40 4.18 -15.18 -12.28
C GLN D 40 2.78 -15.29 -11.68
N GLY D 41 2.68 -15.09 -10.36
CA GLY D 41 1.38 -15.00 -9.73
C GLY D 41 0.60 -13.77 -10.17
N VAL D 42 1.29 -12.69 -10.55
CA VAL D 42 0.62 -11.50 -11.08
C VAL D 42 -0.03 -11.83 -12.42
N SER D 43 0.68 -12.55 -13.29
CA SER D 43 0.12 -12.99 -14.56
C SER D 43 -1.02 -13.98 -14.36
N ASN D 44 -0.90 -14.84 -13.35
CA ASN D 44 -1.98 -15.78 -13.01
C ASN D 44 -3.23 -15.05 -12.53
N LEU D 45 -3.07 -13.99 -11.73
CA LEU D 45 -4.22 -13.18 -11.34
C LEU D 45 -4.84 -12.48 -12.52
N GLN D 46 -4.01 -11.97 -13.43
CA GLN D 46 -4.55 -11.30 -14.62
C GLN D 46 -5.35 -12.27 -15.48
N THR D 47 -4.89 -13.51 -15.59
CA THR D 47 -5.63 -14.55 -16.31
C THR D 47 -6.95 -14.89 -15.61
N LYS D 48 -6.91 -15.18 -14.31
CA LYS D 48 -8.12 -15.63 -13.63
C LYS D 48 -9.10 -14.50 -13.32
N LEU D 49 -8.69 -13.24 -13.45
CA LEU D 49 -9.64 -12.15 -13.37
C LEU D 49 -10.05 -11.60 -14.73
N ILE D 50 -9.37 -11.99 -15.82
CA ILE D 50 -10.06 -11.97 -17.11
C ILE D 50 -11.17 -13.02 -17.11
N ASN D 51 -10.86 -14.22 -16.60
CA ASN D 51 -11.82 -15.33 -16.61
C ASN D 51 -12.79 -15.32 -15.42
N VAL D 52 -13.00 -14.17 -14.77
CA VAL D 52 -13.98 -14.13 -13.69
C VAL D 52 -15.36 -13.74 -14.22
N GLY D 53 -15.44 -13.16 -15.40
CA GLY D 53 -16.67 -12.62 -15.93
C GLY D 53 -16.67 -11.10 -15.90
N LYS D 54 -17.55 -10.54 -16.73
CA LYS D 54 -17.64 -9.10 -16.84
C LYS D 54 -18.32 -8.49 -15.62
N GLY D 55 -17.91 -7.28 -15.29
CA GLY D 55 -18.44 -6.57 -14.14
C GLY D 55 -17.48 -6.40 -12.99
N VAL D 56 -16.27 -6.95 -13.07
CA VAL D 56 -15.28 -6.71 -12.04
C VAL D 56 -14.67 -5.33 -12.24
N LYS D 57 -14.18 -4.74 -11.15
CA LYS D 57 -13.53 -3.42 -11.16
C LYS D 57 -12.41 -3.46 -10.11
N VAL D 58 -11.20 -3.75 -10.58
CA VAL D 58 -10.06 -4.02 -9.71
C VAL D 58 -8.85 -3.29 -10.29
N VAL D 59 -8.14 -2.55 -9.44
CA VAL D 59 -6.84 -1.98 -9.79
C VAL D 59 -5.82 -2.48 -8.77
N CYS D 60 -4.68 -2.96 -9.26
CA CYS D 60 -3.58 -3.37 -8.42
C CYS D 60 -2.61 -2.22 -8.24
N ASN D 61 -1.98 -2.16 -7.07
CA ASN D 61 -1.00 -1.12 -6.77
C ASN D 61 0.23 -1.76 -6.12
N TYR D 62 1.18 -2.19 -6.95
CA TYR D 62 2.48 -2.60 -6.43
C TYR D 62 3.25 -1.35 -6.02
N GLN D 63 3.27 -1.07 -4.71
CA GLN D 63 3.72 0.19 -4.11
C GLN D 63 2.98 1.37 -4.74
N ASP D 64 3.67 2.13 -5.60
CA ASP D 64 3.07 3.25 -6.32
C ASP D 64 3.06 2.89 -7.80
N LYS D 65 2.04 2.16 -8.23
CA LYS D 65 1.95 1.68 -9.61
C LYS D 65 0.49 1.33 -9.88
N VAL D 66 0.18 1.13 -11.16
CA VAL D 66 -1.18 0.94 -11.63
C VAL D 66 -1.22 -0.37 -12.43
N LEU D 67 -0.46 -1.37 -11.93
CA LEU D 67 -0.01 -2.58 -12.62
C LEU D 67 -1.05 -3.27 -13.53
N PHE D 68 -2.21 -3.62 -12.99
CA PHE D 68 -3.32 -4.00 -13.86
C PHE D 68 -4.60 -3.39 -13.31
N ALA D 69 -5.38 -2.80 -14.21
CA ALA D 69 -6.64 -2.14 -13.86
C ALA D 69 -7.71 -2.66 -14.81
N ILE D 70 -8.34 -3.77 -14.46
CA ILE D 70 -9.43 -4.34 -15.24
C ILE D 70 -10.75 -3.84 -14.65
N GLY D 71 -11.62 -3.35 -15.54
CA GLY D 71 -12.86 -2.74 -15.12
C GLY D 71 -12.70 -1.33 -14.58
N ASN D 72 -13.65 -0.45 -14.91
CA ASN D 72 -13.57 0.94 -14.47
C ASN D 72 -14.96 1.55 -14.57
N VAL D 73 -15.51 2.01 -13.45
CA VAL D 73 -16.74 2.80 -13.49
C VAL D 73 -16.42 4.29 -13.62
N ALA D 74 -15.59 4.83 -12.72
CA ALA D 74 -15.15 6.22 -12.77
C ALA D 74 -13.94 6.35 -11.85
N MET D 75 -12.77 6.64 -12.41
CA MET D 75 -11.63 7.05 -11.63
C MET D 75 -11.47 8.55 -11.81
N SER D 76 -11.43 9.28 -10.69
CA SER D 76 -11.45 10.73 -10.75
C SER D 76 -10.04 11.27 -10.97
N ASP D 77 -9.54 11.13 -12.20
CA ASP D 77 -8.24 11.60 -12.67
C ASP D 77 -7.08 11.05 -11.85
N THR D 78 -6.39 11.93 -11.12
CA THR D 78 -5.11 11.59 -10.51
C THR D 78 -5.25 10.75 -9.25
N GLY D 79 -5.31 9.43 -9.43
CA GLY D 79 -5.24 8.47 -8.34
C GLY D 79 -6.30 8.56 -7.27
N SER D 80 -7.56 8.67 -7.68
CA SER D 80 -8.65 8.86 -6.72
C SER D 80 -9.90 8.16 -7.19
N VAL D 81 -11.05 8.51 -6.61
CA VAL D 81 -12.32 7.96 -7.05
C VAL D 81 -13.43 8.99 -6.87
N MET E 1 -6.17 -25.77 -16.17
CA MET E 1 -6.36 -24.40 -15.74
C MET E 1 -5.16 -23.93 -14.92
N GLN E 2 -4.58 -22.80 -15.34
CA GLN E 2 -3.42 -22.13 -14.73
C GLN E 2 -2.15 -22.97 -14.73
N LYS E 3 -1.02 -22.37 -14.34
CA LYS E 3 0.17 -23.19 -14.16
C LYS E 3 0.39 -23.62 -12.71
N GLN E 4 -0.53 -23.25 -11.80
CA GLN E 4 -0.54 -23.67 -10.40
C GLN E 4 0.75 -23.27 -9.70
N ILE E 5 0.86 -21.97 -9.38
CA ILE E 5 2.06 -21.21 -9.03
C ILE E 5 3.05 -21.95 -8.14
N LEU E 6 4.31 -21.96 -8.57
CA LEU E 6 5.34 -22.81 -8.00
C LEU E 6 5.67 -22.43 -6.55
N THR E 7 6.00 -23.47 -5.75
CA THR E 7 6.17 -23.30 -4.30
C THR E 7 7.42 -22.50 -3.97
N SER E 8 8.44 -22.55 -4.83
CA SER E 8 9.62 -21.73 -4.61
C SER E 8 9.39 -20.22 -4.89
N GLN E 9 8.16 -19.71 -5.04
CA GLN E 9 7.88 -18.29 -4.84
C GLN E 9 6.55 -18.13 -4.11
N LYS E 10 6.27 -19.05 -3.18
CA LYS E 10 5.14 -18.91 -2.28
C LYS E 10 5.55 -18.02 -1.11
N ARG E 11 4.59 -17.23 -0.60
CA ARG E 11 4.98 -16.04 0.14
C ARG E 11 4.22 -15.80 1.44
N ASN E 12 3.73 -16.83 2.13
CA ASN E 12 3.02 -16.65 3.39
C ASN E 12 3.22 -17.87 4.28
N MET E 13 3.15 -17.66 5.61
CA MET E 13 3.40 -18.72 6.57
C MET E 13 2.73 -18.36 7.89
N TYR E 14 2.07 -19.32 8.54
CA TYR E 14 1.19 -19.01 9.67
C TYR E 14 1.23 -20.04 10.78
N ILE E 15 1.20 -19.54 12.02
CA ILE E 15 0.84 -20.32 13.22
C ILE E 15 -0.41 -19.72 13.84
N LEU E 16 -1.41 -20.57 14.09
CA LEU E 16 -2.65 -20.12 14.68
C LEU E 16 -2.85 -20.77 16.04
N SER E 17 -3.49 -20.04 16.94
CA SER E 17 -3.77 -20.52 18.29
C SER E 17 -5.23 -20.28 18.61
N ARG E 18 -5.89 -21.32 19.15
CA ARG E 18 -7.28 -21.32 19.59
C ARG E 18 -8.24 -20.92 18.45
N CYS E 19 -8.27 -21.77 17.42
CA CYS E 19 -9.06 -21.46 16.23
C CYS E 19 -9.80 -22.69 15.74
N LYS E 20 -10.52 -22.50 14.63
CA LYS E 20 -11.25 -23.53 13.91
C LYS E 20 -11.04 -23.25 12.42
N VAL E 21 -10.01 -23.89 11.84
CA VAL E 21 -9.69 -23.66 10.44
C VAL E 21 -10.69 -24.38 9.56
N LEU E 22 -11.27 -23.66 8.60
CA LEU E 22 -12.29 -24.24 7.73
C LEU E 22 -12.28 -23.47 6.41
N VAL E 23 -13.23 -23.83 5.54
CA VAL E 23 -13.51 -23.11 4.30
C VAL E 23 -14.73 -22.23 4.51
N LYS E 24 -14.56 -20.93 4.30
CA LYS E 24 -15.66 -19.98 4.23
C LYS E 24 -15.55 -19.25 2.90
N ASN E 25 -16.58 -19.40 2.05
CA ASN E 25 -16.64 -18.81 0.71
C ASN E 25 -15.45 -19.24 -0.16
N GLY E 26 -15.13 -20.54 -0.12
CA GLY E 26 -14.05 -21.07 -0.92
C GLY E 26 -12.66 -20.70 -0.43
N GLN E 27 -12.51 -20.36 0.85
CA GLN E 27 -11.31 -19.70 1.33
C GLN E 27 -10.91 -20.33 2.66
N VAL E 28 -9.69 -20.86 2.73
CA VAL E 28 -9.18 -21.37 4.00
C VAL E 28 -8.81 -20.20 4.90
N CYS E 29 -9.08 -20.34 6.21
CA CYS E 29 -9.25 -19.20 7.10
C CYS E 29 -8.53 -19.39 8.43
N HIS E 30 -8.54 -18.33 9.24
CA HIS E 30 -8.26 -18.39 10.67
C HIS E 30 -9.58 -18.24 11.42
N LEU E 31 -9.57 -18.61 12.70
CA LEU E 31 -10.58 -18.21 13.68
C LEU E 31 -9.90 -17.85 15.01
N HIS E 32 -8.90 -16.96 14.93
CA HIS E 32 -8.06 -16.56 16.06
C HIS E 32 -8.87 -16.09 17.27
N GLU E 33 -9.77 -15.15 17.05
CA GLU E 33 -10.69 -14.68 18.07
C GLU E 33 -12.03 -15.42 17.93
N ASP E 34 -13.06 -14.91 18.62
CA ASP E 34 -14.35 -15.60 18.66
C ASP E 34 -15.07 -15.55 17.32
N GLY E 35 -15.15 -14.37 16.72
CA GLY E 35 -15.87 -14.23 15.46
C GLY E 35 -15.02 -13.58 14.38
N ASN E 36 -13.72 -13.54 14.60
CA ASN E 36 -12.78 -12.88 13.68
C ASN E 36 -12.24 -13.93 12.72
N VAL E 37 -12.88 -14.03 11.56
CA VAL E 37 -12.45 -14.96 10.51
C VAL E 37 -11.47 -14.24 9.59
N TYR E 38 -10.33 -14.86 9.37
CA TYR E 38 -9.28 -14.25 8.55
C TYR E 38 -9.24 -15.01 7.22
N THR E 39 -8.21 -14.75 6.41
CA THR E 39 -8.07 -15.41 5.12
C THR E 39 -6.64 -15.90 4.92
N VAL E 40 -6.48 -17.12 4.45
CA VAL E 40 -5.17 -17.72 4.23
C VAL E 40 -4.93 -17.81 2.72
N PRO E 41 -3.91 -17.15 2.19
CA PRO E 41 -3.62 -17.23 0.75
C PRO E 41 -2.94 -18.51 0.31
N TYR E 42 -3.71 -19.56 -0.03
CA TYR E 42 -3.17 -20.89 -0.29
C TYR E 42 -2.23 -20.93 -1.49
N ALA E 43 -2.29 -19.96 -2.40
CA ALA E 43 -1.32 -19.88 -3.48
C ALA E 43 -0.03 -19.19 -3.07
N ASN E 44 0.03 -18.63 -1.86
CA ASN E 44 1.28 -18.13 -1.30
C ASN E 44 1.65 -18.80 0.01
N THR E 45 0.73 -19.54 0.62
CA THR E 45 0.96 -20.11 1.93
C THR E 45 1.94 -21.26 1.86
N VAL E 46 3.03 -21.12 2.60
CA VAL E 46 3.97 -22.22 2.79
C VAL E 46 3.32 -23.32 3.61
N PHE E 47 2.68 -22.95 4.72
CA PHE E 47 2.31 -23.91 5.74
C PHE E 47 1.27 -23.28 6.66
N ILE E 48 0.51 -24.14 7.32
CA ILE E 48 -0.38 -23.73 8.40
C ILE E 48 -0.12 -24.66 9.57
N GLY E 49 0.51 -24.13 10.63
CA GLY E 49 0.69 -24.88 11.85
C GLY E 49 -0.34 -24.47 12.89
N LEU E 50 -0.70 -25.42 13.76
CA LEU E 50 -1.88 -25.28 14.60
C LEU E 50 -1.51 -25.54 16.06
N ALA E 51 -1.72 -24.53 16.92
CA ALA E 51 -1.40 -24.63 18.34
C ALA E 51 -2.47 -25.37 19.12
N GLU E 52 -2.47 -25.24 20.45
CA GLU E 52 -3.49 -25.90 21.26
C GLU E 52 -4.84 -25.25 21.04
N GLY E 53 -5.90 -26.06 21.17
CA GLY E 53 -7.25 -25.57 20.96
C GLY E 53 -7.58 -25.29 19.51
N THR E 54 -6.91 -25.95 18.57
CA THR E 54 -7.04 -25.68 17.16
C THR E 54 -7.48 -26.94 16.42
N SER E 55 -8.08 -26.75 15.24
CA SER E 55 -8.53 -27.84 14.41
C SER E 55 -8.74 -27.34 12.98
N ILE E 56 -8.41 -28.18 12.01
CA ILE E 56 -8.68 -27.91 10.59
C ILE E 56 -9.53 -29.05 10.03
N THR E 57 -10.63 -28.70 9.38
CA THR E 57 -11.52 -29.68 8.80
C THR E 57 -11.07 -30.05 7.39
N ASN E 58 -11.81 -30.98 6.77
CA ASN E 58 -11.36 -31.59 5.53
C ASN E 58 -11.54 -30.71 4.31
N GLU E 59 -12.52 -29.80 4.30
CA GLU E 59 -12.68 -28.91 3.15
C GLU E 59 -11.50 -27.94 3.04
N ALA E 60 -11.03 -27.44 4.20
CA ALA E 60 -9.82 -26.62 4.23
C ALA E 60 -8.62 -27.43 3.78
N MET E 61 -8.55 -28.71 4.19
CA MET E 61 -7.44 -29.56 3.81
C MET E 61 -7.44 -29.85 2.31
N SER E 62 -8.62 -30.08 1.73
CA SER E 62 -8.70 -30.41 0.30
C SER E 62 -8.45 -29.18 -0.57
N MET E 63 -8.90 -28.01 -0.12
CA MET E 63 -8.63 -26.80 -0.86
C MET E 63 -7.15 -26.43 -0.69
N LEU E 64 -6.56 -26.77 0.44
CA LEU E 64 -5.22 -26.34 0.80
C LEU E 64 -4.16 -27.20 0.12
N ALA E 65 -4.24 -28.51 0.35
CA ALA E 65 -3.29 -29.46 -0.22
C ALA E 65 -3.65 -29.80 -1.66
N ALA E 66 -3.52 -28.83 -2.55
CA ALA E 66 -3.73 -29.06 -3.98
C ALA E 66 -2.59 -28.42 -4.75
N ASN E 67 -1.79 -27.61 -4.05
CA ASN E 67 -0.63 -26.96 -4.65
C ASN E 67 0.61 -27.00 -3.79
N GLY E 68 0.67 -27.85 -2.76
CA GLY E 68 1.85 -27.97 -1.95
C GLY E 68 1.83 -27.19 -0.65
N VAL E 69 0.69 -27.17 0.04
CA VAL E 69 0.58 -26.49 1.32
C VAL E 69 0.22 -27.51 2.39
N ILE E 70 1.10 -27.67 3.38
CA ILE E 70 0.99 -28.69 4.42
C ILE E 70 0.13 -28.24 5.59
N VAL E 71 -0.18 -29.18 6.48
CA VAL E 71 -0.52 -28.93 7.88
C VAL E 71 0.32 -29.84 8.75
N PHE E 72 1.00 -29.26 9.75
CA PHE E 72 1.48 -30.02 10.89
C PHE E 72 0.90 -29.40 12.15
N TRP E 73 1.24 -29.99 13.30
CA TRP E 73 0.64 -29.63 14.56
C TRP E 73 1.75 -29.41 15.58
N THR E 74 1.45 -28.60 16.61
CA THR E 74 2.50 -28.14 17.51
C THR E 74 2.88 -29.19 18.55
N LYS E 75 1.93 -29.58 19.39
CA LYS E 75 2.22 -30.46 20.52
C LYS E 75 2.43 -31.90 20.07
N ALA E 83 12.52 -31.30 18.60
CA ALA E 83 11.66 -31.08 19.75
C ALA E 83 10.30 -31.75 19.56
N ALA E 84 9.97 -32.66 20.49
CA ALA E 84 8.68 -33.35 20.61
C ALA E 84 8.33 -34.21 19.39
N ASP E 85 7.14 -34.82 19.43
CA ASP E 85 6.66 -35.69 18.38
C ASP E 85 5.58 -34.95 17.59
N ILE E 86 5.77 -34.84 16.28
CA ILE E 86 4.88 -34.07 15.41
C ILE E 86 4.51 -34.94 14.22
N ILE E 87 3.20 -35.12 13.99
CA ILE E 87 2.72 -35.71 12.76
C ILE E 87 2.25 -34.60 11.84
N CYS E 88 2.76 -34.60 10.60
CA CYS E 88 2.45 -33.58 9.61
C CYS E 88 1.51 -34.15 8.55
N HIS E 89 1.21 -33.35 7.53
CA HIS E 89 0.33 -33.76 6.44
C HIS E 89 0.84 -33.13 5.15
N LEU E 90 1.63 -33.88 4.39
CA LEU E 90 2.11 -33.36 3.13
C LEU E 90 1.10 -33.68 2.03
N PRO E 91 0.99 -32.82 1.02
CA PRO E 91 0.18 -33.16 -0.15
C PRO E 91 0.71 -34.38 -0.88
N GLN E 92 -0.21 -35.26 -1.27
CA GLN E 92 0.16 -36.51 -1.92
C GLN E 92 -0.54 -36.74 -3.25
N ALA E 93 -1.77 -36.23 -3.42
CA ALA E 93 -2.50 -36.43 -4.68
C ALA E 93 -1.83 -35.70 -5.83
N ASP E 94 -1.17 -34.58 -5.55
CA ASP E 94 -0.30 -33.96 -6.52
C ASP E 94 0.91 -34.86 -6.75
N TYR E 95 1.07 -35.33 -7.98
CA TYR E 95 2.16 -36.23 -8.32
C TYR E 95 3.43 -35.41 -8.50
N ARG E 96 4.23 -35.35 -7.45
CA ARG E 96 5.44 -34.55 -7.37
C ARG E 96 6.50 -35.12 -8.32
N PRO E 97 7.43 -34.29 -8.81
CA PRO E 97 8.44 -34.81 -9.75
C PRO E 97 9.36 -35.85 -9.13
N THR E 98 9.78 -36.80 -9.97
CA THR E 98 10.33 -38.05 -9.51
C THR E 98 11.85 -38.08 -9.42
N LYS E 99 12.54 -37.24 -10.22
CA LYS E 99 13.99 -37.33 -10.37
C LYS E 99 14.73 -37.06 -9.07
N TYR E 100 14.24 -36.09 -8.30
CA TYR E 100 14.81 -35.76 -6.99
C TYR E 100 14.80 -36.95 -6.06
N MET E 101 13.65 -37.62 -5.93
CA MET E 101 13.57 -38.68 -4.93
C MET E 101 14.16 -39.98 -5.45
N GLN E 102 14.13 -40.22 -6.77
CA GLN E 102 14.90 -41.31 -7.38
C GLN E 102 16.39 -41.21 -7.07
N ASN E 103 16.97 -40.04 -7.34
CA ASN E 103 18.39 -39.90 -7.06
C ASN E 103 18.68 -39.86 -5.57
N TRP E 104 17.73 -39.38 -4.77
CA TRP E 104 18.02 -39.27 -3.34
C TRP E 104 17.91 -40.62 -2.65
N VAL E 105 17.01 -41.52 -3.07
CA VAL E 105 17.09 -42.89 -2.58
C VAL E 105 18.29 -43.63 -3.16
N ARG E 106 18.73 -43.28 -4.38
CA ARG E 106 19.89 -43.92 -4.98
C ARG E 106 21.16 -43.64 -4.18
N LEU E 107 21.34 -42.41 -3.71
CA LEU E 107 22.37 -42.16 -2.71
C LEU E 107 22.00 -42.77 -1.37
N TRP E 108 20.74 -42.63 -0.96
CA TRP E 108 20.33 -42.75 0.42
C TRP E 108 20.31 -44.18 0.94
N LEU E 109 20.21 -45.19 0.06
CA LEU E 109 20.42 -46.55 0.53
C LEU E 109 21.84 -46.77 1.01
N ASP E 110 22.81 -46.29 0.24
CA ASP E 110 24.21 -46.47 0.56
C ASP E 110 24.54 -45.55 1.73
N GLU E 111 24.93 -46.14 2.87
CA GLU E 111 25.13 -45.38 4.09
C GLU E 111 26.31 -44.42 4.00
N GLU E 112 27.29 -44.69 3.13
CA GLU E 112 28.31 -43.69 2.84
C GLU E 112 27.71 -42.51 2.07
N LYS E 113 26.87 -42.78 1.06
CA LYS E 113 26.22 -41.70 0.34
C LYS E 113 25.06 -41.07 1.12
N LYS E 114 24.37 -41.84 1.96
CA LYS E 114 23.44 -41.26 2.93
C LYS E 114 24.18 -40.35 3.91
N LEU E 115 25.37 -40.77 4.32
CA LEU E 115 26.22 -39.96 5.19
C LEU E 115 26.69 -38.71 4.46
N SER E 116 26.96 -38.81 3.16
CA SER E 116 27.31 -37.64 2.35
C SER E 116 26.14 -36.67 2.23
N ALA E 117 24.93 -37.20 2.06
CA ALA E 117 23.73 -36.36 2.04
C ALA E 117 23.53 -35.67 3.38
N ALA E 118 23.75 -36.39 4.48
CA ALA E 118 23.66 -35.79 5.81
C ALA E 118 24.73 -34.73 6.03
N LYS E 119 25.96 -34.98 5.56
CA LYS E 119 27.04 -34.02 5.72
C LYS E 119 26.90 -32.81 4.80
N GLU E 120 26.13 -32.94 3.72
CA GLU E 120 25.88 -31.80 2.84
C GLU E 120 24.66 -30.99 3.25
N ILE E 121 23.66 -31.61 3.88
CA ILE E 121 22.52 -30.85 4.37
C ILE E 121 22.79 -30.31 5.78
N LEU E 122 23.76 -30.88 6.50
CA LEU E 122 24.13 -30.44 7.83
C LEU E 122 25.19 -29.33 7.83
N LYS E 123 25.93 -29.18 6.73
CA LYS E 123 26.87 -28.07 6.60
C LYS E 123 26.16 -26.78 6.18
N MET E 124 24.86 -26.83 5.94
CA MET E 124 24.10 -25.75 5.35
C MET E 124 23.60 -24.76 6.41
N ARG E 125 23.99 -24.96 7.67
CA ARG E 125 23.81 -23.94 8.69
C ARG E 125 24.58 -22.66 8.35
N VAL E 126 25.80 -22.82 7.83
CA VAL E 126 26.62 -21.67 7.45
C VAL E 126 26.02 -20.97 6.23
N ASP E 127 25.45 -21.74 5.30
CA ASP E 127 24.82 -21.15 4.13
C ASP E 127 23.55 -20.39 4.50
N SER E 128 22.83 -20.89 5.50
CA SER E 128 21.65 -20.19 6.02
C SER E 128 22.03 -18.90 6.74
N LEU E 129 23.23 -18.84 7.32
CA LEU E 129 23.78 -17.62 7.87
C LEU E 129 24.47 -16.77 6.83
N SER E 130 24.66 -17.29 5.61
CA SER E 130 25.43 -16.61 4.57
C SER E 130 24.54 -15.87 3.58
N THR E 131 23.43 -16.48 3.15
CA THR E 131 22.54 -15.78 2.22
C THR E 131 21.60 -14.83 2.94
N HIS E 132 21.45 -14.98 4.25
CA HIS E 132 20.65 -14.07 5.07
C HIS E 132 21.58 -13.40 6.08
N VAL E 133 21.86 -12.11 5.85
CA VAL E 133 22.85 -11.40 6.65
C VAL E 133 22.27 -10.27 7.49
N HIS E 134 21.04 -9.80 7.23
CA HIS E 134 20.55 -8.61 7.91
C HIS E 134 20.01 -8.99 9.30
N ASP E 135 20.92 -9.00 10.25
CA ASP E 135 20.62 -9.23 11.66
C ASP E 135 21.07 -8.01 12.47
N PHE E 136 20.95 -8.12 13.79
CA PHE E 136 21.26 -7.04 14.71
C PHE E 136 21.56 -7.64 16.08
N GLY E 137 22.17 -6.82 16.94
CA GLY E 137 22.60 -7.34 18.23
C GLY E 137 23.88 -8.12 18.08
N VAL E 138 23.76 -9.46 18.06
CA VAL E 138 24.92 -10.30 17.78
C VAL E 138 25.30 -10.21 16.30
N ASP E 139 24.36 -9.75 15.46
CA ASP E 139 24.53 -9.39 14.05
C ASP E 139 24.93 -10.67 13.30
N VAL E 140 25.78 -10.57 12.27
CA VAL E 140 26.23 -11.75 11.55
C VAL E 140 27.17 -12.59 12.43
N GLU E 141 28.01 -11.94 13.24
CA GLU E 141 28.93 -12.66 14.10
C GLU E 141 29.28 -11.78 15.30
N ASN E 142 29.13 -12.37 16.49
CA ASN E 142 29.61 -11.78 17.73
C ASN E 142 30.94 -12.37 18.16
N LYS E 143 31.71 -12.89 17.18
CA LYS E 143 32.95 -13.65 17.35
C LYS E 143 32.76 -14.93 18.16
N ARG E 144 31.52 -15.40 18.30
CA ARG E 144 31.22 -16.67 18.95
C ARG E 144 30.30 -17.55 18.13
N VAL E 145 29.32 -16.97 17.42
CA VAL E 145 28.40 -17.78 16.65
C VAL E 145 29.06 -18.33 15.39
N SER E 146 29.99 -17.56 14.79
CA SER E 146 30.74 -18.06 13.64
C SER E 146 31.68 -19.17 14.05
N SER E 147 32.27 -19.06 15.24
CA SER E 147 33.15 -20.10 15.76
C SER E 147 32.40 -21.41 16.00
N ILE E 148 31.24 -21.34 16.67
CA ILE E 148 30.51 -22.56 16.98
C ILE E 148 29.91 -23.19 15.72
N VAL E 149 29.46 -22.37 14.75
CA VAL E 149 28.97 -22.96 13.51
C VAL E 149 30.12 -23.51 12.68
N ASN E 150 31.34 -22.98 12.87
CA ASN E 150 32.49 -23.53 12.16
CA ASN E 150 32.49 -23.53 12.16
C ASN E 150 32.92 -24.88 12.73
N LYS E 151 32.96 -24.99 14.07
CA LYS E 151 33.32 -26.28 14.66
C LYS E 151 32.25 -27.34 14.42
N PHE E 152 30.97 -26.97 14.36
CA PHE E 152 29.97 -27.98 14.04
C PHE E 152 29.89 -28.25 12.54
N ASP E 153 30.35 -27.32 11.71
CA ASP E 153 30.57 -27.63 10.30
C ASP E 153 31.66 -28.67 10.15
N LYS E 154 32.74 -28.55 10.92
CA LYS E 154 33.77 -29.59 10.91
C LYS E 154 33.28 -30.89 11.54
N GLY E 155 32.41 -30.79 12.56
CA GLY E 155 31.86 -31.96 13.20
C GLY E 155 30.94 -32.77 12.30
N VAL E 156 30.19 -32.10 11.43
CA VAL E 156 29.45 -32.82 10.40
C VAL E 156 30.31 -33.10 9.17
N THR E 157 31.48 -32.47 9.05
CA THR E 157 32.41 -32.81 7.98
C THR E 157 33.09 -34.16 8.23
N GLN E 158 33.44 -34.44 9.49
CA GLN E 158 33.93 -35.76 9.87
C GLN E 158 32.87 -36.83 9.63
N ALA E 159 31.79 -36.78 10.40
CA ALA E 159 30.58 -37.59 10.22
C ALA E 159 30.88 -39.09 10.19
N THR E 160 31.23 -39.61 11.38
CA THR E 160 31.60 -41.01 11.50
C THR E 160 30.40 -41.93 11.27
N SER E 161 29.29 -41.66 11.95
CA SER E 161 28.10 -42.49 11.81
C SER E 161 26.88 -41.66 12.18
N PHE E 162 25.70 -42.18 11.82
CA PHE E 162 24.45 -41.48 12.08
C PHE E 162 24.12 -41.43 13.56
N GLU E 163 24.42 -42.50 14.31
CA GLU E 163 24.13 -42.52 15.74
C GLU E 163 25.20 -41.80 16.55
N SER E 164 26.34 -41.47 15.93
CA SER E 164 27.30 -40.61 16.60
C SER E 164 26.83 -39.17 16.64
N LEU E 165 26.01 -38.77 15.66
CA LEU E 165 25.40 -37.46 15.60
C LEU E 165 23.89 -37.52 15.82
N LEU E 166 23.44 -38.41 16.72
CA LEU E 166 22.02 -38.52 16.99
C LEU E 166 21.50 -37.35 17.83
N GLY E 167 22.29 -36.88 18.79
CA GLY E 167 21.89 -35.77 19.64
C GLY E 167 23.00 -34.74 19.71
N HIS E 168 23.93 -34.84 18.76
CA HIS E 168 25.06 -33.91 18.69
C HIS E 168 24.61 -32.54 18.22
N GLU E 169 23.50 -32.46 17.47
CA GLU E 169 22.92 -31.17 17.11
C GLU E 169 22.19 -30.54 18.29
N GLY E 170 21.76 -31.35 19.26
CA GLY E 170 21.13 -30.82 20.46
C GLY E 170 22.07 -29.98 21.29
N THR E 171 23.37 -30.35 21.28
CA THR E 171 24.38 -29.51 21.92
C THR E 171 24.50 -28.17 21.21
N PHE E 172 24.38 -28.16 19.88
CA PHE E 172 24.37 -26.91 19.12
C PHE E 172 23.18 -26.04 19.47
N VAL E 173 21.99 -26.63 19.56
CA VAL E 173 20.82 -25.82 19.89
C VAL E 173 20.86 -25.32 21.33
N LYS E 174 21.37 -26.13 22.27
CA LYS E 174 21.42 -25.63 23.65
C LYS E 174 22.55 -24.64 23.87
N SER E 175 23.66 -24.78 23.14
CA SER E 175 24.74 -23.82 23.24
C SER E 175 24.42 -22.53 22.52
N LEU E 176 23.49 -22.54 21.55
CA LEU E 176 22.98 -21.29 21.02
C LEU E 176 21.85 -20.70 21.86
N TYR E 177 21.14 -21.52 22.64
CA TYR E 177 20.20 -20.98 23.62
C TYR E 177 20.94 -20.23 24.72
N LYS E 178 22.03 -20.81 25.22
CA LYS E 178 22.83 -20.16 26.27
C LYS E 178 23.98 -19.33 25.73
N GLU E 179 24.14 -19.26 24.41
CA GLU E 179 25.06 -18.33 23.77
C GLU E 179 24.39 -17.02 23.39
N TYR E 180 23.10 -17.06 23.07
CA TYR E 180 22.35 -15.85 22.79
C TYR E 180 21.87 -15.17 24.07
N ALA E 181 21.96 -15.86 25.22
CA ALA E 181 21.45 -15.34 26.48
C ALA E 181 22.52 -14.66 27.32
N LEU E 182 23.81 -14.84 26.99
CA LEU E 182 24.85 -14.12 27.70
C LEU E 182 24.92 -12.65 27.30
N GLU E 183 24.36 -12.29 26.14
CA GLU E 183 24.25 -10.90 25.72
C GLU E 183 22.84 -10.35 25.81
N TYR E 184 21.82 -11.21 25.77
CA TYR E 184 20.42 -10.83 25.98
C TYR E 184 20.04 -11.42 27.34
N GLU E 185 20.01 -10.56 28.36
CA GLU E 185 20.13 -10.96 29.76
C GLU E 185 18.86 -11.66 30.25
N ILE E 186 18.87 -12.99 30.22
CA ILE E 186 17.94 -13.81 30.99
C ILE E 186 18.62 -15.17 31.19
N GLU E 187 18.15 -15.93 32.17
CA GLU E 187 18.76 -17.21 32.50
C GLU E 187 17.71 -18.31 32.33
N PHE E 188 17.02 -18.30 31.19
CA PHE E 188 16.03 -19.32 30.90
C PHE E 188 16.68 -20.57 30.34
N LYS E 189 15.99 -21.70 30.48
CA LYS E 189 16.44 -22.97 29.95
C LYS E 189 15.36 -23.58 29.08
N ARG E 190 15.71 -24.64 28.36
CA ARG E 190 14.79 -25.31 27.45
C ARG E 190 13.74 -26.07 28.26
N ASP E 191 12.48 -25.66 28.11
CA ASP E 191 11.35 -26.36 28.69
C ASP E 191 10.13 -26.08 27.83
N HIS E 192 9.37 -27.14 27.52
CA HIS E 192 8.19 -27.01 26.68
C HIS E 192 6.98 -26.48 27.43
N LYS E 193 7.05 -26.38 28.77
CA LYS E 193 5.92 -25.92 29.57
C LYS E 193 6.25 -24.67 30.37
N SER E 194 7.41 -24.06 30.15
CA SER E 194 7.78 -22.84 30.86
C SER E 194 6.98 -21.66 30.31
N ALA E 195 6.44 -20.83 31.20
CA ALA E 195 5.52 -19.78 30.81
C ALA E 195 6.21 -18.47 30.46
N ASP E 196 7.54 -18.40 30.49
CA ASP E 196 8.23 -17.15 30.19
C ASP E 196 8.20 -16.88 28.68
N ASN E 197 8.67 -15.68 28.32
CA ASN E 197 8.58 -15.23 26.93
C ASN E 197 9.61 -15.92 26.05
N TYR E 198 10.80 -16.22 26.59
CA TYR E 198 11.90 -16.75 25.78
C TYR E 198 11.59 -18.16 25.29
N ASN E 199 11.18 -19.04 26.21
CA ASN E 199 10.84 -20.42 25.85
C ASN E 199 9.62 -20.49 24.95
N LYS E 200 8.62 -19.63 25.21
CA LYS E 200 7.41 -19.61 24.37
C LYS E 200 7.74 -19.17 22.94
N PHE E 201 8.57 -18.13 22.80
CA PHE E 201 8.91 -17.64 21.47
C PHE E 201 9.82 -18.61 20.73
N LEU E 202 10.80 -19.18 21.42
CA LEU E 202 11.71 -20.12 20.78
C LEU E 202 11.08 -21.48 20.54
N THR E 203 9.97 -21.79 21.20
CA THR E 203 9.20 -22.98 20.86
C THR E 203 8.29 -22.72 19.68
N LEU E 204 7.63 -21.55 19.65
CA LEU E 204 6.75 -21.21 18.54
C LEU E 204 7.51 -20.93 17.25
N GLY E 205 8.81 -20.63 17.33
CA GLY E 205 9.60 -20.50 16.11
C GLY E 205 10.04 -21.82 15.52
N ASN E 206 10.11 -22.87 16.35
CA ASN E 206 10.34 -24.21 15.85
C ASN E 206 9.17 -24.66 14.98
N TYR E 207 7.98 -24.14 15.27
CA TYR E 207 6.83 -24.40 14.44
C TYR E 207 6.74 -23.49 13.22
N TYR E 208 7.66 -22.52 13.07
CA TYR E 208 7.85 -21.93 11.74
C TYR E 208 8.85 -22.75 10.93
N ALA E 209 9.92 -23.21 11.61
CA ALA E 209 10.96 -23.97 10.95
C ALA E 209 10.46 -25.31 10.42
N TYR E 210 9.60 -25.99 11.20
CA TYR E 210 9.04 -27.27 10.79
C TYR E 210 8.15 -27.11 9.57
N GLY E 211 7.36 -26.03 9.52
CA GLY E 211 6.50 -25.80 8.37
C GLY E 211 7.28 -25.51 7.11
N ILE E 212 8.32 -24.67 7.20
CA ILE E 212 9.16 -24.39 6.03
C ILE E 212 9.87 -25.65 5.56
N ALA E 213 10.35 -26.48 6.49
CA ALA E 213 11.05 -27.72 6.11
C ALA E 213 10.11 -28.74 5.46
N ARG E 214 8.94 -28.97 6.06
CA ARG E 214 8.02 -29.96 5.51
C ARG E 214 7.38 -29.47 4.21
N SER E 215 7.26 -28.15 4.01
CA SER E 215 6.77 -27.69 2.71
C SER E 215 7.89 -27.58 1.68
N SER E 216 9.15 -27.60 2.11
CA SER E 216 10.24 -27.81 1.16
C SER E 216 10.37 -29.27 0.76
N LEU E 217 9.92 -30.19 1.61
CA LEU E 217 9.87 -31.60 1.25
C LEU E 217 8.59 -32.02 0.53
N TRP E 218 7.46 -31.37 0.79
CA TRP E 218 6.18 -31.81 0.22
C TRP E 218 6.10 -31.50 -1.27
N ALA E 219 6.50 -30.30 -1.66
CA ALA E 219 6.40 -29.89 -3.05
C ALA E 219 7.42 -30.58 -3.93
N LEU E 220 8.67 -30.65 -3.49
CA LEU E 220 9.73 -31.09 -4.39
C LEU E 220 9.77 -32.62 -4.47
N GLY E 221 9.36 -33.30 -3.40
CA GLY E 221 9.11 -34.73 -3.55
C GLY E 221 9.43 -35.71 -2.43
N ILE E 222 10.29 -35.35 -1.47
CA ILE E 222 10.64 -36.32 -0.42
C ILE E 222 9.51 -36.46 0.58
N ASP E 223 9.04 -37.68 0.79
CA ASP E 223 8.23 -37.99 1.96
C ASP E 223 9.18 -38.17 3.14
N ASN E 224 8.88 -37.48 4.23
CA ASN E 224 9.87 -37.11 5.24
C ASN E 224 10.41 -38.27 6.09
N SER E 225 9.53 -39.22 6.48
CA SER E 225 9.83 -40.13 7.59
C SER E 225 10.98 -41.08 7.31
N PHE E 226 11.35 -41.24 6.05
CA PHE E 226 12.66 -41.79 5.77
C PHE E 226 13.68 -40.77 6.24
N PRO E 227 14.31 -40.99 7.38
CA PRO E 227 14.96 -39.88 8.09
C PRO E 227 16.43 -39.73 7.80
N LEU E 228 16.94 -38.55 8.15
CA LEU E 228 18.36 -38.32 8.33
C LEU E 228 18.53 -37.84 9.76
N LEU E 229 19.70 -38.10 10.34
CA LEU E 229 20.01 -37.93 11.76
C LEU E 229 19.00 -38.66 12.65
N HIS E 230 18.87 -39.97 12.48
CA HIS E 230 18.02 -40.78 13.33
C HIS E 230 18.85 -41.31 14.49
N GLY E 231 18.17 -41.84 15.50
CA GLY E 231 18.83 -42.26 16.71
C GLY E 231 17.80 -42.49 17.82
N SER E 232 18.09 -41.88 18.98
CA SER E 232 17.24 -42.04 20.15
C SER E 232 16.59 -40.74 20.60
N THR E 233 17.16 -39.58 20.27
CA THR E 233 16.61 -38.30 20.71
C THR E 233 16.04 -37.46 19.58
N ARG E 234 16.69 -37.38 18.43
CA ARG E 234 16.25 -36.52 17.34
C ARG E 234 15.09 -37.24 16.66
N ARG E 235 13.88 -36.95 17.12
CA ARG E 235 12.67 -37.63 16.68
C ARG E 235 11.85 -36.69 15.80
N GLY E 236 11.43 -37.19 14.65
CA GLY E 236 10.64 -36.38 13.73
C GLY E 236 11.03 -36.60 12.28
N GLY E 237 12.30 -36.91 12.04
CA GLY E 237 12.75 -37.34 10.72
C GLY E 237 13.67 -36.30 10.07
N LEU E 238 13.62 -36.26 8.74
CA LEU E 238 14.43 -35.34 7.95
C LEU E 238 13.96 -33.90 8.09
N VAL E 239 12.72 -33.68 8.55
CA VAL E 239 12.18 -32.33 8.72
C VAL E 239 12.99 -31.53 9.72
N PHE E 240 13.31 -32.10 10.89
CA PHE E 240 14.24 -31.46 11.82
C PHE E 240 15.67 -31.39 11.32
N ASP E 241 16.01 -32.16 10.29
CA ASP E 241 17.31 -31.98 9.67
C ASP E 241 17.27 -30.85 8.65
N VAL E 242 16.07 -30.40 8.30
CA VAL E 242 15.90 -29.24 7.42
C VAL E 242 15.35 -28.05 8.21
N ALA E 243 14.56 -28.31 9.26
CA ALA E 243 14.04 -27.21 10.09
C ALA E 243 15.15 -26.54 10.89
N ASP E 244 16.12 -27.32 11.37
CA ASP E 244 17.23 -26.76 12.13
C ASP E 244 18.20 -25.97 11.28
N ILE E 245 18.07 -26.02 9.94
CA ILE E 245 18.84 -25.14 9.07
C ILE E 245 18.45 -23.69 9.32
N ILE E 246 17.14 -23.42 9.44
CA ILE E 246 16.66 -22.06 9.63
C ILE E 246 16.33 -21.74 11.09
N LYS E 247 16.18 -22.75 11.95
CA LYS E 247 16.02 -22.53 13.39
C LYS E 247 17.21 -21.83 14.02
N THR E 248 18.37 -22.49 14.02
CA THR E 248 19.52 -21.97 14.75
C THR E 248 20.22 -20.83 14.02
N SER E 249 19.84 -20.54 12.78
CA SER E 249 20.46 -19.47 12.00
C SER E 249 19.54 -18.29 11.75
N ILE E 250 18.22 -18.50 11.71
CA ILE E 250 17.27 -17.49 11.27
C ILE E 250 16.24 -17.19 12.34
N ILE E 251 15.57 -18.21 12.86
CA ILE E 251 14.47 -18.00 13.80
C ILE E 251 14.97 -17.81 15.23
N LEU E 252 16.11 -18.39 15.60
CA LEU E 252 16.66 -18.13 16.94
C LEU E 252 17.08 -16.68 17.16
N PRO E 253 17.80 -15.98 16.23
CA PRO E 253 18.05 -14.55 16.50
C PRO E 253 16.80 -13.68 16.55
N LEU E 254 15.80 -13.96 15.72
CA LEU E 254 14.57 -13.18 15.77
C LEU E 254 13.76 -13.50 17.01
N ALA E 255 13.84 -14.75 17.50
CA ALA E 255 13.17 -15.12 18.75
C ALA E 255 13.81 -14.44 19.94
N PHE E 256 15.15 -14.39 19.98
CA PHE E 256 15.82 -13.67 21.06
C PHE E 256 15.61 -12.17 20.96
N HIS E 257 15.47 -11.64 19.74
CA HIS E 257 15.07 -10.25 19.54
C HIS E 257 13.70 -9.97 20.13
N ALA E 258 12.71 -10.81 19.79
CA ALA E 258 11.34 -10.56 20.23
C ALA E 258 11.15 -10.82 21.71
N ALA E 259 11.91 -11.75 22.28
CA ALA E 259 11.90 -11.93 23.72
C ALA E 259 12.74 -10.88 24.44
N ASP E 260 13.65 -10.21 23.74
CA ASP E 260 14.45 -9.15 24.34
C ASP E 260 13.72 -7.81 24.31
N GLN E 261 13.14 -7.46 23.16
CA GLN E 261 12.34 -6.25 23.07
C GLN E 261 11.02 -6.37 23.81
N GLY E 262 10.53 -7.58 24.04
CA GLY E 262 9.37 -7.79 24.89
C GLY E 262 8.04 -7.43 24.28
N MET E 263 7.87 -7.63 22.97
CA MET E 263 6.55 -7.49 22.36
C MET E 263 5.90 -8.87 22.16
N SER E 264 4.61 -8.86 21.83
CA SER E 264 3.79 -10.07 21.84
C SER E 264 4.13 -10.99 20.67
N ASN E 265 3.36 -12.07 20.53
CA ASN E 265 3.72 -13.14 19.60
C ASN E 265 3.40 -12.78 18.15
N THR E 266 2.36 -11.97 17.93
CA THR E 266 1.91 -11.69 16.57
C THR E 266 2.92 -10.85 15.80
N GLU E 267 3.51 -9.85 16.44
CA GLU E 267 4.51 -9.03 15.77
C GLU E 267 5.84 -9.75 15.62
N PHE E 268 6.14 -10.69 16.53
CA PHE E 268 7.25 -11.62 16.33
C PHE E 268 7.04 -12.46 15.07
N LYS E 269 5.82 -13.00 14.90
CA LYS E 269 5.52 -13.78 13.71
C LYS E 269 5.52 -12.90 12.45
N ARG E 270 5.16 -11.62 12.58
CA ARG E 270 5.32 -10.67 11.47
C ARG E 270 6.78 -10.50 11.10
N SER E 271 7.66 -10.43 12.09
CA SER E 271 9.09 -10.28 11.84
C SER E 271 9.65 -11.50 11.10
N CYS E 272 9.25 -12.71 11.50
CA CYS E 272 9.72 -13.88 10.75
C CYS E 272 9.04 -14.04 9.40
N VAL E 273 7.78 -13.62 9.25
CA VAL E 273 7.12 -13.64 7.94
C VAL E 273 7.85 -12.70 6.97
N ALA E 274 8.21 -11.51 7.44
CA ALA E 274 8.97 -10.57 6.61
C ALA E 274 10.37 -11.09 6.31
N TYR E 275 11.00 -11.75 7.29
CA TYR E 275 12.36 -12.24 7.07
C TYR E 275 12.35 -13.40 6.07
N PHE E 276 11.31 -14.23 6.12
CA PHE E 276 11.10 -15.24 5.08
C PHE E 276 10.83 -14.61 3.71
N ASP E 277 9.99 -13.58 3.67
CA ASP E 277 9.50 -13.06 2.40
C ASP E 277 10.55 -12.25 1.65
N LYS E 278 11.31 -11.42 2.36
CA LYS E 278 12.27 -10.55 1.66
C LYS E 278 13.51 -11.32 1.22
N ASN E 279 13.79 -12.48 1.81
CA ASN E 279 14.97 -13.26 1.46
C ASN E 279 14.66 -14.53 0.68
N ASP E 280 13.37 -14.89 0.54
CA ASP E 280 12.90 -16.04 -0.25
C ASP E 280 13.51 -17.35 0.27
N ILE E 281 13.12 -17.69 1.49
CA ILE E 281 13.85 -18.72 2.23
C ILE E 281 13.40 -20.15 1.89
N LEU E 282 12.11 -20.40 1.61
CA LEU E 282 11.77 -21.71 1.07
C LEU E 282 12.17 -21.83 -0.40
N ALA E 283 12.31 -20.71 -1.10
CA ALA E 283 12.97 -20.76 -2.41
C ALA E 283 14.39 -21.26 -2.27
N TYR E 284 15.11 -20.72 -1.28
CA TYR E 284 16.45 -21.16 -0.93
C TYR E 284 16.47 -22.63 -0.51
N LEU E 285 15.44 -23.08 0.21
CA LEU E 285 15.35 -24.46 0.67
C LEU E 285 14.83 -25.41 -0.40
N ILE E 286 14.32 -24.89 -1.51
CA ILE E 286 13.90 -25.73 -2.62
C ILE E 286 15.11 -25.97 -3.52
N ASN E 287 15.82 -24.91 -3.93
CA ASN E 287 17.00 -25.16 -4.75
CA ASN E 287 17.00 -25.16 -4.75
C ASN E 287 18.24 -25.43 -3.91
N ASN E 288 18.10 -25.52 -2.59
CA ASN E 288 19.19 -25.89 -1.70
C ASN E 288 19.28 -27.39 -1.50
N ILE E 289 18.13 -28.06 -1.35
CA ILE E 289 18.09 -29.51 -1.31
C ILE E 289 17.98 -30.13 -2.70
N LYS E 290 17.64 -29.35 -3.72
CA LYS E 290 17.74 -29.83 -5.10
C LYS E 290 19.18 -29.97 -5.55
N ARG E 291 20.10 -29.19 -4.98
CA ARG E 291 21.52 -29.40 -5.21
C ARG E 291 22.04 -30.68 -4.54
N LEU E 292 21.25 -31.25 -3.64
CA LEU E 292 21.51 -32.56 -3.07
C LEU E 292 20.65 -33.66 -3.68
N CYS E 293 19.46 -33.33 -4.16
CA CYS E 293 18.58 -34.34 -4.74
C CYS E 293 18.88 -34.56 -6.22
N MET E 294 18.77 -33.51 -7.03
CA MET E 294 18.91 -33.60 -8.48
C MET E 294 20.35 -33.87 -8.93
N GLU E 295 21.33 -33.65 -8.03
CA GLU E 295 22.78 -33.63 -8.24
C GLU E 295 23.39 -34.67 -9.18
N ASN E 296 22.83 -35.87 -9.25
CA ASN E 296 23.31 -36.86 -10.20
C ASN E 296 22.65 -36.69 -11.55
N MET F 1 -1.88 24.29 19.06
CA MET F 1 -2.94 23.36 18.64
C MET F 1 -3.14 23.41 17.13
N GLN F 2 -3.04 22.23 16.50
CA GLN F 2 -3.16 22.03 15.06
C GLN F 2 -2.15 22.90 14.31
N LYS F 3 -0.87 22.58 14.54
CA LYS F 3 0.23 23.34 13.96
C LYS F 3 0.31 23.19 12.44
N GLN F 4 -0.12 22.04 11.90
CA GLN F 4 -0.27 21.72 10.48
C GLN F 4 1.05 21.64 9.72
N ILE F 5 1.05 20.87 8.62
CA ILE F 5 2.24 20.74 7.80
C ILE F 5 2.45 22.02 7.00
N LEU F 6 3.71 22.34 6.73
CA LEU F 6 4.02 23.52 5.96
C LEU F 6 3.81 23.27 4.46
N THR F 7 3.98 24.32 3.66
CA THR F 7 3.95 24.18 2.21
C THR F 7 5.15 23.42 1.68
N SER F 8 6.23 23.34 2.45
CA SER F 8 7.36 22.46 2.17
C SER F 8 7.15 21.05 2.71
N GLN F 9 5.92 20.71 3.08
CA GLN F 9 5.57 19.37 3.55
C GLN F 9 4.31 18.87 2.86
N LYS F 10 3.91 19.56 1.79
CA LYS F 10 2.73 19.21 1.00
C LYS F 10 3.16 18.57 -0.30
N ARG F 11 2.64 17.36 -0.56
CA ARG F 11 3.08 16.59 -1.72
C ARG F 11 1.98 16.30 -2.74
N ASN F 12 0.72 16.24 -2.34
CA ASN F 12 -0.35 16.04 -3.29
C ASN F 12 -0.59 17.32 -4.09
N MET F 13 -1.27 17.16 -5.22
CA MET F 13 -1.59 18.28 -6.10
C MET F 13 -2.78 17.90 -6.96
N TYR F 14 -3.29 18.89 -7.69
CA TYR F 14 -4.39 18.69 -8.61
C TYR F 14 -4.41 19.81 -9.64
N ILE F 15 -4.75 19.47 -10.87
CA ILE F 15 -5.04 20.45 -11.92
C ILE F 15 -6.40 20.07 -12.47
N LEU F 16 -7.46 20.61 -11.87
CA LEU F 16 -8.81 20.12 -12.11
C LEU F 16 -9.38 20.72 -13.37
N SER F 17 -10.11 19.91 -14.14
CA SER F 17 -10.77 20.33 -15.36
C SER F 17 -12.22 19.88 -15.35
N ARG F 18 -13.12 20.80 -15.74
CA ARG F 18 -14.57 20.62 -15.73
C ARG F 18 -15.07 20.22 -14.35
N CYS F 19 -14.51 20.84 -13.32
CA CYS F 19 -14.71 20.47 -11.94
C CYS F 19 -15.62 21.49 -11.24
N LYS F 20 -15.77 21.32 -9.92
CA LYS F 20 -16.42 22.33 -9.09
C LYS F 20 -15.84 22.18 -7.68
N VAL F 21 -14.86 23.03 -7.35
CA VAL F 21 -14.17 22.94 -6.07
C VAL F 21 -15.09 23.51 -5.00
N LEU F 22 -15.84 22.63 -4.34
CA LEU F 22 -16.88 23.03 -3.41
C LEU F 22 -16.51 22.62 -1.99
N VAL F 23 -17.46 22.80 -1.07
CA VAL F 23 -17.29 22.44 0.33
C VAL F 23 -18.11 21.18 0.58
N LYS F 24 -17.42 20.10 0.95
CA LYS F 24 -18.07 18.81 1.21
C LYS F 24 -17.52 18.27 2.53
N ASN F 25 -18.26 18.52 3.61
CA ASN F 25 -17.93 18.09 4.98
C ASN F 25 -16.56 18.60 5.43
N GLY F 26 -16.21 19.81 5.00
CA GLY F 26 -14.95 20.42 5.36
C GLY F 26 -13.80 20.11 4.43
N GLN F 27 -13.97 19.17 3.50
CA GLN F 27 -12.92 18.78 2.57
C GLN F 27 -13.15 19.46 1.23
N VAL F 28 -12.10 20.09 0.70
CA VAL F 28 -12.17 20.78 -0.59
C VAL F 28 -12.16 19.71 -1.67
N CYS F 29 -13.34 19.40 -2.22
CA CYS F 29 -13.51 18.32 -3.19
C CYS F 29 -13.69 18.92 -4.58
N HIS F 30 -12.84 18.52 -5.52
CA HIS F 30 -12.95 18.94 -6.92
C HIS F 30 -13.91 17.98 -7.61
N LEU F 31 -15.17 18.39 -7.74
CA LEU F 31 -16.24 17.52 -8.26
C LEU F 31 -16.33 17.71 -9.77
N HIS F 32 -15.83 16.72 -10.51
CA HIS F 32 -15.77 16.79 -11.96
C HIS F 32 -17.16 16.63 -12.58
N GLU F 33 -17.21 16.73 -13.92
CA GLU F 33 -18.48 16.78 -14.63
C GLU F 33 -19.15 15.42 -14.73
N ASP F 34 -18.47 14.34 -14.35
CA ASP F 34 -19.08 13.00 -14.41
C ASP F 34 -20.15 12.84 -13.35
N GLY F 35 -19.91 13.35 -12.14
CA GLY F 35 -20.85 13.21 -11.05
C GLY F 35 -20.22 12.69 -9.78
N ASN F 36 -18.89 12.67 -9.75
CA ASN F 36 -18.13 12.23 -8.60
C ASN F 36 -17.24 13.36 -8.10
N VAL F 37 -16.92 13.33 -6.81
CA VAL F 37 -16.19 14.40 -6.15
C VAL F 37 -14.81 13.89 -5.77
N TYR F 38 -13.79 14.37 -6.46
CA TYR F 38 -12.41 14.05 -6.13
C TYR F 38 -12.01 14.89 -4.92
N THR F 39 -11.91 14.25 -3.75
CA THR F 39 -11.54 14.94 -2.53
C THR F 39 -10.05 15.26 -2.56
N VAL F 40 -9.72 16.52 -2.87
CA VAL F 40 -8.33 16.96 -2.96
C VAL F 40 -7.73 16.99 -1.55
N PRO F 41 -6.45 16.65 -1.41
CA PRO F 41 -5.83 16.68 -0.08
C PRO F 41 -5.49 18.10 0.35
N TYR F 42 -6.46 18.81 0.94
CA TYR F 42 -6.44 20.28 1.01
C TYR F 42 -5.25 20.82 1.79
N ALA F 43 -4.91 20.21 2.92
CA ALA F 43 -3.75 20.67 3.67
C ALA F 43 -2.45 20.26 3.00
N ASN F 44 -2.45 19.15 2.26
CA ASN F 44 -1.27 18.65 1.58
C ASN F 44 -1.26 18.97 0.10
N THR F 45 -2.21 19.75 -0.40
CA THR F 45 -2.23 20.16 -1.80
C THR F 45 -1.36 21.39 -1.98
N VAL F 46 -0.51 21.36 -3.00
CA VAL F 46 0.21 22.56 -3.40
C VAL F 46 -0.76 23.58 -3.98
N PHE F 47 -1.64 23.14 -4.89
CA PHE F 47 -2.68 23.98 -5.45
C PHE F 47 -3.79 23.12 -6.02
N ILE F 48 -4.84 23.79 -6.45
CA ILE F 48 -5.90 23.17 -7.28
C ILE F 48 -6.07 24.10 -8.48
N GLY F 49 -5.28 23.87 -9.53
CA GLY F 49 -5.32 24.72 -10.70
C GLY F 49 -6.53 24.47 -11.57
N LEU F 50 -7.47 25.41 -11.57
CA LEU F 50 -8.74 25.21 -12.25
C LEU F 50 -8.59 25.35 -13.76
N ALA F 51 -9.47 24.67 -14.48
CA ALA F 51 -9.58 24.76 -15.93
C ALA F 51 -11.03 25.14 -16.27
N GLU F 52 -11.37 25.00 -17.55
CA GLU F 52 -12.65 25.48 -18.06
C GLU F 52 -13.82 24.70 -17.47
N GLY F 53 -14.81 25.43 -16.97
CA GLY F 53 -15.97 24.82 -16.35
C GLY F 53 -15.89 24.64 -14.86
N THR F 54 -14.91 25.28 -14.20
CA THR F 54 -14.67 25.09 -12.76
C THR F 54 -15.18 26.28 -11.98
N SER F 55 -15.95 26.02 -10.93
CA SER F 55 -16.48 27.05 -10.05
C SER F 55 -16.00 26.78 -8.63
N ILE F 56 -15.06 27.61 -8.16
CA ILE F 56 -14.47 27.44 -6.84
C ILE F 56 -15.36 28.13 -5.81
N THR F 57 -15.85 27.37 -4.84
CA THR F 57 -16.73 27.91 -3.82
C THR F 57 -15.94 28.80 -2.86
N ASN F 58 -16.66 29.69 -2.18
CA ASN F 58 -16.02 30.69 -1.33
C ASN F 58 -15.46 30.07 -0.06
N GLU F 59 -16.22 29.20 0.60
CA GLU F 59 -15.72 28.50 1.78
C GLU F 59 -14.62 27.51 1.40
N ALA F 60 -14.73 26.91 0.21
CA ALA F 60 -13.65 26.07 -0.30
C ALA F 60 -12.41 26.89 -0.61
N MET F 61 -12.59 28.11 -1.11
CA MET F 61 -11.45 29.01 -1.29
C MET F 61 -10.84 29.41 0.03
N SER F 62 -11.67 29.55 1.07
CA SER F 62 -11.17 29.86 2.42
C SER F 62 -10.34 28.70 2.98
N MET F 63 -10.84 27.47 2.82
CA MET F 63 -10.10 26.30 3.30
C MET F 63 -8.85 26.04 2.47
N LEU F 64 -8.86 26.43 1.20
CA LEU F 64 -7.67 26.27 0.37
C LEU F 64 -6.61 27.32 0.70
N ALA F 65 -7.03 28.58 0.90
CA ALA F 65 -6.07 29.64 1.16
C ALA F 65 -5.57 29.63 2.59
N ALA F 66 -6.38 29.13 3.54
CA ALA F 66 -5.94 29.04 4.92
C ALA F 66 -4.89 27.97 5.12
N ASN F 67 -4.97 26.88 4.36
CA ASN F 67 -4.00 25.80 4.44
C ASN F 67 -2.86 25.97 3.43
N GLY F 68 -2.73 27.14 2.83
CA GLY F 68 -1.67 27.42 1.89
C GLY F 68 -1.73 26.66 0.57
N VAL F 69 -2.94 26.49 0.03
CA VAL F 69 -3.13 25.85 -1.27
C VAL F 69 -3.78 26.90 -2.16
N ILE F 70 -2.97 27.59 -2.95
CA ILE F 70 -3.40 28.77 -3.70
C ILE F 70 -3.96 28.30 -5.04
N VAL F 71 -5.28 28.36 -5.18
CA VAL F 71 -5.94 27.94 -6.41
C VAL F 71 -5.61 28.91 -7.54
N PHE F 72 -5.57 28.38 -8.76
CA PHE F 72 -5.18 29.16 -9.93
C PHE F 72 -6.08 28.81 -11.11
N TRP F 73 -6.13 29.72 -12.08
CA TRP F 73 -6.87 29.53 -13.31
C TRP F 73 -5.88 29.37 -14.45
N THR F 74 -6.09 28.37 -15.30
CA THR F 74 -5.13 27.97 -16.33
C THR F 74 -5.50 28.43 -17.73
N LYS F 75 -6.77 28.31 -18.12
CA LYS F 75 -7.18 28.66 -19.47
C LYS F 75 -7.24 30.18 -19.66
N ALA F 83 2.03 31.18 -20.39
CA ALA F 83 0.71 31.71 -20.64
C ALA F 83 0.64 33.21 -20.37
N ALA F 84 -0.09 33.93 -21.22
CA ALA F 84 -0.20 35.37 -21.07
C ALA F 84 -1.12 35.73 -19.92
N ASP F 85 -2.38 35.30 -19.99
CA ASP F 85 -3.38 35.63 -18.98
C ASP F 85 -3.70 34.37 -18.19
N ILE F 86 -2.99 34.16 -17.09
CA ILE F 86 -3.29 33.11 -16.13
C ILE F 86 -3.18 33.69 -14.73
N ILE F 87 -4.32 34.09 -14.16
CA ILE F 87 -4.32 34.77 -12.88
C ILE F 87 -4.43 33.74 -11.76
N CYS F 88 -3.53 33.82 -10.79
CA CYS F 88 -3.47 32.88 -9.68
C CYS F 88 -3.79 33.62 -8.39
N HIS F 89 -4.76 33.10 -7.64
CA HIS F 89 -5.19 33.72 -6.38
C HIS F 89 -4.30 33.19 -5.25
N LEU F 90 -3.21 33.91 -4.99
CA LEU F 90 -2.27 33.51 -3.96
C LEU F 90 -2.86 33.70 -2.56
N PRO F 91 -2.50 32.86 -1.60
CA PRO F 91 -3.06 32.99 -0.25
C PRO F 91 -2.47 34.19 0.48
N GLN F 92 -3.33 34.90 1.21
CA GLN F 92 -2.97 36.20 1.78
C GLN F 92 -3.27 36.39 3.27
N ALA F 93 -4.27 35.69 3.84
CA ALA F 93 -4.61 35.91 5.23
C ALA F 93 -3.55 35.34 6.17
N ASP F 94 -3.12 34.10 5.91
CA ASP F 94 -1.98 33.54 6.62
C ASP F 94 -0.71 34.27 6.16
N TYR F 95 -0.15 35.10 7.03
CA TYR F 95 0.96 35.97 6.68
C TYR F 95 2.21 35.17 6.37
N ARG F 96 2.83 35.46 5.23
CA ARG F 96 3.96 34.69 4.73
C ARG F 96 5.23 35.04 5.49
N PRO F 97 6.37 34.45 5.12
CA PRO F 97 7.64 34.75 5.79
C PRO F 97 8.08 36.20 5.59
N THR F 98 8.00 36.97 6.68
CA THR F 98 8.29 38.40 6.59
C THR F 98 9.79 38.67 6.42
N LYS F 99 10.63 37.79 6.97
CA LYS F 99 12.07 37.93 6.78
C LYS F 99 12.46 37.65 5.33
N TYR F 100 11.80 36.67 4.70
CA TYR F 100 12.08 36.38 3.30
C TYR F 100 11.50 37.44 2.38
N MET F 101 10.31 37.96 2.72
CA MET F 101 9.64 38.92 1.85
C MET F 101 10.26 40.31 1.92
N GLN F 102 10.77 40.70 3.09
CA GLN F 102 11.40 42.02 3.21
C GLN F 102 12.72 42.07 2.44
N ASN F 103 13.50 40.99 2.49
CA ASN F 103 14.72 40.91 1.71
C ASN F 103 14.48 40.57 0.26
N TRP F 104 13.27 40.15 -0.11
CA TRP F 104 12.96 39.91 -1.52
C TRP F 104 12.84 41.22 -2.29
N VAL F 105 12.16 42.21 -1.70
CA VAL F 105 12.06 43.53 -2.32
C VAL F 105 13.41 44.24 -2.31
N ARG F 106 14.22 44.03 -1.28
CA ARG F 106 15.58 44.53 -1.27
C ARG F 106 16.46 43.85 -2.31
N LEU F 107 16.08 42.64 -2.75
CA LEU F 107 16.71 41.97 -3.87
C LEU F 107 15.87 42.08 -5.14
N TRP F 108 14.97 43.06 -5.18
CA TRP F 108 14.20 43.33 -6.39
C TRP F 108 14.27 44.81 -6.76
N LEU F 109 14.34 45.67 -5.76
CA LEU F 109 14.48 47.10 -6.01
C LEU F 109 15.87 47.51 -6.48
N ASP F 110 16.91 46.96 -5.85
CA ASP F 110 18.27 47.16 -6.33
C ASP F 110 18.46 46.34 -7.59
N GLU F 111 18.78 47.01 -8.71
CA GLU F 111 18.84 46.36 -10.01
C GLU F 111 20.00 45.36 -10.08
N GLU F 112 21.11 45.67 -9.40
CA GLU F 112 22.20 44.70 -9.30
C GLU F 112 21.79 43.49 -8.47
N LYS F 113 20.95 43.68 -7.45
CA LYS F 113 20.39 42.58 -6.69
C LYS F 113 19.19 41.93 -7.38
N LYS F 114 18.42 42.72 -8.16
CA LYS F 114 17.32 42.15 -8.93
C LYS F 114 17.83 41.21 -10.01
N LEU F 115 18.97 41.56 -10.61
CA LEU F 115 19.61 40.68 -11.60
C LEU F 115 20.04 39.36 -10.98
N SER F 116 20.61 39.41 -9.77
CA SER F 116 21.05 38.20 -9.10
C SER F 116 19.86 37.34 -8.65
N ALA F 117 18.79 37.98 -8.17
CA ALA F 117 17.60 37.24 -7.77
C ALA F 117 16.91 36.60 -8.98
N ALA F 118 16.86 37.31 -10.10
CA ALA F 118 16.30 36.75 -11.32
C ALA F 118 17.16 35.61 -11.86
N LYS F 119 18.49 35.75 -11.75
CA LYS F 119 19.40 34.69 -12.18
C LYS F 119 19.24 33.44 -11.33
N GLU F 120 19.06 33.60 -10.01
CA GLU F 120 18.83 32.46 -9.15
C GLU F 120 17.46 31.81 -9.42
N ILE F 121 16.42 32.63 -9.58
CA ILE F 121 15.08 32.10 -9.80
C ILE F 121 14.93 31.46 -11.17
N LEU F 122 15.76 31.84 -12.15
CA LEU F 122 15.73 31.20 -13.46
C LEU F 122 16.76 30.08 -13.62
N LYS F 123 17.79 30.05 -12.78
CA LYS F 123 18.72 28.93 -12.75
C LYS F 123 18.29 27.84 -11.78
N MET F 124 17.22 28.06 -11.03
CA MET F 124 16.60 26.98 -10.27
C MET F 124 15.97 25.91 -11.18
N ARG F 125 15.70 26.24 -12.44
CA ARG F 125 15.25 25.24 -13.40
C ARG F 125 16.35 24.22 -13.69
N VAL F 126 17.60 24.67 -13.73
CA VAL F 126 18.72 23.75 -13.91
C VAL F 126 18.91 22.90 -12.67
N ASP F 127 18.56 23.42 -11.49
CA ASP F 127 18.63 22.67 -10.25
C ASP F 127 17.44 21.74 -10.04
N SER F 128 16.43 21.81 -10.91
CA SER F 128 15.29 20.91 -10.84
C SER F 128 15.35 19.76 -11.84
N LEU F 129 16.18 19.89 -12.86
CA LEU F 129 16.44 18.79 -13.79
C LEU F 129 17.52 17.85 -13.28
N SER F 130 18.21 18.22 -12.19
CA SER F 130 19.19 17.36 -11.56
C SER F 130 18.75 16.82 -10.20
N THR F 131 17.78 17.44 -9.55
CA THR F 131 17.24 16.93 -8.29
C THR F 131 16.08 15.98 -8.55
N HIS F 132 15.05 16.45 -9.25
CA HIS F 132 13.97 15.59 -9.72
C HIS F 132 14.50 14.82 -10.92
N VAL F 133 15.06 13.63 -10.64
CA VAL F 133 15.76 12.86 -11.66
C VAL F 133 14.82 11.80 -12.26
N HIS F 134 13.51 11.99 -12.06
CA HIS F 134 12.53 11.08 -12.63
C HIS F 134 12.17 11.48 -14.05
N ASP F 135 13.16 11.46 -14.95
CA ASP F 135 12.97 11.82 -16.35
C ASP F 135 13.62 10.74 -17.21
N PHE F 136 12.79 9.95 -17.89
CA PHE F 136 13.25 8.91 -18.79
C PHE F 136 12.89 9.28 -20.23
N GLY F 137 13.27 8.42 -21.17
CA GLY F 137 13.02 8.68 -22.57
C GLY F 137 14.00 9.68 -23.16
N VAL F 138 13.85 10.94 -22.78
CA VAL F 138 14.82 11.98 -23.13
C VAL F 138 15.92 12.09 -22.09
N ASP F 139 15.84 11.31 -21.00
CA ASP F 139 16.82 11.23 -19.91
C ASP F 139 17.09 12.56 -19.23
N VAL F 140 18.17 12.62 -18.45
CA VAL F 140 18.57 13.84 -17.77
C VAL F 140 20.04 14.12 -18.07
N GLU F 141 20.69 13.16 -18.73
CA GLU F 141 22.09 13.31 -19.15
C GLU F 141 22.27 12.74 -20.56
N ASN F 142 21.31 13.02 -21.45
CA ASN F 142 21.35 12.52 -22.82
C ASN F 142 22.00 13.49 -23.79
N LYS F 143 22.46 14.64 -23.31
CA LYS F 143 23.12 15.72 -24.08
C LYS F 143 22.23 16.27 -25.20
N ARG F 144 20.92 16.12 -25.10
CA ARG F 144 19.97 16.74 -26.02
C ARG F 144 18.90 17.47 -25.22
N VAL F 145 18.57 16.93 -24.05
CA VAL F 145 17.74 17.62 -23.07
C VAL F 145 18.59 18.23 -21.97
N SER F 146 19.64 17.52 -21.56
CA SER F 146 20.64 18.10 -20.66
C SER F 146 21.38 19.26 -21.33
N SER F 147 21.59 19.18 -22.65
CA SER F 147 22.14 20.32 -23.38
C SER F 147 21.19 21.51 -23.38
N ILE F 148 19.88 21.24 -23.46
CA ILE F 148 18.89 22.31 -23.41
C ILE F 148 18.85 22.94 -22.02
N VAL F 149 18.97 22.12 -20.97
CA VAL F 149 19.01 22.64 -19.61
C VAL F 149 20.29 23.43 -19.37
N ASN F 150 21.41 22.99 -19.95
CA ASN F 150 22.67 23.72 -19.83
CA ASN F 150 22.67 23.72 -19.83
C ASN F 150 22.60 25.04 -20.58
N LYS F 151 21.94 25.06 -21.74
CA LYS F 151 21.76 26.31 -22.48
C LYS F 151 20.84 27.28 -21.73
N PHE F 152 19.81 26.74 -21.07
CA PHE F 152 18.96 27.57 -20.22
C PHE F 152 19.73 28.14 -19.05
N ASP F 153 20.60 27.33 -18.43
CA ASP F 153 21.44 27.82 -17.34
C ASP F 153 22.45 28.85 -17.83
N LYS F 154 22.99 28.67 -19.03
CA LYS F 154 23.93 29.65 -19.59
C LYS F 154 23.23 30.97 -19.90
N GLY F 155 21.99 30.90 -20.41
CA GLY F 155 21.23 32.11 -20.64
C GLY F 155 20.83 32.81 -19.35
N VAL F 156 20.51 32.03 -18.30
CA VAL F 156 20.07 32.62 -17.04
C VAL F 156 21.23 33.00 -16.14
N THR F 157 22.46 32.59 -16.46
CA THR F 157 23.60 32.88 -15.59
C THR F 157 23.97 34.35 -15.64
N GLN F 158 23.99 34.95 -16.83
CA GLN F 158 24.24 36.38 -16.95
C GLN F 158 23.10 37.17 -16.32
N ALA F 159 21.91 37.11 -16.94
CA ALA F 159 20.67 37.76 -16.49
C ALA F 159 20.88 39.24 -16.17
N THR F 160 21.31 39.99 -17.18
CA THR F 160 21.74 41.37 -16.97
C THR F 160 20.58 42.29 -16.60
N SER F 161 19.36 41.95 -17.01
CA SER F 161 18.18 42.71 -16.64
C SER F 161 16.98 41.78 -16.65
N PHE F 162 15.91 42.23 -15.98
CA PHE F 162 14.65 41.51 -16.05
C PHE F 162 14.03 41.58 -17.44
N GLU F 163 14.28 42.66 -18.19
CA GLU F 163 13.86 42.77 -19.57
C GLU F 163 14.88 42.19 -20.55
N SER F 164 16.07 41.85 -20.10
CA SER F 164 17.06 41.25 -20.98
C SER F 164 16.75 39.78 -21.24
N LEU F 165 16.77 38.97 -20.19
CA LEU F 165 16.34 37.58 -20.26
C LEU F 165 14.90 37.43 -19.78
N LEU F 166 14.02 38.21 -20.41
CA LEU F 166 12.60 38.16 -20.06
C LEU F 166 11.95 36.87 -20.54
N GLY F 167 12.22 36.49 -21.78
CA GLY F 167 11.71 35.25 -22.33
C GLY F 167 12.75 34.15 -22.33
N HIS F 168 13.55 34.10 -21.26
CA HIS F 168 14.57 33.06 -21.15
C HIS F 168 13.97 31.68 -20.93
N GLU F 169 12.86 31.61 -20.20
CA GLU F 169 12.20 30.32 -19.99
C GLU F 169 11.48 29.85 -21.25
N GLY F 170 11.08 30.77 -22.12
CA GLY F 170 10.38 30.38 -23.34
C GLY F 170 11.27 29.62 -24.30
N THR F 171 12.52 30.05 -24.46
CA THR F 171 13.47 29.35 -25.32
C THR F 171 13.81 27.98 -24.74
N PHE F 172 13.92 27.88 -23.41
CA PHE F 172 14.17 26.60 -22.76
C PHE F 172 13.01 25.64 -22.95
N VAL F 173 11.78 26.14 -22.82
CA VAL F 173 10.60 25.30 -22.99
C VAL F 173 10.45 24.87 -24.44
N LYS F 174 10.78 25.77 -25.38
CA LYS F 174 10.74 25.42 -26.80
C LYS F 174 11.79 24.36 -27.15
N SER F 175 13.00 24.50 -26.59
CA SER F 175 14.06 23.52 -26.82
C SER F 175 13.71 22.17 -26.22
N LEU F 176 13.12 22.17 -25.02
CA LEU F 176 12.71 20.92 -24.38
C LEU F 176 11.59 20.23 -25.14
N TYR F 177 10.59 21.01 -25.58
CA TYR F 177 9.49 20.44 -26.34
C TYR F 177 9.91 19.99 -27.74
N LYS F 178 10.93 20.62 -28.33
CA LYS F 178 11.47 20.17 -29.60
C LYS F 178 12.30 18.90 -29.45
N GLU F 179 13.14 18.83 -28.41
CA GLU F 179 13.97 17.66 -28.17
C GLU F 179 13.16 16.45 -27.74
N TYR F 180 12.09 16.65 -26.96
CA TYR F 180 11.23 15.53 -26.57
C TYR F 180 10.49 14.95 -27.77
N ALA F 181 10.04 15.80 -28.70
CA ALA F 181 9.40 15.32 -29.91
C ALA F 181 10.38 14.70 -30.90
N LEU F 182 11.59 15.25 -31.01
CA LEU F 182 12.59 14.67 -31.91
C LEU F 182 13.10 13.34 -31.37
N GLU F 183 13.15 13.18 -30.06
CA GLU F 183 13.58 11.91 -29.48
C GLU F 183 12.46 10.88 -29.52
N TYR F 184 11.32 11.18 -28.90
CA TYR F 184 10.24 10.20 -28.80
C TYR F 184 9.21 10.34 -29.93
N GLU F 185 9.70 10.46 -31.17
CA GLU F 185 8.96 10.24 -32.42
C GLU F 185 7.68 11.08 -32.52
N ILE F 186 7.84 12.39 -32.50
CA ILE F 186 6.70 13.31 -32.56
C ILE F 186 7.09 14.57 -33.32
N GLU F 187 6.08 15.37 -33.66
CA GLU F 187 6.30 16.63 -34.36
C GLU F 187 5.40 17.75 -33.84
N PHE F 188 4.86 17.62 -32.62
CA PHE F 188 3.99 18.65 -32.08
C PHE F 188 4.82 19.83 -31.58
N LYS F 189 4.46 21.04 -32.01
CA LYS F 189 5.16 22.25 -31.65
C LYS F 189 4.52 22.88 -30.43
N ARG F 190 5.03 24.05 -30.02
CA ARG F 190 4.51 24.76 -28.86
C ARG F 190 3.22 25.48 -29.27
N ASP F 191 2.09 24.86 -28.95
CA ASP F 191 0.79 25.43 -29.28
C ASP F 191 -0.18 25.17 -28.13
N HIS F 192 -1.21 26.01 -28.05
CA HIS F 192 -2.21 25.91 -27.00
C HIS F 192 -3.55 25.40 -27.48
N LYS F 193 -3.81 25.40 -28.79
CA LYS F 193 -5.09 24.97 -29.33
C LYS F 193 -4.95 23.80 -30.30
N SER F 194 -3.77 23.18 -30.36
CA SER F 194 -3.56 22.00 -31.20
C SER F 194 -4.03 20.77 -30.43
N ALA F 195 -5.33 20.50 -30.56
CA ALA F 195 -6.00 19.47 -29.77
C ALA F 195 -5.54 18.07 -30.17
N ASP F 196 -4.70 17.47 -29.32
CA ASP F 196 -4.20 16.12 -29.52
C ASP F 196 -3.90 15.54 -28.14
N ASN F 197 -3.15 14.45 -28.09
CA ASN F 197 -2.71 13.89 -26.83
C ASN F 197 -1.37 14.46 -26.37
N TYR F 198 -0.74 15.31 -27.17
CA TYR F 198 0.58 15.86 -26.85
C TYR F 198 0.51 17.31 -26.40
N ASN F 199 -0.09 18.20 -27.20
CA ASN F 199 -0.19 19.61 -26.82
C ASN F 199 -1.24 19.86 -25.75
N LYS F 200 -2.18 18.95 -25.56
CA LYS F 200 -3.10 19.01 -24.43
C LYS F 200 -2.54 18.29 -23.21
N PHE F 201 -1.37 17.67 -23.34
CA PHE F 201 -0.67 17.11 -22.18
C PHE F 201 0.19 18.16 -21.51
N LEU F 202 0.98 18.91 -22.27
CA LEU F 202 1.70 20.05 -21.72
C LEU F 202 0.91 21.34 -21.86
N THR F 203 -0.37 21.26 -21.52
CA THR F 203 -1.20 22.42 -21.22
C THR F 203 -2.06 22.16 -19.99
N LEU F 204 -2.22 20.91 -19.58
CA LEU F 204 -2.68 20.55 -18.25
C LEU F 204 -1.56 19.97 -17.42
N GLY F 205 -0.32 20.00 -17.92
CA GLY F 205 0.84 19.59 -17.17
C GLY F 205 1.63 20.79 -16.73
N ASN F 206 1.66 21.83 -17.57
CA ASN F 206 2.23 23.10 -17.15
C ASN F 206 1.32 23.82 -16.15
N TYR F 207 0.02 23.55 -16.22
CA TYR F 207 -0.89 24.02 -15.17
C TYR F 207 -0.63 23.29 -13.86
N TYR F 208 -0.19 22.03 -13.93
CA TYR F 208 0.24 21.34 -12.73
C TYR F 208 1.61 21.85 -12.26
N ALA F 209 2.42 22.35 -13.19
CA ALA F 209 3.69 22.98 -12.80
C ALA F 209 3.45 24.32 -12.14
N TYR F 210 2.35 25.00 -12.49
CA TYR F 210 1.92 26.16 -11.73
C TYR F 210 1.20 25.75 -10.45
N GLY F 211 0.82 24.47 -10.34
CA GLY F 211 0.29 23.97 -9.10
C GLY F 211 1.32 23.95 -7.99
N ILE F 212 2.54 23.51 -8.30
CA ILE F 212 3.62 23.49 -7.31
C ILE F 212 4.39 24.80 -7.28
N ALA F 213 3.86 25.85 -7.93
CA ALA F 213 4.47 27.17 -7.90
C ALA F 213 3.69 28.17 -7.07
N ARG F 214 2.37 28.00 -6.94
CA ARG F 214 1.55 28.89 -6.15
C ARG F 214 1.59 28.57 -4.67
N SER F 215 2.18 27.43 -4.29
CA SER F 215 2.45 27.14 -2.88
C SER F 215 3.85 27.53 -2.46
N SER F 216 4.71 27.93 -3.41
CA SER F 216 6.04 28.43 -3.10
C SER F 216 6.09 29.95 -3.05
N LEU F 217 4.95 30.62 -3.24
CA LEU F 217 4.88 32.07 -3.16
C LEU F 217 3.70 32.54 -2.31
N TRP F 218 2.98 31.62 -1.68
CA TRP F 218 1.90 31.97 -0.77
C TRP F 218 2.24 31.69 0.69
N ALA F 219 3.27 30.88 0.94
CA ALA F 219 3.76 30.62 2.29
C ALA F 219 5.21 31.03 2.46
N LEU F 220 6.10 30.59 1.57
CA LEU F 220 7.53 30.85 1.73
C LEU F 220 7.97 32.11 0.99
N GLY F 221 7.66 32.21 -0.30
CA GLY F 221 8.12 33.32 -1.12
C GLY F 221 7.32 34.58 -0.90
N ILE F 222 7.69 35.63 -1.65
CA ILE F 222 7.13 36.95 -1.37
C ILE F 222 5.78 37.13 -2.06
N ASP F 223 5.78 37.25 -3.38
CA ASP F 223 4.58 37.55 -4.15
C ASP F 223 4.83 37.29 -5.63
N ASN F 224 3.75 37.26 -6.41
CA ASN F 224 3.86 37.25 -7.86
C ASN F 224 4.01 38.65 -8.47
N SER F 225 3.81 39.71 -7.68
CA SER F 225 3.91 41.06 -8.21
C SER F 225 5.35 41.41 -8.57
N PHE F 226 6.27 41.18 -7.63
CA PHE F 226 7.67 41.42 -7.95
C PHE F 226 8.18 40.18 -8.66
N PRO F 227 8.24 40.20 -9.99
CA PRO F 227 8.66 39.02 -10.74
C PRO F 227 10.15 39.07 -11.06
N LEU F 228 10.66 37.92 -11.47
CA LEU F 228 12.04 37.82 -11.93
C LEU F 228 12.19 38.16 -13.41
N LEU F 229 11.14 37.95 -14.20
CA LEU F 229 11.16 38.26 -15.63
C LEU F 229 10.00 39.20 -15.93
N HIS F 230 10.31 40.36 -16.50
CA HIS F 230 9.32 41.33 -16.91
C HIS F 230 9.61 41.77 -18.34
N GLY F 231 8.55 41.98 -19.11
CA GLY F 231 8.72 42.41 -20.49
C GLY F 231 7.49 42.06 -21.31
N SER F 232 7.71 41.99 -22.63
CA SER F 232 6.62 41.70 -23.55
C SER F 232 6.17 40.24 -23.45
N THR F 233 7.12 39.31 -23.41
CA THR F 233 6.83 37.89 -23.36
C THR F 233 7.04 37.31 -21.96
N ARG F 234 6.94 38.16 -20.94
CA ARG F 234 7.12 37.75 -19.56
C ARG F 234 5.91 38.17 -18.72
N ARG F 235 4.71 37.96 -19.25
CA ARG F 235 3.48 38.30 -18.54
C ARG F 235 2.91 37.06 -17.89
N GLY F 236 2.44 37.21 -16.65
CA GLY F 236 1.87 36.10 -15.92
C GLY F 236 2.23 36.09 -14.45
N GLY F 237 3.38 36.66 -14.11
CA GLY F 237 3.79 36.81 -12.73
C GLY F 237 5.01 35.98 -12.40
N LEU F 238 5.41 36.09 -11.13
CA LEU F 238 6.50 35.26 -10.60
C LEU F 238 6.06 33.83 -10.33
N VAL F 239 4.75 33.56 -10.31
CA VAL F 239 4.28 32.19 -10.26
C VAL F 239 4.65 31.46 -11.56
N PHE F 240 4.60 32.17 -12.69
CA PHE F 240 5.09 31.60 -13.94
C PHE F 240 6.60 31.49 -13.98
N ASP F 241 7.31 32.26 -13.15
CA ASP F 241 8.75 32.12 -13.02
C ASP F 241 9.14 31.09 -11.96
N VAL F 242 8.18 30.59 -11.19
CA VAL F 242 8.42 29.51 -10.25
C VAL F 242 7.91 28.21 -10.86
N ALA F 243 6.95 28.32 -11.77
CA ALA F 243 6.49 27.14 -12.50
C ALA F 243 7.50 26.70 -13.54
N ASP F 244 8.23 27.64 -14.14
CA ASP F 244 9.20 27.32 -15.17
C ASP F 244 10.41 26.57 -14.62
N ILE F 245 10.63 26.61 -13.30
CA ILE F 245 11.63 25.73 -12.69
C ILE F 245 11.17 24.28 -12.77
N ILE F 246 9.88 24.03 -12.55
CA ILE F 246 9.34 22.67 -12.59
C ILE F 246 8.72 22.31 -13.94
N LYS F 247 8.55 23.27 -14.84
CA LYS F 247 7.95 22.97 -16.14
C LYS F 247 8.92 22.22 -17.05
N THR F 248 10.19 22.58 -17.02
CA THR F 248 11.19 21.99 -17.91
C THR F 248 11.71 20.65 -17.41
N SER F 249 11.33 20.21 -16.20
CA SER F 249 11.85 18.99 -15.63
C SER F 249 10.78 17.98 -15.23
N ILE F 250 9.62 18.44 -14.74
CA ILE F 250 8.61 17.55 -14.18
C ILE F 250 7.29 17.64 -14.93
N ILE F 251 7.13 18.64 -15.80
CA ILE F 251 5.88 18.80 -16.53
C ILE F 251 6.03 18.30 -17.97
N LEU F 252 6.97 18.90 -18.72
CA LEU F 252 7.13 18.54 -20.12
C LEU F 252 7.70 17.14 -20.31
N PRO F 253 8.63 16.65 -19.49
CA PRO F 253 9.09 15.27 -19.65
C PRO F 253 8.02 14.24 -19.33
N LEU F 254 7.21 14.50 -18.29
CA LEU F 254 6.09 13.60 -17.97
C LEU F 254 5.04 13.63 -19.07
N ALA F 255 4.77 14.82 -19.63
CA ALA F 255 3.82 14.93 -20.74
C ALA F 255 4.32 14.21 -21.98
N PHE F 256 5.62 14.33 -22.28
CA PHE F 256 6.20 13.65 -23.43
C PHE F 256 6.21 12.13 -23.24
N HIS F 257 6.49 11.66 -22.02
CA HIS F 257 6.44 10.23 -21.73
C HIS F 257 5.02 9.69 -21.83
N ALA F 258 4.02 10.47 -21.38
CA ALA F 258 2.64 10.04 -21.49
C ALA F 258 2.17 10.06 -22.94
N ALA F 259 2.67 10.99 -23.75
CA ALA F 259 2.30 11.02 -25.16
C ALA F 259 2.97 9.88 -25.92
N ASP F 260 4.22 9.56 -25.59
CA ASP F 260 4.91 8.46 -26.25
C ASP F 260 4.36 7.11 -25.84
N GLN F 261 3.92 6.97 -24.59
CA GLN F 261 3.34 5.72 -24.10
C GLN F 261 1.84 5.61 -24.39
N GLY F 262 1.25 6.62 -25.03
CA GLY F 262 -0.16 6.58 -25.34
C GLY F 262 -1.08 6.75 -24.16
N MET F 263 -0.58 7.35 -23.07
CA MET F 263 -1.39 7.55 -21.89
C MET F 263 -2.40 8.68 -22.10
N SER F 264 -3.44 8.67 -21.28
CA SER F 264 -4.46 9.70 -21.33
C SER F 264 -4.00 10.95 -20.60
N ASN F 265 -4.84 11.98 -20.57
CA ASN F 265 -4.54 13.18 -19.82
C ASN F 265 -4.62 12.94 -18.32
N THR F 266 -5.52 12.07 -17.88
CA THR F 266 -5.63 11.74 -16.46
C THR F 266 -4.42 10.95 -15.99
N GLU F 267 -3.89 10.06 -16.83
CA GLU F 267 -2.67 9.33 -16.49
C GLU F 267 -1.48 10.27 -16.42
N PHE F 268 -1.43 11.27 -17.30
CA PHE F 268 -0.37 12.28 -17.25
C PHE F 268 -0.47 13.14 -16.00
N LYS F 269 -1.71 13.47 -15.59
CA LYS F 269 -1.91 14.24 -14.36
C LYS F 269 -1.50 13.43 -13.13
N ARG F 270 -1.87 12.14 -13.09
CA ARG F 270 -1.45 11.28 -11.99
C ARG F 270 0.06 11.09 -11.95
N SER F 271 0.69 10.95 -13.13
CA SER F 271 2.14 10.83 -13.19
C SER F 271 2.83 12.10 -12.73
N CYS F 272 2.30 13.27 -13.10
CA CYS F 272 2.87 14.54 -12.66
C CYS F 272 2.71 14.73 -11.16
N VAL F 273 1.55 14.37 -10.61
CA VAL F 273 1.32 14.49 -9.17
C VAL F 273 2.22 13.54 -8.38
N ALA F 274 2.37 12.30 -8.88
CA ALA F 274 3.23 11.33 -8.19
C ALA F 274 4.70 11.69 -8.32
N TYR F 275 5.13 12.27 -9.45
CA TYR F 275 6.51 12.67 -9.60
C TYR F 275 6.82 13.92 -8.79
N PHE F 276 5.82 14.78 -8.57
CA PHE F 276 6.03 15.93 -7.69
C PHE F 276 6.00 15.51 -6.22
N ASP F 277 5.22 14.48 -5.88
CA ASP F 277 5.17 14.01 -4.50
C ASP F 277 6.41 13.21 -4.12
N LYS F 278 6.90 12.35 -5.01
CA LYS F 278 8.01 11.47 -4.67
C LYS F 278 9.33 12.22 -4.66
N ASN F 279 9.51 13.18 -5.57
CA ASN F 279 10.72 13.98 -5.62
C ASN F 279 10.66 15.20 -4.70
N ASP F 280 9.53 15.40 -4.01
CA ASP F 280 9.27 16.55 -3.14
C ASP F 280 9.45 17.87 -3.90
N ILE F 281 8.86 17.93 -5.10
CA ILE F 281 9.05 19.08 -5.98
C ILE F 281 8.37 20.31 -5.43
N LEU F 282 7.18 20.14 -4.81
CA LEU F 282 6.55 21.26 -4.11
C LEU F 282 7.38 21.70 -2.91
N ALA F 283 7.94 20.73 -2.17
CA ALA F 283 8.83 21.05 -1.07
C ALA F 283 10.12 21.69 -1.58
N TYR F 284 10.62 21.23 -2.74
CA TYR F 284 11.81 21.83 -3.33
C TYR F 284 11.54 23.27 -3.76
N LEU F 285 10.34 23.55 -4.27
CA LEU F 285 10.00 24.90 -4.66
C LEU F 285 9.80 25.80 -3.44
N ILE F 286 9.22 25.26 -2.37
CA ILE F 286 9.00 26.06 -1.16
C ILE F 286 10.32 26.35 -0.46
N ASN F 287 11.21 25.37 -0.39
CA ASN F 287 12.52 25.57 0.23
CA ASN F 287 12.52 25.57 0.23
C ASN F 287 13.54 26.20 -0.70
N ASN F 288 13.21 26.36 -1.98
CA ASN F 288 14.10 27.01 -2.93
C ASN F 288 13.78 28.49 -3.11
N ILE F 289 12.52 28.88 -2.94
CA ILE F 289 12.18 30.30 -2.91
C ILE F 289 12.75 30.96 -1.67
N LYS F 290 12.78 30.24 -0.54
CA LYS F 290 13.35 30.77 0.68
C LYS F 290 14.87 30.89 0.62
N ARG F 291 15.52 30.17 -0.29
CA ARG F 291 16.96 30.30 -0.43
C ARG F 291 17.35 31.63 -1.07
N LEU F 292 16.65 32.03 -2.13
CA LEU F 292 16.94 33.29 -2.79
C LEU F 292 16.39 34.48 -2.00
N CYS F 293 15.25 34.32 -1.35
CA CYS F 293 14.62 35.44 -0.66
C CYS F 293 15.32 35.73 0.67
N MET F 294 15.50 34.70 1.50
CA MET F 294 16.08 34.85 2.82
C MET F 294 17.60 34.64 2.82
N GLU F 295 18.26 34.94 1.70
CA GLU F 295 19.72 34.85 1.65
C GLU F 295 20.36 35.93 2.49
N ASN F 296 19.72 37.09 2.60
CA ASN F 296 20.23 38.19 3.42
C ASN F 296 20.03 37.90 4.91
N MET G 1 -18.83 -41.74 9.43
CA MET G 1 -19.07 -43.07 9.98
C MET G 1 -17.81 -43.92 9.78
N GLN G 2 -17.47 -44.73 10.78
CA GLN G 2 -16.23 -45.50 10.72
C GLN G 2 -16.35 -46.66 9.74
N LYS G 3 -15.40 -46.73 8.81
CA LYS G 3 -15.41 -47.70 7.72
C LYS G 3 -14.03 -48.33 7.65
N GLN G 4 -13.98 -49.66 7.54
CA GLN G 4 -12.75 -50.42 7.74
C GLN G 4 -12.16 -50.94 6.43
N ILE G 5 -10.83 -51.05 6.41
CA ILE G 5 -10.06 -51.58 5.29
C ILE G 5 -8.91 -52.41 5.85
N LEU G 6 -8.77 -53.63 5.34
CA LEU G 6 -7.66 -54.50 5.73
C LEU G 6 -6.44 -54.19 4.87
N THR G 7 -5.25 -54.25 5.48
CA THR G 7 -4.02 -54.05 4.70
C THR G 7 -3.09 -55.26 4.71
N SER G 8 -2.69 -55.80 5.86
CA SER G 8 -1.78 -56.95 5.86
C SER G 8 -2.39 -58.19 6.49
N GLN G 9 -2.76 -58.13 7.77
CA GLN G 9 -3.37 -59.27 8.45
C GLN G 9 -4.54 -58.90 9.33
N LYS G 10 -4.67 -57.65 9.77
CA LYS G 10 -5.71 -57.22 10.69
C LYS G 10 -6.40 -55.98 10.12
N ARG G 11 -7.71 -55.90 10.36
CA ARG G 11 -8.49 -54.72 9.98
C ARG G 11 -8.07 -53.54 10.84
N ASN G 12 -7.40 -52.56 10.23
CA ASN G 12 -6.82 -51.45 10.97
C ASN G 12 -7.03 -50.08 10.34
N MET G 13 -7.47 -49.99 9.09
CA MET G 13 -7.68 -48.71 8.42
C MET G 13 -9.11 -48.25 8.67
N TYR G 14 -9.33 -47.55 9.78
CA TYR G 14 -10.61 -46.92 10.07
C TYR G 14 -10.69 -45.59 9.34
N ILE G 15 -11.80 -45.38 8.63
CA ILE G 15 -12.03 -44.17 7.86
C ILE G 15 -13.15 -43.40 8.54
N LEU G 16 -12.86 -42.16 8.94
CA LEU G 16 -13.85 -41.31 9.58
C LEU G 16 -14.35 -40.27 8.58
N SER G 17 -15.68 -40.17 8.48
CA SER G 17 -16.33 -39.23 7.58
C SER G 17 -17.28 -38.34 8.38
N ARG G 18 -17.13 -37.02 8.22
CA ARG G 18 -18.03 -36.00 8.78
C ARG G 18 -18.12 -36.08 10.30
N CYS G 19 -16.98 -35.85 10.96
CA CYS G 19 -16.94 -35.90 12.42
C CYS G 19 -15.95 -34.88 12.96
N LYS G 20 -16.14 -34.53 14.23
CA LYS G 20 -15.23 -33.65 14.96
C LYS G 20 -14.43 -34.51 15.92
N VAL G 21 -13.16 -34.76 15.58
CA VAL G 21 -12.28 -35.57 16.42
C VAL G 21 -11.57 -34.65 17.41
N LEU G 22 -11.75 -34.91 18.70
CA LEU G 22 -11.13 -34.09 19.73
C LEU G 22 -10.91 -34.95 20.97
N VAL G 23 -10.35 -34.36 22.02
CA VAL G 23 -9.99 -35.07 23.24
C VAL G 23 -11.22 -35.15 24.15
N LYS G 24 -11.69 -36.37 24.39
CA LYS G 24 -12.72 -36.63 25.39
C LYS G 24 -12.11 -37.47 26.51
N ASN G 25 -12.07 -36.89 27.71
CA ASN G 25 -11.59 -37.54 28.95
C ASN G 25 -10.17 -38.05 28.82
N GLY G 26 -9.31 -37.26 28.18
CA GLY G 26 -7.94 -37.67 27.95
C GLY G 26 -7.78 -38.82 26.98
N GLN G 27 -8.63 -38.88 25.96
CA GLN G 27 -8.54 -39.92 24.94
C GLN G 27 -9.10 -39.37 23.64
N VAL G 28 -8.60 -39.89 22.52
CA VAL G 28 -9.01 -39.42 21.21
C VAL G 28 -10.36 -40.05 20.85
N CYS G 29 -11.37 -39.21 20.68
CA CYS G 29 -12.70 -39.65 20.26
C CYS G 29 -13.20 -38.71 19.18
N HIS G 30 -14.21 -39.15 18.43
CA HIS G 30 -14.71 -38.37 17.31
C HIS G 30 -16.20 -38.14 17.45
N LEU G 31 -16.60 -36.87 17.41
CA LEU G 31 -18.00 -36.47 17.51
C LEU G 31 -18.51 -36.25 16.09
N HIS G 32 -19.39 -37.15 15.63
CA HIS G 32 -19.98 -37.02 14.31
C HIS G 32 -21.01 -35.88 14.30
N GLU G 33 -21.46 -35.53 13.10
CA GLU G 33 -22.43 -34.46 12.93
C GLU G 33 -23.84 -34.84 13.39
N ASP G 34 -24.08 -36.12 13.68
CA ASP G 34 -25.34 -36.57 14.25
C ASP G 34 -25.44 -36.29 15.75
N GLY G 35 -24.33 -35.98 16.41
CA GLY G 35 -24.32 -35.66 17.83
C GLY G 35 -23.81 -36.74 18.73
N ASN G 36 -23.37 -37.88 18.19
CA ASN G 36 -22.88 -38.99 18.98
C ASN G 36 -21.35 -39.04 18.92
N VAL G 37 -20.71 -39.30 20.06
CA VAL G 37 -19.26 -39.41 20.13
C VAL G 37 -18.89 -40.89 20.27
N TYR G 38 -17.91 -41.32 19.48
CA TYR G 38 -17.36 -42.67 19.52
C TYR G 38 -15.86 -42.58 19.68
N THR G 39 -15.28 -43.54 20.40
CA THR G 39 -13.84 -43.57 20.60
C THR G 39 -13.15 -44.33 19.46
N VAL G 40 -11.83 -44.26 19.44
CA VAL G 40 -11.02 -44.99 18.47
C VAL G 40 -10.14 -45.99 19.22
N PRO G 41 -10.05 -47.24 18.75
CA PRO G 41 -9.08 -48.16 19.35
C PRO G 41 -7.65 -47.77 18.99
N TYR G 42 -6.72 -48.21 19.83
CA TYR G 42 -5.35 -47.72 19.78
C TYR G 42 -4.35 -48.79 19.38
N ALA G 43 -4.33 -49.93 20.09
CA ALA G 43 -3.41 -51.01 19.76
C ALA G 43 -3.81 -51.74 18.48
N ASN G 44 -5.07 -51.63 18.07
CA ASN G 44 -5.56 -52.20 16.83
C ASN G 44 -5.32 -51.28 15.63
N THR G 45 -4.79 -50.09 15.86
CA THR G 45 -4.72 -49.05 14.84
C THR G 45 -3.27 -48.71 14.52
N VAL G 46 -2.93 -48.79 13.23
CA VAL G 46 -1.71 -48.16 12.72
C VAL G 46 -2.01 -47.07 11.70
N PHE G 47 -3.10 -47.17 10.93
CA PHE G 47 -3.48 -46.16 9.96
C PHE G 47 -4.85 -45.64 10.35
N ILE G 48 -5.06 -44.34 10.19
CA ILE G 48 -6.35 -43.74 10.52
C ILE G 48 -6.63 -42.60 9.54
N GLY G 49 -7.81 -42.66 8.91
CA GLY G 49 -8.09 -41.87 7.72
C GLY G 49 -9.28 -40.95 7.85
N LEU G 50 -9.11 -39.73 7.36
CA LEU G 50 -10.07 -38.65 7.57
C LEU G 50 -10.69 -38.25 6.24
N ALA G 51 -11.98 -38.57 6.05
CA ALA G 51 -12.72 -38.25 4.84
C ALA G 51 -13.27 -36.83 4.94
N GLU G 52 -14.21 -36.47 4.06
CA GLU G 52 -14.78 -35.11 4.08
C GLU G 52 -15.60 -34.86 5.34
N GLY G 53 -15.55 -33.61 5.79
CA GLY G 53 -16.22 -33.20 7.01
C GLY G 53 -15.50 -33.56 8.29
N THR G 54 -14.31 -34.14 8.21
CA THR G 54 -13.60 -34.64 9.37
C THR G 54 -12.62 -33.58 9.86
N SER G 55 -12.69 -33.27 11.16
CA SER G 55 -11.79 -32.32 11.80
C SER G 55 -11.16 -32.96 13.02
N ILE G 56 -9.83 -32.97 13.06
CA ILE G 56 -9.08 -33.48 14.20
C ILE G 56 -8.39 -32.28 14.85
N THR G 57 -8.04 -32.44 16.13
CA THR G 57 -7.45 -31.37 16.92
C THR G 57 -5.96 -31.64 17.17
N ASN G 58 -5.34 -30.78 17.97
CA ASN G 58 -3.91 -30.79 18.19
C ASN G 58 -3.49 -31.60 19.41
N GLU G 59 -4.24 -31.54 20.51
CA GLU G 59 -3.93 -32.37 21.66
C GLU G 59 -4.18 -33.84 21.35
N ALA G 60 -5.23 -34.11 20.55
CA ALA G 60 -5.47 -35.46 20.04
C ALA G 60 -4.34 -35.93 19.15
N MET G 61 -3.80 -35.03 18.31
CA MET G 61 -2.65 -35.37 17.47
C MET G 61 -1.43 -35.63 18.32
N SER G 62 -1.29 -34.89 19.42
CA SER G 62 -0.17 -35.08 20.33
C SER G 62 -0.21 -36.45 20.98
N MET G 63 -1.39 -36.89 21.44
CA MET G 63 -1.50 -38.25 21.96
C MET G 63 -1.32 -39.30 20.86
N LEU G 64 -1.81 -39.02 19.66
CA LEU G 64 -1.67 -39.97 18.55
C LEU G 64 -0.23 -40.09 18.08
N ALA G 65 0.56 -39.02 18.20
CA ALA G 65 1.99 -39.04 17.95
C ALA G 65 2.77 -39.59 19.14
N ALA G 66 2.18 -39.55 20.33
CA ALA G 66 2.86 -40.03 21.52
C ALA G 66 2.76 -41.54 21.66
N ASN G 67 1.67 -42.15 21.17
CA ASN G 67 1.48 -43.57 21.39
C ASN G 67 1.26 -44.39 20.11
N GLY G 68 1.84 -43.96 19.00
CA GLY G 68 2.11 -44.90 17.92
C GLY G 68 1.09 -45.11 16.82
N VAL G 69 0.67 -44.05 16.13
CA VAL G 69 -0.20 -44.20 14.96
C VAL G 69 0.23 -43.17 13.92
N ILE G 70 -0.18 -43.39 12.68
CA ILE G 70 0.00 -42.45 11.58
C ILE G 70 -1.36 -42.13 10.98
N VAL G 71 -1.61 -40.85 10.74
CA VAL G 71 -2.92 -40.36 10.33
C VAL G 71 -2.81 -39.75 8.93
N PHE G 72 -3.90 -39.87 8.16
CA PHE G 72 -3.96 -39.35 6.81
C PHE G 72 -5.34 -38.79 6.48
N TRP G 73 -5.36 -37.79 5.60
CA TRP G 73 -6.58 -37.26 5.02
C TRP G 73 -6.91 -37.98 3.73
N THR G 74 -8.21 -38.00 3.38
CA THR G 74 -8.64 -38.73 2.19
C THR G 74 -9.91 -38.10 1.61
N LYS G 75 -10.15 -38.40 0.33
CA LYS G 75 -11.25 -37.82 -0.45
C LYS G 75 -12.48 -38.72 -0.38
N GLY G 76 -13.45 -38.47 -1.28
CA GLY G 76 -14.73 -39.16 -1.35
C GLY G 76 -14.68 -40.65 -1.50
N GLY G 77 -15.54 -41.34 -0.76
CA GLY G 77 -15.43 -42.77 -0.55
C GLY G 77 -14.45 -43.14 0.55
N GLY G 78 -13.80 -42.16 1.14
CA GLY G 78 -12.80 -42.37 2.18
C GLY G 78 -11.59 -43.13 1.75
N TYR G 79 -11.21 -43.07 0.47
CA TYR G 79 -10.18 -44.01 0.04
C TYR G 79 -9.12 -43.26 -0.77
N ASP G 80 -9.54 -42.23 -1.52
CA ASP G 80 -8.65 -41.46 -2.40
C ASP G 80 -7.84 -40.48 -1.55
N MET G 81 -6.52 -40.68 -1.55
CA MET G 81 -5.62 -39.94 -0.67
C MET G 81 -5.20 -38.60 -1.30
N PHE G 82 -5.15 -37.57 -0.46
CA PHE G 82 -4.56 -36.30 -0.88
C PHE G 82 -3.60 -35.68 0.12
N ALA G 83 -3.68 -35.99 1.40
CA ALA G 83 -2.79 -35.39 2.39
C ALA G 83 -2.47 -36.40 3.49
N ALA G 84 -1.19 -36.65 3.73
CA ALA G 84 -0.83 -37.77 4.59
C ALA G 84 0.49 -37.50 5.28
N ASP G 85 0.70 -38.18 6.39
CA ASP G 85 2.03 -38.39 6.93
C ASP G 85 2.60 -39.67 6.31
N ILE G 86 3.72 -40.14 6.83
CA ILE G 86 4.48 -41.19 6.14
C ILE G 86 4.65 -42.30 7.16
N ILE G 87 5.06 -43.49 6.73
CA ILE G 87 5.18 -44.66 7.59
C ILE G 87 6.65 -44.89 7.92
N CYS G 88 6.95 -45.04 9.19
CA CYS G 88 8.27 -45.39 9.69
C CYS G 88 8.17 -46.74 10.42
N HIS G 89 9.28 -47.14 11.04
CA HIS G 89 9.26 -48.38 11.83
C HIS G 89 8.46 -48.18 13.12
N LEU G 90 8.77 -47.13 13.88
CA LEU G 90 8.03 -46.80 15.10
C LEU G 90 8.24 -45.32 15.37
N PRO G 91 7.17 -44.51 15.40
CA PRO G 91 7.34 -43.05 15.42
C PRO G 91 7.78 -42.46 16.76
N GLN G 92 8.12 -43.27 17.77
CA GLN G 92 8.41 -42.75 19.10
C GLN G 92 9.82 -43.08 19.58
N ALA G 93 10.29 -44.32 19.41
CA ALA G 93 11.60 -44.67 19.91
C ALA G 93 12.70 -44.32 18.91
N ASP G 94 12.66 -44.91 17.72
CA ASP G 94 13.66 -44.66 16.69
C ASP G 94 12.95 -44.50 15.35
N TYR G 95 13.28 -43.43 14.64
CA TYR G 95 12.58 -43.03 13.43
C TYR G 95 13.36 -43.57 12.25
N ARG G 96 13.31 -44.88 12.05
CA ARG G 96 14.18 -45.52 11.07
C ARG G 96 13.32 -45.95 9.90
N PRO G 97 13.90 -46.02 8.69
CA PRO G 97 13.12 -46.29 7.47
C PRO G 97 12.43 -47.65 7.46
N THR G 98 11.27 -47.68 6.82
CA THR G 98 10.54 -48.94 6.65
C THR G 98 11.22 -49.80 5.59
N LYS G 99 11.24 -51.12 5.80
CA LYS G 99 12.10 -52.04 5.08
C LYS G 99 11.61 -52.36 3.67
N TYR G 100 10.44 -51.87 3.27
CA TYR G 100 9.89 -52.24 1.97
C TYR G 100 10.63 -51.59 0.81
N MET G 101 10.98 -50.29 0.91
CA MET G 101 11.87 -49.81 -0.14
C MET G 101 13.29 -50.31 0.04
N GLN G 102 13.68 -50.78 1.25
CA GLN G 102 14.99 -51.41 1.40
C GLN G 102 15.11 -52.60 0.45
N ASN G 103 14.16 -53.53 0.55
CA ASN G 103 14.13 -54.67 -0.37
C ASN G 103 13.89 -54.24 -1.82
N TRP G 104 12.95 -53.32 -2.06
CA TRP G 104 12.52 -53.10 -3.43
C TRP G 104 13.55 -52.27 -4.20
N VAL G 105 14.13 -51.21 -3.63
CA VAL G 105 15.05 -50.48 -4.47
C VAL G 105 16.47 -51.08 -4.36
N ARG G 106 16.75 -51.97 -3.39
CA ARG G 106 17.88 -52.87 -3.55
C ARG G 106 17.71 -53.78 -4.76
N LEU G 107 16.51 -54.31 -4.98
CA LEU G 107 16.33 -55.12 -6.18
C LEU G 107 16.14 -54.27 -7.44
N TRP G 108 15.88 -52.97 -7.30
CA TRP G 108 15.70 -52.12 -8.48
C TRP G 108 17.00 -51.52 -8.98
N LEU G 109 17.94 -51.14 -8.09
CA LEU G 109 19.17 -50.49 -8.53
C LEU G 109 20.07 -51.40 -9.35
N ASP G 110 19.89 -52.72 -9.27
CA ASP G 110 20.47 -53.63 -10.25
C ASP G 110 19.37 -54.02 -11.23
N GLU G 111 19.78 -54.18 -12.50
CA GLU G 111 18.81 -54.24 -13.59
C GLU G 111 18.10 -55.59 -13.68
N GLU G 112 18.78 -56.68 -13.32
CA GLU G 112 18.26 -58.02 -13.61
C GLU G 112 17.06 -58.37 -12.74
N LYS G 113 17.14 -58.16 -11.43
CA LYS G 113 15.94 -58.44 -10.65
C LYS G 113 14.94 -57.27 -10.65
N LYS G 114 15.34 -56.10 -11.16
CA LYS G 114 14.35 -55.09 -11.53
C LYS G 114 13.47 -55.59 -12.68
N LEU G 115 14.09 -56.21 -13.69
CA LEU G 115 13.33 -56.81 -14.79
C LEU G 115 12.52 -58.00 -14.31
N SER G 116 13.07 -58.75 -13.35
CA SER G 116 12.31 -59.84 -12.73
C SER G 116 11.08 -59.31 -11.98
N ALA G 117 11.23 -58.18 -11.28
CA ALA G 117 10.09 -57.56 -10.62
C ALA G 117 9.06 -57.04 -11.64
N ALA G 118 9.53 -56.57 -12.79
CA ALA G 118 8.62 -56.13 -13.84
C ALA G 118 7.79 -57.28 -14.40
N LYS G 119 8.46 -58.41 -14.69
CA LYS G 119 7.70 -59.56 -15.21
C LYS G 119 6.83 -60.18 -14.12
N GLU G 120 7.26 -60.11 -12.86
CA GLU G 120 6.40 -60.54 -11.76
C GLU G 120 5.18 -59.64 -11.60
N ILE G 121 5.34 -58.33 -11.84
CA ILE G 121 4.18 -57.46 -11.62
C ILE G 121 3.20 -57.57 -12.79
N LEU G 122 3.69 -57.88 -13.99
CA LEU G 122 2.74 -58.25 -15.05
C LEU G 122 2.10 -59.61 -14.78
N LYS G 123 2.84 -60.49 -14.07
CA LYS G 123 2.24 -61.77 -13.65
C LYS G 123 1.12 -61.55 -12.63
N MET G 124 1.27 -60.61 -11.71
CA MET G 124 0.12 -60.39 -10.81
C MET G 124 -0.95 -59.51 -11.45
N ARG G 125 -0.66 -58.79 -12.53
CA ARG G 125 -1.74 -58.23 -13.33
C ARG G 125 -2.57 -59.33 -13.98
N VAL G 126 -1.88 -60.36 -14.49
CA VAL G 126 -2.54 -61.58 -14.98
C VAL G 126 -3.35 -62.25 -13.89
N ASP G 127 -2.78 -62.32 -12.68
CA ASP G 127 -3.50 -62.90 -11.54
C ASP G 127 -4.65 -62.01 -11.07
N SER G 128 -4.58 -60.71 -11.33
CA SER G 128 -5.69 -59.82 -10.99
C SER G 128 -6.86 -60.04 -11.94
N LEU G 129 -6.56 -60.30 -13.22
CA LEU G 129 -7.63 -60.65 -14.14
C LEU G 129 -8.19 -62.04 -13.86
N SER G 130 -7.33 -63.03 -13.62
CA SER G 130 -7.78 -64.40 -13.47
C SER G 130 -8.41 -64.67 -12.10
N THR G 131 -8.02 -63.92 -11.08
CA THR G 131 -8.48 -64.18 -9.72
C THR G 131 -9.81 -63.51 -9.46
N HIS G 132 -9.93 -62.24 -9.79
CA HIS G 132 -11.04 -61.41 -9.37
C HIS G 132 -12.13 -61.46 -10.43
N VAL G 133 -13.35 -61.80 -10.01
CA VAL G 133 -14.46 -62.01 -10.92
C VAL G 133 -15.59 -61.05 -10.60
N HIS G 134 -16.48 -60.87 -11.57
CA HIS G 134 -17.68 -60.06 -11.43
C HIS G 134 -18.89 -60.86 -11.89
N ASP G 135 -20.07 -60.36 -11.55
CA ASP G 135 -21.33 -60.98 -11.94
C ASP G 135 -21.90 -60.39 -13.23
N PHE G 136 -21.11 -59.61 -13.96
CA PHE G 136 -21.57 -58.95 -15.17
C PHE G 136 -20.39 -58.75 -16.12
N GLY G 137 -20.72 -58.51 -17.37
CA GLY G 137 -19.68 -58.16 -18.35
C GLY G 137 -18.94 -59.37 -18.84
N VAL G 138 -17.64 -59.22 -19.05
CA VAL G 138 -16.81 -60.25 -19.64
C VAL G 138 -16.48 -61.29 -18.58
N ASP G 139 -16.83 -62.55 -18.85
CA ASP G 139 -16.37 -63.64 -18.01
C ASP G 139 -14.87 -63.87 -18.23
N VAL G 140 -14.14 -64.08 -17.13
CA VAL G 140 -12.69 -64.24 -17.21
C VAL G 140 -12.27 -65.67 -17.50
N GLU G 141 -13.21 -66.57 -17.81
CA GLU G 141 -12.90 -67.97 -18.08
C GLU G 141 -13.31 -68.40 -19.49
N ASN G 142 -13.49 -67.47 -20.42
CA ASN G 142 -13.90 -67.85 -21.75
C ASN G 142 -12.68 -68.17 -22.62
N LYS G 143 -12.93 -68.35 -23.92
CA LYS G 143 -11.85 -68.75 -24.83
C LYS G 143 -10.89 -67.59 -25.11
N ARG G 144 -11.45 -66.40 -25.38
CA ARG G 144 -10.61 -65.26 -25.77
C ARG G 144 -9.79 -64.73 -24.60
N VAL G 145 -10.38 -64.70 -23.40
CA VAL G 145 -9.66 -64.23 -22.22
C VAL G 145 -8.54 -65.20 -21.86
N SER G 146 -8.81 -66.51 -21.87
CA SER G 146 -7.75 -67.48 -21.60
C SER G 146 -6.68 -67.48 -22.69
N SER G 147 -7.07 -67.20 -23.93
CA SER G 147 -6.12 -67.08 -25.03
C SER G 147 -5.20 -65.89 -24.83
N ILE G 148 -5.74 -64.75 -24.40
CA ILE G 148 -4.86 -63.58 -24.26
C ILE G 148 -4.05 -63.68 -22.96
N VAL G 149 -4.54 -64.41 -21.95
CA VAL G 149 -3.70 -64.74 -20.79
C VAL G 149 -2.53 -65.64 -21.19
N ASN G 150 -2.76 -66.65 -22.03
CA ASN G 150 -1.65 -67.49 -22.50
C ASN G 150 -0.68 -66.72 -23.38
N LYS G 151 -1.20 -65.86 -24.27
CA LYS G 151 -0.35 -65.05 -25.13
C LYS G 151 0.47 -64.05 -24.32
N PHE G 152 -0.13 -63.43 -23.32
CA PHE G 152 0.58 -62.50 -22.44
C PHE G 152 1.57 -63.21 -21.52
N ASP G 153 1.29 -64.43 -21.08
CA ASP G 153 2.25 -65.20 -20.31
C ASP G 153 3.49 -65.52 -21.13
N LYS G 154 3.27 -65.94 -22.39
CA LYS G 154 4.38 -66.16 -23.31
C LYS G 154 5.16 -64.88 -23.59
N GLY G 155 4.43 -63.79 -23.88
CA GLY G 155 5.02 -62.50 -24.20
C GLY G 155 5.68 -61.80 -23.04
N VAL G 156 5.34 -62.18 -21.81
CA VAL G 156 6.06 -61.70 -20.64
C VAL G 156 7.30 -62.56 -20.40
N THR G 157 7.20 -63.88 -20.64
CA THR G 157 8.29 -64.77 -20.26
C THR G 157 9.50 -64.67 -21.19
N GLN G 158 9.30 -64.54 -22.51
CA GLN G 158 10.50 -64.72 -23.34
C GLN G 158 11.35 -63.46 -23.38
N ALA G 159 10.76 -62.31 -23.04
CA ALA G 159 11.35 -61.02 -23.34
C ALA G 159 12.31 -60.56 -22.26
N THR G 160 13.27 -59.72 -22.65
CA THR G 160 14.23 -59.14 -21.74
C THR G 160 14.34 -57.63 -21.87
N SER G 161 13.50 -57.00 -22.67
CA SER G 161 13.55 -55.56 -22.89
C SER G 161 12.23 -54.92 -22.48
N PHE G 162 12.33 -53.74 -21.85
CA PHE G 162 11.14 -53.05 -21.35
C PHE G 162 10.32 -52.39 -22.45
N GLU G 163 10.91 -52.15 -23.63
CA GLU G 163 10.13 -51.69 -24.77
C GLU G 163 9.17 -52.78 -25.23
N SER G 164 9.62 -54.03 -25.25
CA SER G 164 8.73 -55.15 -25.55
C SER G 164 7.66 -55.29 -24.48
N LEU G 165 8.00 -54.99 -23.23
CA LEU G 165 7.03 -55.07 -22.14
C LEU G 165 5.96 -54.00 -22.27
N LEU G 166 6.33 -52.76 -22.60
CA LEU G 166 5.31 -51.73 -22.73
C LEU G 166 4.52 -51.87 -24.03
N GLY G 167 5.12 -52.44 -25.07
CA GLY G 167 4.36 -52.78 -26.26
C GLY G 167 3.36 -53.89 -26.00
N HIS G 168 3.75 -54.89 -25.19
CA HIS G 168 2.83 -55.95 -24.78
C HIS G 168 1.71 -55.40 -23.92
N GLU G 169 2.03 -54.44 -23.04
CA GLU G 169 1.01 -53.83 -22.19
C GLU G 169 0.02 -53.01 -23.03
N GLY G 170 0.51 -52.26 -24.01
CA GLY G 170 -0.39 -51.52 -24.90
C GLY G 170 -1.23 -52.42 -25.77
N THR G 171 -0.65 -53.53 -26.26
CA THR G 171 -1.40 -54.52 -27.03
C THR G 171 -2.48 -55.17 -26.17
N PHE G 172 -2.16 -55.48 -24.91
CA PHE G 172 -3.13 -56.01 -23.96
C PHE G 172 -4.26 -55.02 -23.71
N VAL G 173 -3.93 -53.74 -23.53
CA VAL G 173 -4.94 -52.73 -23.24
C VAL G 173 -5.88 -52.56 -24.43
N LYS G 174 -5.33 -52.44 -25.64
CA LYS G 174 -6.16 -52.28 -26.84
C LYS G 174 -7.01 -53.51 -27.12
N SER G 175 -6.41 -54.71 -26.98
CA SER G 175 -7.14 -55.95 -27.27
C SER G 175 -8.24 -56.20 -26.26
N LEU G 176 -7.96 -55.99 -24.96
CA LEU G 176 -8.97 -56.20 -23.94
C LEU G 176 -10.08 -55.16 -24.04
N TYR G 177 -9.74 -53.93 -24.45
CA TYR G 177 -10.77 -52.94 -24.74
C TYR G 177 -11.64 -53.36 -25.92
N LYS G 178 -11.05 -53.97 -26.95
CA LYS G 178 -11.84 -54.44 -28.09
C LYS G 178 -12.80 -55.57 -27.69
N GLU G 179 -12.32 -56.56 -26.92
CA GLU G 179 -13.21 -57.65 -26.52
C GLU G 179 -14.26 -57.19 -25.52
N TYR G 180 -13.91 -56.28 -24.61
CA TYR G 180 -14.91 -55.72 -23.70
C TYR G 180 -15.92 -54.85 -24.45
N ALA G 181 -15.50 -54.22 -25.55
CA ALA G 181 -16.44 -53.42 -26.34
C ALA G 181 -17.39 -54.31 -27.13
N LEU G 182 -16.88 -55.39 -27.73
CA LEU G 182 -17.78 -56.27 -28.47
C LEU G 182 -18.64 -57.13 -27.55
N GLU G 183 -18.26 -57.29 -26.28
CA GLU G 183 -19.17 -57.89 -25.32
C GLU G 183 -20.36 -56.98 -25.05
N TYR G 184 -20.13 -55.67 -25.02
CA TYR G 184 -21.21 -54.69 -24.93
C TYR G 184 -21.72 -54.25 -26.29
N GLU G 185 -21.35 -54.98 -27.35
CA GLU G 185 -21.90 -54.86 -28.72
C GLU G 185 -21.69 -53.46 -29.32
N ILE G 186 -20.52 -52.88 -29.04
CA ILE G 186 -20.12 -51.61 -29.63
C ILE G 186 -18.68 -51.71 -30.11
N GLU G 187 -18.31 -50.78 -30.98
CA GLU G 187 -16.94 -50.67 -31.49
C GLU G 187 -16.34 -49.40 -30.91
N PHE G 188 -15.17 -49.52 -30.29
CA PHE G 188 -14.60 -48.40 -29.54
C PHE G 188 -13.08 -48.44 -29.60
N LYS G 189 -12.48 -47.26 -29.44
CA LYS G 189 -11.05 -47.07 -29.32
C LYS G 189 -10.79 -46.09 -28.19
N ARG G 190 -9.76 -46.36 -27.38
CA ARG G 190 -9.50 -45.55 -26.20
C ARG G 190 -8.93 -44.19 -26.60
N ASP G 191 -9.49 -43.13 -26.00
CA ASP G 191 -9.00 -41.77 -26.22
C ASP G 191 -9.25 -40.96 -24.95
N HIS G 192 -8.20 -40.36 -24.42
CA HIS G 192 -8.35 -39.51 -23.24
C HIS G 192 -9.05 -38.20 -23.57
N LYS G 193 -8.94 -37.73 -24.82
CA LYS G 193 -9.46 -36.42 -25.18
C LYS G 193 -10.96 -36.43 -25.50
N SER G 194 -11.56 -37.61 -25.66
CA SER G 194 -12.99 -37.69 -25.96
C SER G 194 -13.79 -37.51 -24.69
N ALA G 195 -14.90 -36.79 -24.80
CA ALA G 195 -15.73 -36.40 -23.65
C ALA G 195 -17.03 -37.18 -23.57
N ASP G 196 -17.11 -38.35 -24.21
CA ASP G 196 -18.30 -39.17 -24.11
C ASP G 196 -18.37 -39.84 -22.73
N ASN G 197 -19.56 -40.36 -22.40
CA ASN G 197 -19.82 -40.99 -21.11
C ASN G 197 -18.94 -42.22 -20.88
N TYR G 198 -18.70 -42.99 -21.94
CA TYR G 198 -17.94 -44.23 -21.87
C TYR G 198 -16.46 -43.94 -21.60
N ASN G 199 -15.89 -43.00 -22.36
CA ASN G 199 -14.50 -42.59 -22.15
C ASN G 199 -14.31 -41.86 -20.83
N LYS G 200 -15.27 -41.02 -20.42
CA LYS G 200 -15.10 -40.29 -19.17
C LYS G 200 -15.31 -41.19 -17.95
N PHE G 201 -16.15 -42.23 -18.07
CA PHE G 201 -16.21 -43.22 -17.00
C PHE G 201 -14.94 -44.04 -16.92
N LEU G 202 -14.33 -44.36 -18.08
CA LEU G 202 -13.02 -45.00 -18.08
C LEU G 202 -11.96 -44.11 -17.43
N THR G 203 -12.00 -42.80 -17.72
CA THR G 203 -10.99 -41.89 -17.18
C THR G 203 -11.17 -41.68 -15.69
N LEU G 204 -12.41 -41.56 -15.22
CA LEU G 204 -12.67 -41.44 -13.79
C LEU G 204 -12.27 -42.71 -13.04
N GLY G 205 -12.57 -43.89 -13.61
CA GLY G 205 -12.12 -45.13 -13.02
C GLY G 205 -10.61 -45.26 -13.01
N ASN G 206 -9.94 -44.75 -14.05
CA ASN G 206 -8.49 -44.74 -14.08
C ASN G 206 -7.92 -43.85 -12.98
N TYR G 207 -8.53 -42.69 -12.75
CA TYR G 207 -8.10 -41.79 -11.68
C TYR G 207 -8.33 -42.42 -10.31
N TYR G 208 -9.44 -43.15 -10.14
CA TYR G 208 -9.69 -43.79 -8.85
C TYR G 208 -8.74 -44.97 -8.63
N ALA G 209 -8.38 -45.70 -9.70
CA ALA G 209 -7.37 -46.74 -9.58
C ALA G 209 -5.99 -46.17 -9.31
N TYR G 210 -5.71 -44.96 -9.81
CA TYR G 210 -4.51 -44.23 -9.41
C TYR G 210 -4.54 -43.95 -7.92
N GLY G 211 -5.75 -43.65 -7.40
CA GLY G 211 -5.94 -43.53 -5.96
C GLY G 211 -5.66 -44.81 -5.21
N ILE G 212 -6.08 -45.97 -5.76
CA ILE G 212 -5.82 -47.24 -5.05
C ILE G 212 -4.33 -47.55 -5.09
N ALA G 213 -3.65 -47.13 -6.15
CA ALA G 213 -2.20 -47.25 -6.20
C ALA G 213 -1.56 -46.45 -5.08
N ARG G 214 -1.84 -45.14 -5.04
CA ARG G 214 -1.22 -44.24 -4.07
C ARG G 214 -1.52 -44.63 -2.63
N SER G 215 -2.74 -45.13 -2.37
CA SER G 215 -3.06 -45.62 -1.04
C SER G 215 -2.28 -46.90 -0.68
N SER G 216 -2.19 -47.86 -1.61
CA SER G 216 -1.50 -49.10 -1.30
C SER G 216 0.01 -48.90 -1.17
N LEU G 217 0.60 -47.99 -1.94
CA LEU G 217 1.96 -47.60 -1.63
C LEU G 217 2.12 -46.79 -0.35
N TRP G 218 1.13 -45.97 0.05
CA TRP G 218 1.31 -45.27 1.31
C TRP G 218 1.26 -46.21 2.50
N ALA G 219 0.49 -47.31 2.40
CA ALA G 219 0.39 -48.27 3.49
C ALA G 219 1.70 -49.01 3.78
N LEU G 220 2.71 -48.91 2.92
CA LEU G 220 4.00 -49.56 3.16
C LEU G 220 5.16 -48.57 3.23
N GLY G 221 4.93 -47.29 2.97
CA GLY G 221 6.01 -46.33 2.98
C GLY G 221 6.75 -46.18 1.67
N ILE G 222 6.50 -47.06 0.70
CA ILE G 222 6.93 -46.85 -0.68
C ILE G 222 6.21 -45.65 -1.26
N ASP G 223 6.87 -44.95 -2.18
CA ASP G 223 6.38 -43.66 -2.63
C ASP G 223 5.97 -43.71 -4.10
N ASN G 224 5.19 -42.71 -4.49
CA ASN G 224 4.52 -42.68 -5.79
C ASN G 224 5.45 -42.36 -6.94
N SER G 225 6.73 -42.11 -6.68
CA SER G 225 7.63 -41.56 -7.68
C SER G 225 8.54 -42.58 -8.34
N PHE G 226 8.30 -43.88 -8.19
CA PHE G 226 9.29 -44.91 -8.53
C PHE G 226 8.77 -45.95 -9.51
N PRO G 227 8.64 -45.62 -10.80
CA PRO G 227 8.05 -46.57 -11.75
C PRO G 227 8.96 -47.76 -12.01
N LEU G 228 8.34 -48.85 -12.48
CA LEU G 228 9.05 -50.04 -12.93
C LEU G 228 9.05 -50.19 -14.44
N LEU G 229 7.92 -49.89 -15.09
CA LEU G 229 7.78 -50.02 -16.53
C LEU G 229 7.96 -48.69 -17.26
N HIS G 230 7.26 -47.65 -16.83
CA HIS G 230 7.46 -46.33 -17.42
C HIS G 230 8.78 -45.73 -16.93
N GLY G 231 9.23 -44.68 -17.64
CA GLY G 231 10.54 -44.13 -17.40
C GLY G 231 10.62 -43.30 -16.13
N SER G 232 11.86 -42.93 -15.78
CA SER G 232 12.11 -42.21 -14.53
C SER G 232 11.62 -40.77 -14.57
N THR G 233 11.43 -40.19 -15.76
CA THR G 233 10.95 -38.83 -15.89
C THR G 233 9.43 -38.73 -15.84
N ARG G 234 8.72 -39.85 -15.85
CA ARG G 234 7.27 -39.84 -15.82
C ARG G 234 6.80 -39.59 -14.39
N ARG G 235 6.05 -38.51 -14.20
CA ARG G 235 5.63 -38.12 -12.85
C ARG G 235 4.54 -39.05 -12.35
N GLY G 236 4.83 -39.78 -11.29
CA GLY G 236 3.88 -40.73 -10.74
C GLY G 236 3.74 -42.01 -11.54
N GLY G 237 4.83 -42.47 -12.16
CA GLY G 237 4.75 -43.65 -13.01
C GLY G 237 4.50 -44.94 -12.28
N LEU G 238 4.90 -45.01 -11.00
CA LEU G 238 4.60 -46.20 -10.20
C LEU G 238 3.12 -46.29 -9.92
N VAL G 239 2.46 -45.15 -9.76
CA VAL G 239 1.01 -45.11 -9.58
C VAL G 239 0.31 -45.63 -10.83
N PHE G 240 0.79 -45.25 -12.02
CA PHE G 240 0.23 -45.81 -13.25
C PHE G 240 0.65 -47.25 -13.47
N ASP G 241 1.68 -47.73 -12.78
CA ASP G 241 2.05 -49.14 -12.87
C ASP G 241 1.12 -50.01 -12.01
N VAL G 242 0.98 -49.67 -10.73
CA VAL G 242 0.16 -50.46 -9.82
C VAL G 242 -1.33 -50.34 -10.13
N ALA G 243 -1.78 -49.23 -10.70
CA ALA G 243 -3.18 -49.14 -11.12
C ALA G 243 -3.47 -50.00 -12.34
N ASP G 244 -2.47 -50.19 -13.22
CA ASP G 244 -2.64 -51.02 -14.40
C ASP G 244 -2.79 -52.50 -14.05
N ILE G 245 -2.46 -52.89 -12.82
CA ILE G 245 -2.82 -54.22 -12.32
C ILE G 245 -4.33 -54.36 -12.27
N ILE G 246 -5.02 -53.30 -11.86
CA ILE G 246 -6.46 -53.34 -11.61
C ILE G 246 -7.27 -52.70 -12.73
N LYS G 247 -6.70 -51.71 -13.44
CA LYS G 247 -7.38 -50.95 -14.50
C LYS G 247 -7.89 -51.82 -15.64
N THR G 248 -7.32 -53.01 -15.83
CA THR G 248 -7.83 -53.98 -16.79
C THR G 248 -8.69 -55.07 -16.15
N SER G 249 -8.89 -55.04 -14.83
CA SER G 249 -9.47 -56.17 -14.12
C SER G 249 -10.80 -55.86 -13.45
N ILE G 250 -10.86 -54.81 -12.61
CA ILE G 250 -12.03 -54.51 -11.81
C ILE G 250 -12.61 -53.14 -12.14
N ILE G 251 -11.74 -52.14 -12.32
CA ILE G 251 -12.16 -50.81 -12.76
C ILE G 251 -12.82 -50.88 -14.13
N LEU G 252 -12.25 -51.69 -15.04
CA LEU G 252 -12.78 -51.79 -16.40
C LEU G 252 -14.20 -52.34 -16.49
N PRO G 253 -14.57 -53.49 -15.88
CA PRO G 253 -15.98 -53.92 -16.01
C PRO G 253 -16.94 -53.08 -15.19
N LEU G 254 -16.52 -52.55 -14.04
CA LEU G 254 -17.39 -51.69 -13.25
C LEU G 254 -17.71 -50.39 -13.99
N ALA G 255 -16.69 -49.78 -14.59
CA ALA G 255 -16.90 -48.55 -15.37
C ALA G 255 -17.70 -48.83 -16.64
N PHE G 256 -17.48 -49.99 -17.27
CA PHE G 256 -18.22 -50.31 -18.48
C PHE G 256 -19.68 -50.62 -18.18
N HIS G 257 -19.96 -51.26 -17.04
CA HIS G 257 -21.33 -51.51 -16.63
C HIS G 257 -22.03 -50.21 -16.22
N ALA G 258 -21.28 -49.29 -15.58
CA ALA G 258 -21.86 -48.01 -15.20
C ALA G 258 -22.15 -47.16 -16.42
N ALA G 259 -21.32 -47.25 -17.46
CA ALA G 259 -21.60 -46.55 -18.71
C ALA G 259 -22.72 -47.21 -19.50
N ASP G 260 -22.85 -48.53 -19.43
CA ASP G 260 -23.89 -49.23 -20.17
C ASP G 260 -25.26 -49.00 -19.55
N GLN G 261 -25.37 -49.10 -18.22
CA GLN G 261 -26.63 -48.90 -17.54
C GLN G 261 -26.90 -47.45 -17.18
N GLY G 262 -25.92 -46.57 -17.38
CA GLY G 262 -26.15 -45.13 -17.33
C GLY G 262 -26.39 -44.52 -15.96
N MET G 263 -25.67 -44.95 -14.93
CA MET G 263 -25.70 -44.22 -13.68
C MET G 263 -24.77 -43.01 -13.74
N SER G 264 -24.79 -42.21 -12.67
CA SER G 264 -23.97 -41.01 -12.61
C SER G 264 -22.57 -41.34 -12.12
N ASN G 265 -21.76 -40.29 -11.96
CA ASN G 265 -20.36 -40.45 -11.59
C ASN G 265 -20.21 -40.77 -10.10
N THR G 266 -21.04 -40.13 -9.25
CA THR G 266 -20.89 -40.29 -7.81
C THR G 266 -21.31 -41.69 -7.34
N GLU G 267 -22.40 -42.22 -7.90
CA GLU G 267 -22.80 -43.57 -7.53
C GLU G 267 -21.88 -44.61 -8.15
N PHE G 268 -21.21 -44.29 -9.26
CA PHE G 268 -20.21 -45.19 -9.81
C PHE G 268 -18.96 -45.20 -8.92
N LYS G 269 -18.61 -44.05 -8.36
CA LYS G 269 -17.58 -43.99 -7.31
C LYS G 269 -17.99 -44.80 -6.08
N ARG G 270 -19.26 -44.71 -5.70
CA ARG G 270 -19.75 -45.46 -4.53
C ARG G 270 -19.72 -46.97 -4.78
N SER G 271 -20.06 -47.40 -6.00
CA SER G 271 -20.00 -48.82 -6.33
C SER G 271 -18.55 -49.31 -6.39
N CYS G 272 -17.64 -48.48 -6.92
CA CYS G 272 -16.22 -48.81 -6.91
C CYS G 272 -15.68 -48.93 -5.49
N VAL G 273 -16.10 -48.03 -4.59
CA VAL G 273 -15.66 -48.07 -3.20
C VAL G 273 -16.23 -49.30 -2.49
N ALA G 274 -17.47 -49.67 -2.80
CA ALA G 274 -18.08 -50.88 -2.24
C ALA G 274 -17.34 -52.14 -2.69
N TYR G 275 -16.96 -52.19 -3.97
CA TYR G 275 -16.15 -53.32 -4.45
C TYR G 275 -14.75 -53.29 -3.84
N PHE G 276 -14.20 -52.09 -3.58
CA PHE G 276 -12.86 -51.99 -3.02
C PHE G 276 -12.82 -52.42 -1.57
N ASP G 277 -13.90 -52.16 -0.82
CA ASP G 277 -13.97 -52.54 0.58
C ASP G 277 -14.44 -53.97 0.79
N LYS G 278 -15.30 -54.50 -0.09
CA LYS G 278 -15.86 -55.83 0.13
C LYS G 278 -14.87 -56.92 -0.20
N ASN G 279 -14.04 -56.74 -1.24
CA ASN G 279 -13.15 -57.79 -1.73
C ASN G 279 -11.68 -57.48 -1.49
N ASP G 280 -11.37 -56.70 -0.44
CA ASP G 280 -10.05 -56.32 0.11
C ASP G 280 -8.94 -56.09 -0.92
N ILE G 281 -9.19 -55.18 -1.86
CA ILE G 281 -8.28 -54.94 -2.98
C ILE G 281 -6.98 -54.32 -2.50
N LEU G 282 -7.07 -53.41 -1.53
CA LEU G 282 -5.88 -52.76 -0.97
C LEU G 282 -4.96 -53.78 -0.31
N ALA G 283 -5.55 -54.71 0.46
CA ALA G 283 -4.78 -55.77 1.10
C ALA G 283 -4.14 -56.70 0.08
N TYR G 284 -4.81 -56.94 -1.04
CA TYR G 284 -4.21 -57.77 -2.08
C TYR G 284 -3.05 -57.05 -2.75
N LEU G 285 -3.12 -55.71 -2.88
CA LEU G 285 -1.98 -54.98 -3.40
C LEU G 285 -0.80 -54.98 -2.43
N ILE G 286 -1.08 -54.92 -1.12
CA ILE G 286 -0.03 -55.10 -0.12
C ILE G 286 0.61 -56.47 -0.22
N ASN G 287 -0.20 -57.51 -0.36
CA ASN G 287 0.33 -58.87 -0.52
C ASN G 287 1.15 -59.00 -1.80
N ASN G 288 0.71 -58.35 -2.88
CA ASN G 288 1.44 -58.33 -4.15
C ASN G 288 2.82 -57.70 -4.00
N ILE G 289 2.86 -56.51 -3.38
CA ILE G 289 4.14 -55.81 -3.20
C ILE G 289 5.04 -56.57 -2.24
N LYS G 290 4.45 -57.20 -1.22
CA LYS G 290 5.25 -57.95 -0.24
C LYS G 290 5.84 -59.21 -0.84
N ARG G 291 5.14 -59.88 -1.75
CA ARG G 291 5.79 -61.02 -2.40
C ARG G 291 6.71 -60.59 -3.52
N LEU G 292 6.53 -59.39 -4.09
CA LEU G 292 7.47 -58.90 -5.08
C LEU G 292 8.74 -58.34 -4.42
N CYS G 293 8.66 -58.05 -3.11
CA CYS G 293 9.72 -57.36 -2.39
C CYS G 293 10.74 -58.33 -1.83
N MET G 294 10.29 -59.26 -0.98
CA MET G 294 11.18 -60.19 -0.31
C MET G 294 11.72 -61.28 -1.23
N GLU G 295 11.08 -61.49 -2.39
CA GLU G 295 11.43 -62.50 -3.40
C GLU G 295 11.51 -63.92 -2.83
N MET H 1 -26.09 41.27 -1.15
CA MET H 1 -26.25 42.29 -2.18
C MET H 1 -24.89 42.91 -2.53
N GLN H 2 -24.77 43.44 -3.74
CA GLN H 2 -23.53 44.06 -4.18
C GLN H 2 -23.29 45.38 -3.45
N LYS H 3 -22.01 45.70 -3.21
CA LYS H 3 -21.63 46.87 -2.45
C LYS H 3 -20.57 47.65 -3.19
N GLN H 4 -20.70 48.98 -3.15
CA GLN H 4 -19.77 49.89 -3.80
C GLN H 4 -18.91 50.55 -2.72
N ILE H 5 -17.59 50.46 -2.88
CA ILE H 5 -16.66 51.03 -1.91
C ILE H 5 -15.58 51.81 -2.66
N LEU H 6 -15.39 53.07 -2.27
CA LEU H 6 -14.44 53.96 -2.92
C LEU H 6 -13.00 53.54 -2.62
N THR H 7 -12.16 53.50 -3.65
CA THR H 7 -10.72 53.33 -3.47
C THR H 7 -9.98 54.66 -3.64
N SER H 8 -10.05 55.27 -4.82
CA SER H 8 -9.40 56.56 -5.05
C SER H 8 -10.37 57.66 -5.45
N GLN H 9 -11.06 57.51 -6.58
CA GLN H 9 -11.99 58.54 -7.07
C GLN H 9 -13.31 58.00 -7.57
N LYS H 10 -13.42 56.71 -7.91
CA LYS H 10 -14.66 56.10 -8.33
C LYS H 10 -14.86 54.81 -7.55
N ARG H 11 -16.11 54.37 -7.47
CA ARG H 11 -16.47 53.18 -6.70
C ARG H 11 -16.02 51.92 -7.44
N ASN H 12 -14.71 51.66 -7.44
CA ASN H 12 -14.12 50.61 -8.27
C ASN H 12 -13.79 49.34 -7.48
N MET H 13 -14.29 49.20 -6.26
CA MET H 13 -14.14 47.97 -5.49
C MET H 13 -15.53 47.43 -5.21
N TYR H 14 -15.84 46.28 -5.78
CA TYR H 14 -17.15 45.66 -5.68
C TYR H 14 -17.08 44.46 -4.73
N ILE H 15 -18.03 44.41 -3.80
CA ILE H 15 -18.16 43.28 -2.89
C ILE H 15 -19.39 42.49 -3.32
N LEU H 16 -19.16 41.24 -3.70
CA LEU H 16 -20.18 40.37 -4.25
C LEU H 16 -20.48 39.27 -3.24
N SER H 17 -21.66 39.37 -2.62
CA SER H 17 -22.13 38.46 -1.59
C SER H 17 -22.81 37.24 -2.26
N ARG H 18 -23.54 36.45 -1.47
CA ARG H 18 -24.05 35.12 -1.79
C ARG H 18 -24.74 34.99 -3.15
N CYS H 19 -24.12 34.28 -4.09
CA CYS H 19 -24.60 34.18 -5.46
C CYS H 19 -23.84 33.10 -6.23
N LYS H 20 -24.07 33.04 -7.54
CA LYS H 20 -23.26 32.26 -8.47
C LYS H 20 -22.84 33.16 -9.62
N VAL H 21 -21.56 33.08 -10.00
CA VAL H 21 -20.97 33.94 -11.02
C VAL H 21 -20.74 33.10 -12.28
N LEU H 22 -21.19 33.60 -13.42
CA LEU H 22 -21.08 32.88 -14.68
C LEU H 22 -21.14 33.88 -15.84
N VAL H 23 -20.77 33.40 -17.02
CA VAL H 23 -20.86 34.18 -18.25
C VAL H 23 -22.26 34.04 -18.82
N LYS H 24 -22.94 35.16 -19.02
CA LYS H 24 -24.25 35.19 -19.63
C LYS H 24 -24.21 36.11 -20.84
N ASN H 25 -24.54 35.56 -22.02
CA ASN H 25 -24.57 36.27 -23.31
C ASN H 25 -23.22 36.92 -23.65
N GLY H 26 -22.14 36.21 -23.34
CA GLY H 26 -20.82 36.71 -23.67
C GLY H 26 -20.33 37.86 -22.83
N GLN H 27 -20.77 37.96 -21.57
CA GLN H 27 -20.31 38.98 -20.66
C GLN H 27 -20.44 38.45 -19.24
N VAL H 28 -19.61 38.96 -18.34
CA VAL H 28 -19.55 38.47 -16.96
C VAL H 28 -20.76 38.99 -16.20
N CYS H 29 -21.56 38.07 -15.64
CA CYS H 29 -22.72 38.39 -14.83
C CYS H 29 -22.68 37.57 -13.55
N HIS H 30 -23.71 37.71 -12.73
CA HIS H 30 -23.80 36.96 -11.48
C HIS H 30 -25.27 36.81 -11.09
N LEU H 31 -25.57 35.69 -10.42
CA LEU H 31 -26.94 35.27 -10.12
C LEU H 31 -27.08 35.01 -8.63
N HIS H 32 -27.83 35.87 -7.94
CA HIS H 32 -28.09 35.70 -6.51
C HIS H 32 -29.00 34.50 -6.26
N GLU H 33 -29.11 34.14 -4.99
CA GLU H 33 -29.94 33.01 -4.56
C GLU H 33 -31.42 33.35 -4.52
N ASP H 34 -31.79 34.63 -4.66
CA ASP H 34 -33.18 35.03 -4.73
C ASP H 34 -33.77 34.96 -6.13
N GLY H 35 -32.95 34.63 -7.14
CA GLY H 35 -33.42 34.52 -8.50
C GLY H 35 -33.25 35.75 -9.37
N ASN H 36 -32.45 36.72 -8.94
CA ASN H 36 -32.22 37.95 -9.69
C ASN H 36 -30.81 37.95 -10.24
N VAL H 37 -30.69 38.15 -11.56
CA VAL H 37 -29.40 38.16 -12.24
C VAL H 37 -28.98 39.61 -12.50
N TYR H 38 -27.72 39.91 -12.19
CA TYR H 38 -27.12 41.21 -12.45
C TYR H 38 -25.84 41.03 -13.25
N THR H 39 -25.62 41.92 -14.21
CA THR H 39 -24.34 41.96 -14.91
C THR H 39 -23.37 42.84 -14.14
N VAL H 40 -22.16 43.00 -14.68
CA VAL H 40 -21.22 43.94 -14.09
C VAL H 40 -20.93 45.07 -15.07
N PRO H 41 -20.72 46.29 -14.58
CA PRO H 41 -20.04 47.30 -15.37
C PRO H 41 -18.55 46.99 -15.40
N TYR H 42 -17.87 47.51 -16.42
CA TYR H 42 -16.49 47.11 -16.62
C TYR H 42 -15.53 48.30 -16.52
N ALA H 43 -15.93 49.45 -17.07
CA ALA H 43 -15.17 50.67 -16.82
C ALA H 43 -15.35 51.18 -15.39
N ASN H 44 -16.49 50.88 -14.76
CA ASN H 44 -16.70 51.27 -13.37
C ASN H 44 -15.92 50.37 -12.42
N THR H 45 -15.81 49.08 -12.77
CA THR H 45 -15.27 48.07 -11.87
C THR H 45 -13.81 47.80 -12.22
N VAL H 46 -12.92 47.97 -11.25
CA VAL H 46 -11.55 47.51 -11.34
C VAL H 46 -11.29 46.35 -10.38
N PHE H 47 -11.88 46.41 -9.20
CA PHE H 47 -11.69 45.41 -8.15
C PHE H 47 -13.02 44.75 -7.86
N ILE H 48 -13.04 43.42 -7.80
CA ILE H 48 -14.24 42.67 -7.48
C ILE H 48 -13.91 41.65 -6.40
N GLY H 49 -14.67 41.66 -5.31
CA GLY H 49 -14.45 40.80 -4.17
C GLY H 49 -15.59 39.80 -4.00
N LEU H 50 -15.28 38.67 -3.39
CA LEU H 50 -16.22 37.58 -3.24
C LEU H 50 -16.28 37.14 -1.78
N ALA H 51 -17.51 37.08 -1.24
CA ALA H 51 -17.72 36.77 0.17
C ALA H 51 -18.37 35.40 0.31
N GLU H 52 -18.82 35.05 1.51
CA GLU H 52 -19.29 33.69 1.80
C GLU H 52 -20.59 33.38 1.06
N GLY H 53 -20.49 32.46 0.10
CA GLY H 53 -21.65 31.99 -0.65
C GLY H 53 -21.51 32.07 -2.16
N THR H 54 -20.31 32.32 -2.68
CA THR H 54 -20.09 32.60 -4.09
C THR H 54 -19.23 31.54 -4.76
N SER H 55 -19.35 31.46 -6.09
CA SER H 55 -18.51 30.62 -6.93
C SER H 55 -18.44 31.22 -8.33
N ILE H 56 -17.25 31.26 -8.91
CA ILE H 56 -17.02 31.92 -10.19
C ILE H 56 -16.47 30.91 -11.20
N THR H 57 -17.06 30.89 -12.39
CA THR H 57 -16.59 30.03 -13.47
C THR H 57 -15.28 30.55 -14.05
N ASN H 58 -14.55 29.66 -14.72
CA ASN H 58 -13.24 30.00 -15.27
C ASN H 58 -13.35 30.92 -16.48
N GLU H 59 -14.42 30.80 -17.27
CA GLU H 59 -14.63 31.69 -18.40
C GLU H 59 -14.85 33.12 -17.94
N ALA H 60 -15.62 33.31 -16.86
CA ALA H 60 -15.78 34.63 -16.26
C ALA H 60 -14.46 35.14 -15.69
N MET H 61 -13.65 34.25 -15.13
CA MET H 61 -12.34 34.61 -14.61
C MET H 61 -11.43 35.12 -15.72
N SER H 62 -11.40 34.41 -16.85
CA SER H 62 -10.55 34.81 -17.96
C SER H 62 -11.07 36.07 -18.65
N MET H 63 -12.38 36.25 -18.70
CA MET H 63 -12.93 37.47 -19.31
C MET H 63 -12.73 38.67 -18.40
N LEU H 64 -12.75 38.48 -17.09
CA LEU H 64 -12.46 39.58 -16.18
C LEU H 64 -10.99 39.95 -16.22
N ALA H 65 -10.11 38.95 -16.26
CA ALA H 65 -8.67 39.24 -16.32
C ALA H 65 -8.18 39.54 -17.73
N ALA H 66 -9.06 39.48 -18.73
CA ALA H 66 -8.62 39.64 -20.12
C ALA H 66 -8.41 41.09 -20.52
N ASN H 67 -9.26 42.01 -20.07
CA ASN H 67 -9.17 43.40 -20.52
C ASN H 67 -9.09 44.40 -19.36
N GLY H 68 -8.76 43.97 -18.15
CA GLY H 68 -8.42 44.93 -17.12
C GLY H 68 -9.25 44.98 -15.85
N VAL H 69 -9.70 43.82 -15.35
CA VAL H 69 -10.27 43.72 -14.01
C VAL H 69 -9.47 42.68 -13.25
N ILE H 70 -9.12 42.98 -11.99
CA ILE H 70 -8.45 42.03 -11.11
C ILE H 70 -9.43 41.60 -10.03
N VAL H 71 -9.63 40.29 -9.91
CA VAL H 71 -10.55 39.70 -8.95
C VAL H 71 -9.80 39.48 -7.64
N PHE H 72 -10.54 39.43 -6.54
CA PHE H 72 -9.96 38.96 -5.27
C PHE H 72 -11.02 38.28 -4.44
N TRP H 73 -10.56 37.52 -3.45
CA TRP H 73 -11.39 36.81 -2.51
C TRP H 73 -11.19 37.38 -1.11
N THR H 74 -12.20 37.22 -0.25
CA THR H 74 -12.22 37.88 1.05
C THR H 74 -13.19 37.17 1.98
N LYS H 75 -13.13 37.55 3.26
CA LYS H 75 -14.09 37.11 4.27
C LYS H 75 -15.42 37.85 4.10
N GLY H 76 -16.35 37.61 5.03
CA GLY H 76 -17.61 38.31 5.06
C GLY H 76 -17.47 39.80 5.32
N GLY H 77 -18.12 40.61 4.49
CA GLY H 77 -18.01 42.05 4.59
C GLY H 77 -16.96 42.69 3.71
N GLY H 78 -16.04 41.90 3.16
CA GLY H 78 -15.05 42.42 2.24
C GLY H 78 -13.86 43.08 2.88
N TYR H 79 -13.73 43.02 4.20
CA TYR H 79 -12.67 43.72 4.91
C TYR H 79 -11.78 42.76 5.68
N ASP H 80 -11.52 41.59 5.10
CA ASP H 80 -10.42 40.71 5.47
C ASP H 80 -10.24 39.75 4.29
N MET H 81 -9.11 39.82 3.61
CA MET H 81 -8.92 39.03 2.41
C MET H 81 -8.04 37.81 2.68
N PHE H 82 -8.22 36.78 1.86
CA PHE H 82 -7.36 35.60 1.92
C PHE H 82 -6.82 35.12 0.60
N ALA H 83 -7.35 35.55 -0.54
CA ALA H 83 -6.87 35.08 -1.83
C ALA H 83 -7.01 36.19 -2.86
N ALA H 84 -5.88 36.54 -3.50
CA ALA H 84 -5.84 37.65 -4.43
C ALA H 84 -4.57 37.56 -5.25
N ASP H 85 -4.69 37.79 -6.55
CA ASP H 85 -3.51 38.15 -7.32
C ASP H 85 -3.18 39.62 -7.04
N ILE H 86 -1.91 39.97 -7.24
CA ILE H 86 -1.37 41.23 -6.75
C ILE H 86 -1.32 42.21 -7.92
N ILE H 87 -1.44 43.50 -7.61
CA ILE H 87 -1.79 44.52 -8.59
C ILE H 87 -0.58 44.90 -9.44
N CYS H 88 -0.80 45.08 -10.73
CA CYS H 88 0.16 45.67 -11.66
C CYS H 88 -0.42 46.97 -12.22
N HIS H 89 0.33 47.60 -13.12
CA HIS H 89 -0.15 48.82 -13.77
C HIS H 89 -1.27 48.48 -14.75
N LEU H 90 -0.95 47.68 -15.77
CA LEU H 90 -1.94 47.08 -16.64
C LEU H 90 -1.73 45.57 -16.53
N PRO H 91 -2.75 44.80 -16.12
CA PRO H 91 -2.51 43.39 -15.74
C PRO H 91 -2.22 42.46 -16.91
N GLN H 92 -2.36 42.89 -18.16
CA GLN H 92 -2.19 42.01 -19.30
C GLN H 92 -0.90 42.27 -20.08
N ALA H 93 -0.67 43.51 -20.52
CA ALA H 93 0.49 43.79 -21.36
C ALA H 93 1.78 43.79 -20.56
N ASP H 94 1.75 44.37 -19.35
CA ASP H 94 2.94 44.48 -18.51
C ASP H 94 2.74 43.67 -17.24
N TYR H 95 3.85 43.37 -16.57
CA TYR H 95 3.80 42.78 -15.24
C TYR H 95 5.03 43.25 -14.48
N ARG H 96 4.82 44.13 -13.51
CA ARG H 96 5.88 44.75 -12.71
C ARG H 96 5.24 45.24 -11.42
N PRO H 97 6.03 45.43 -10.36
CA PRO H 97 5.47 46.11 -9.18
C PRO H 97 5.08 47.55 -9.50
N THR H 98 4.05 48.01 -8.80
CA THR H 98 3.41 49.29 -9.11
C THR H 98 4.34 50.45 -8.76
N LYS H 99 3.93 51.65 -9.18
CA LYS H 99 4.62 52.86 -8.75
C LYS H 99 4.44 53.13 -7.27
N TYR H 100 3.35 52.62 -6.68
CA TYR H 100 3.20 52.65 -5.23
C TYR H 100 4.23 51.77 -4.55
N MET H 101 4.43 50.54 -5.09
CA MET H 101 5.57 49.71 -4.71
C MET H 101 6.91 50.40 -4.95
N GLN H 102 7.05 51.12 -6.06
CA GLN H 102 8.32 51.75 -6.39
C GLN H 102 8.68 52.85 -5.39
N ASN H 103 7.77 53.79 -5.16
CA ASN H 103 8.05 54.85 -4.19
C ASN H 103 8.07 54.33 -2.76
N TRP H 104 7.31 53.26 -2.48
CA TRP H 104 7.31 52.69 -1.14
C TRP H 104 8.64 52.00 -0.83
N VAL H 105 9.22 51.31 -1.82
CA VAL H 105 10.52 50.71 -1.58
C VAL H 105 11.64 51.74 -1.64
N ARG H 106 11.44 52.87 -2.34
CA ARG H 106 12.41 53.96 -2.27
CA ARG H 106 12.41 53.95 -2.27
C ARG H 106 12.43 54.59 -0.89
N LEU H 107 11.26 54.78 -0.28
CA LEU H 107 11.24 55.32 1.08
C LEU H 107 11.65 54.28 2.11
N TRP H 108 11.45 52.99 1.82
CA TRP H 108 11.89 51.95 2.75
C TRP H 108 13.40 51.74 2.73
N LEU H 109 14.03 51.84 1.56
CA LEU H 109 15.47 51.60 1.46
C LEU H 109 16.30 52.84 1.78
N ASP H 110 15.70 54.02 1.87
CA ASP H 110 16.42 55.23 2.23
C ASP H 110 16.17 55.51 3.71
N GLU H 111 17.26 55.54 4.50
CA GLU H 111 17.17 55.55 5.95
C GLU H 111 16.59 56.87 6.48
N GLU H 112 17.01 58.00 5.91
CA GLU H 112 16.41 59.28 6.28
C GLU H 112 14.96 59.33 5.84
N LYS H 113 14.66 58.80 4.66
CA LYS H 113 13.26 58.74 4.23
C LYS H 113 12.49 57.67 4.98
N LYS H 114 13.18 56.64 5.49
CA LYS H 114 12.56 55.67 6.40
C LYS H 114 12.08 56.36 7.68
N LEU H 115 12.94 57.17 8.30
CA LEU H 115 12.55 57.88 9.51
C LEU H 115 11.52 58.96 9.23
N SER H 116 11.62 59.61 8.07
CA SER H 116 10.62 60.61 7.68
C SER H 116 9.26 59.97 7.44
N ALA H 117 9.24 58.76 6.85
CA ALA H 117 7.99 58.06 6.63
C ALA H 117 7.39 57.56 7.94
N ALA H 118 8.25 57.16 8.88
CA ALA H 118 7.76 56.81 10.22
C ALA H 118 7.14 58.02 10.93
N LYS H 119 7.81 59.17 10.87
CA LYS H 119 7.27 60.39 11.46
C LYS H 119 5.98 60.81 10.76
N GLU H 120 5.91 60.61 9.45
CA GLU H 120 4.72 61.01 8.71
C GLU H 120 3.56 60.07 8.98
N ILE H 121 3.82 58.78 9.21
CA ILE H 121 2.70 57.88 9.48
C ILE H 121 2.20 58.07 10.92
N LEU H 122 3.07 58.44 11.87
CA LEU H 122 2.53 58.90 13.15
C LEU H 122 1.81 60.25 13.02
N LYS H 123 2.23 61.11 12.09
CA LYS H 123 1.51 62.37 11.90
C LYS H 123 0.11 62.12 11.29
N MET H 124 0.00 61.13 10.40
CA MET H 124 -1.32 60.68 9.97
C MET H 124 -2.08 59.94 11.05
N ARG H 125 -1.41 59.38 12.06
CA ARG H 125 -2.12 58.86 13.22
C ARG H 125 -2.75 59.99 14.04
N VAL H 126 -2.01 61.09 14.21
CA VAL H 126 -2.58 62.35 14.74
C VAL H 126 -3.77 62.81 13.91
N ASP H 127 -3.63 62.84 12.59
CA ASP H 127 -4.72 63.31 11.73
C ASP H 127 -5.90 62.36 11.70
N SER H 128 -5.67 61.07 11.96
CA SER H 128 -6.77 60.13 12.07
C SER H 128 -7.53 60.31 13.37
N LEU H 129 -6.82 60.59 14.46
CA LEU H 129 -7.52 60.90 15.71
C LEU H 129 -8.28 62.22 15.60
N SER H 130 -7.70 63.22 14.95
CA SER H 130 -8.36 64.51 14.81
C SER H 130 -9.49 64.47 13.78
N THR H 131 -9.46 63.52 12.85
CA THR H 131 -10.46 63.45 11.78
C THR H 131 -11.65 62.59 12.18
N HIS H 132 -11.39 61.33 12.57
CA HIS H 132 -12.46 60.41 12.88
C HIS H 132 -13.01 60.71 14.27
N VAL H 133 -14.09 61.49 14.32
CA VAL H 133 -14.75 61.83 15.57
C VAL H 133 -15.96 60.92 15.74
N HIS H 134 -16.22 60.55 16.98
CA HIS H 134 -17.34 59.66 17.31
C HIS H 134 -18.11 60.25 18.47
N ASP H 135 -19.43 60.10 18.42
CA ASP H 135 -20.29 60.66 19.47
C ASP H 135 -20.16 59.91 20.79
N PHE H 136 -19.69 58.67 20.78
CA PHE H 136 -19.44 57.91 21.99
C PHE H 136 -17.97 58.02 22.38
N GLY H 137 -17.64 57.51 23.56
CA GLY H 137 -16.26 57.53 24.01
C GLY H 137 -15.80 58.92 24.42
N VAL H 138 -14.49 59.13 24.35
CA VAL H 138 -13.92 60.42 24.72
C VAL H 138 -14.15 61.42 23.60
N ASP H 139 -14.00 62.70 23.96
CA ASP H 139 -14.01 63.76 22.96
C ASP H 139 -12.59 64.16 22.62
N VAL H 140 -12.30 64.28 21.32
CA VAL H 140 -10.93 64.56 20.89
C VAL H 140 -10.55 66.02 21.08
N GLU H 141 -11.51 66.90 21.38
CA GLU H 141 -11.26 68.33 21.48
C GLU H 141 -11.22 68.84 22.93
N ASN H 142 -11.18 67.96 23.92
CA ASN H 142 -11.14 68.40 25.30
C ASN H 142 -9.69 68.68 25.71
N LYS H 143 -9.47 68.87 27.01
CA LYS H 143 -8.13 69.24 27.49
C LYS H 143 -7.20 68.02 27.56
N ARG H 144 -7.68 66.92 28.15
CA ARG H 144 -6.81 65.77 28.43
C ARG H 144 -6.40 65.06 27.16
N VAL H 145 -7.38 64.79 26.27
CA VAL H 145 -7.11 64.07 25.03
C VAL H 145 -6.16 64.86 24.16
N SER H 146 -6.47 66.13 23.91
CA SER H 146 -5.62 66.97 23.05
C SER H 146 -4.29 67.29 23.71
N SER H 147 -4.22 67.25 25.05
CA SER H 147 -2.93 67.36 25.72
C SER H 147 -2.05 66.15 25.43
N ILE H 148 -2.63 64.95 25.44
CA ILE H 148 -1.88 63.75 25.10
C ILE H 148 -1.50 63.76 23.61
N VAL H 149 -2.37 64.30 22.76
CA VAL H 149 -2.05 64.51 21.34
C VAL H 149 -0.87 65.46 21.18
N ASN H 150 -0.84 66.56 21.93
CA ASN H 150 0.27 67.50 21.85
C ASN H 150 1.57 66.89 22.37
N LYS H 151 1.47 66.08 23.43
CA LYS H 151 2.64 65.38 23.95
C LYS H 151 3.18 64.38 22.93
N PHE H 152 2.29 63.68 22.24
CA PHE H 152 2.71 62.76 21.17
C PHE H 152 3.36 63.51 20.01
N ASP H 153 2.81 64.69 19.66
CA ASP H 153 3.37 65.47 18.57
C ASP H 153 4.76 65.99 18.92
N LYS H 154 4.96 66.44 20.16
CA LYS H 154 6.29 66.82 20.62
C LYS H 154 7.22 65.62 20.66
N GLY H 155 6.69 64.45 21.01
CA GLY H 155 7.50 63.24 21.03
C GLY H 155 7.99 62.82 19.66
N VAL H 156 7.12 62.86 18.65
CA VAL H 156 7.56 62.47 17.31
C VAL H 156 8.47 63.55 16.72
N THR H 157 8.18 64.84 16.94
CA THR H 157 8.99 65.89 16.33
C THR H 157 10.35 66.02 16.99
N GLN H 158 10.49 65.59 18.25
CA GLN H 158 11.78 65.68 18.92
C GLN H 158 12.55 64.36 18.95
N ALA H 159 12.02 63.29 18.35
CA ALA H 159 12.73 62.02 18.37
C ALA H 159 13.62 61.86 17.14
N THR H 160 14.63 61.02 17.30
CA THR H 160 15.55 60.66 16.22
C THR H 160 15.60 59.16 15.97
N SER H 161 15.65 58.35 17.03
CA SER H 161 15.78 56.91 16.90
C SER H 161 14.41 56.26 16.70
N PHE H 162 14.43 55.00 16.24
CA PHE H 162 13.20 54.25 16.02
C PHE H 162 12.59 53.79 17.34
N GLU H 163 13.45 53.42 18.30
CA GLU H 163 12.97 52.93 19.60
C GLU H 163 12.32 54.05 20.41
N SER H 164 12.76 55.29 20.21
CA SER H 164 12.08 56.44 20.82
C SER H 164 10.67 56.58 20.25
N LEU H 165 10.51 56.39 18.93
CA LEU H 165 9.19 56.45 18.31
C LEU H 165 8.30 55.31 18.81
N LEU H 166 8.88 54.11 18.99
CA LEU H 166 8.15 53.00 19.56
C LEU H 166 7.74 53.26 21.01
N GLY H 167 8.60 53.89 21.80
CA GLY H 167 8.23 54.25 23.16
C GLY H 167 7.13 55.30 23.20
N HIS H 168 7.16 56.26 22.27
CA HIS H 168 6.10 57.26 22.17
C HIS H 168 4.78 56.62 21.77
N GLU H 169 4.82 55.64 20.86
CA GLU H 169 3.61 54.91 20.49
C GLU H 169 3.10 54.09 21.68
N GLY H 170 4.02 53.54 22.47
CA GLY H 170 3.62 52.79 23.66
C GLY H 170 2.92 53.65 24.70
N THR H 171 3.49 54.83 25.02
CA THR H 171 2.79 55.66 26.00
C THR H 171 1.53 56.26 25.40
N PHE H 172 1.46 56.41 24.08
CA PHE H 172 0.22 56.80 23.42
C PHE H 172 -0.88 55.77 23.64
N VAL H 173 -0.58 54.48 23.41
CA VAL H 173 -1.63 53.48 23.50
C VAL H 173 -2.03 53.24 24.96
N LYS H 174 -1.07 53.28 25.90
CA LYS H 174 -1.46 53.15 27.31
C LYS H 174 -2.24 54.37 27.80
N SER H 175 -1.86 55.57 27.34
CA SER H 175 -2.59 56.77 27.73
C SER H 175 -4.01 56.76 27.18
N LEU H 176 -4.16 56.44 25.88
CA LEU H 176 -5.47 56.42 25.25
C LEU H 176 -6.36 55.34 25.85
N TYR H 177 -5.77 54.19 26.21
CA TYR H 177 -6.50 53.15 26.91
C TYR H 177 -6.96 53.63 28.28
N LYS H 178 -6.12 54.40 28.98
CA LYS H 178 -6.49 54.92 30.30
C LYS H 178 -7.64 55.91 30.23
N GLU H 179 -7.61 56.84 29.27
CA GLU H 179 -8.72 57.81 29.21
C GLU H 179 -10.00 57.20 28.65
N TYR H 180 -9.89 56.25 27.72
CA TYR H 180 -11.09 55.55 27.25
C TYR H 180 -11.69 54.70 28.36
N ALA H 181 -10.85 54.07 29.18
CA ALA H 181 -11.32 53.33 30.34
C ALA H 181 -11.93 54.26 31.39
N LEU H 182 -11.38 55.48 31.52
CA LEU H 182 -11.95 56.46 32.45
C LEU H 182 -13.27 57.01 31.95
N GLU H 183 -13.52 56.96 30.62
CA GLU H 183 -14.78 57.47 30.08
C GLU H 183 -15.97 56.61 30.51
N TYR H 184 -15.81 55.29 30.56
CA TYR H 184 -16.86 54.40 31.06
C TYR H 184 -16.61 53.93 32.48
N GLU H 185 -15.49 54.37 33.09
CA GLU H 185 -15.19 54.21 34.53
C GLU H 185 -15.02 52.75 34.96
N ILE H 186 -14.30 51.94 34.18
CA ILE H 186 -13.79 50.66 34.64
C ILE H 186 -12.28 50.68 34.42
N GLU H 187 -11.53 50.14 35.38
CA GLU H 187 -10.07 50.06 35.26
C GLU H 187 -9.69 48.92 34.30
N PHE H 188 -8.72 49.19 33.43
CA PHE H 188 -8.21 48.18 32.50
C PHE H 188 -6.68 48.18 32.48
N LYS H 189 -6.14 47.04 32.06
CA LYS H 189 -4.74 46.88 31.69
C LYS H 189 -4.68 45.97 30.48
N ARG H 190 -3.86 46.34 29.49
CA ARG H 190 -3.84 45.63 28.22
C ARG H 190 -3.06 44.33 28.33
N ASP H 191 -3.67 43.24 27.87
CA ASP H 191 -3.02 41.94 27.78
C ASP H 191 -3.76 41.19 26.69
N HIS H 192 -3.02 40.52 25.80
CA HIS H 192 -3.63 39.85 24.66
C HIS H 192 -4.35 38.57 25.03
N LYS H 193 -3.91 37.90 26.09
CA LYS H 193 -4.47 36.60 26.47
C LYS H 193 -5.68 36.72 27.39
N SER H 194 -6.16 37.93 27.65
CA SER H 194 -7.30 38.13 28.52
C SER H 194 -8.58 37.66 27.83
N ALA H 195 -9.23 36.65 28.42
CA ALA H 195 -10.38 36.00 27.80
C ALA H 195 -11.70 36.65 28.17
N ASP H 196 -11.69 37.87 28.70
CA ASP H 196 -12.92 38.58 28.97
C ASP H 196 -13.53 39.11 27.68
N ASN H 197 -14.77 39.60 27.79
CA ASN H 197 -15.51 40.09 26.63
C ASN H 197 -14.87 41.35 26.06
N TYR H 198 -14.35 42.22 26.93
CA TYR H 198 -13.83 43.51 26.50
C TYR H 198 -12.55 43.35 25.67
N ASN H 199 -11.60 42.56 26.18
CA ASN H 199 -10.33 42.36 25.49
C ASN H 199 -10.50 41.51 24.23
N LYS H 200 -11.36 40.49 24.27
CA LYS H 200 -11.60 39.69 23.07
C LYS H 200 -12.36 40.50 22.02
N PHE H 201 -13.20 41.44 22.45
CA PHE H 201 -13.90 42.32 21.54
C PHE H 201 -12.93 43.31 20.89
N LEU H 202 -11.98 43.83 21.66
CA LEU H 202 -10.96 44.70 21.11
C LEU H 202 -10.03 43.96 20.17
N THR H 203 -9.72 42.69 20.43
CA THR H 203 -8.90 41.94 19.48
C THR H 203 -9.68 41.60 18.21
N LEU H 204 -10.99 41.40 18.32
CA LEU H 204 -11.81 41.21 17.12
C LEU H 204 -11.85 42.47 16.27
N GLY H 205 -12.03 43.63 16.90
CA GLY H 205 -11.93 44.89 16.18
C GLY H 205 -10.55 45.13 15.60
N ASN H 206 -9.51 44.70 16.31
CA ASN H 206 -8.15 44.77 15.79
C ASN H 206 -8.00 43.87 14.56
N TYR H 207 -8.62 42.68 14.59
CA TYR H 207 -8.59 41.76 13.45
C TYR H 207 -9.20 42.39 12.21
N TYR H 208 -10.35 43.03 12.35
CA TYR H 208 -10.90 43.72 11.19
C TYR H 208 -10.13 45.00 10.85
N ALA H 209 -9.39 45.57 11.80
CA ALA H 209 -8.46 46.65 11.45
C ALA H 209 -7.31 46.13 10.59
N TYR H 210 -6.77 44.93 10.89
CA TYR H 210 -5.71 44.45 10.02
C TYR H 210 -6.27 43.99 8.69
N GLY H 211 -7.55 43.59 8.68
CA GLY H 211 -8.19 43.27 7.42
C GLY H 211 -8.37 44.48 6.50
N ILE H 212 -8.84 45.61 7.05
CA ILE H 212 -8.98 46.81 6.22
C ILE H 212 -7.60 47.36 5.85
N ALA H 213 -6.61 47.19 6.73
CA ALA H 213 -5.24 47.56 6.38
C ALA H 213 -4.70 46.72 5.23
N ARG H 214 -4.96 45.40 5.25
CA ARG H 214 -4.49 44.52 4.19
C ARG H 214 -5.22 44.79 2.89
N SER H 215 -6.52 45.14 2.97
CA SER H 215 -7.23 45.54 1.76
C SER H 215 -6.71 46.86 1.20
N SER H 216 -6.24 47.76 2.08
CA SER H 216 -5.63 49.00 1.61
C SER H 216 -4.28 48.74 0.93
N LEU H 217 -3.44 47.90 1.53
CA LEU H 217 -2.15 47.61 0.92
C LEU H 217 -2.28 46.77 -0.34
N TRP H 218 -3.28 45.90 -0.44
CA TRP H 218 -3.50 45.21 -1.69
C TRP H 218 -4.13 46.12 -2.73
N ALA H 219 -4.90 47.12 -2.30
CA ALA H 219 -5.52 48.06 -3.24
C ALA H 219 -4.49 48.90 -3.96
N LEU H 220 -3.35 49.16 -3.35
CA LEU H 220 -2.19 49.70 -4.05
C LEU H 220 -1.24 48.61 -4.52
N GLY H 221 -1.49 47.36 -4.16
CA GLY H 221 -0.65 46.27 -4.58
C GLY H 221 0.70 46.22 -3.89
N ILE H 222 0.81 46.82 -2.72
CA ILE H 222 2.04 46.79 -1.94
C ILE H 222 1.94 45.67 -0.91
N ASP H 223 3.08 45.06 -0.60
CA ASP H 223 3.09 43.83 0.17
C ASP H 223 2.95 44.13 1.66
N ASN H 224 3.14 43.09 2.48
CA ASN H 224 2.77 43.13 3.89
C ASN H 224 3.97 43.09 4.83
N SER H 225 5.19 43.13 4.30
CA SER H 225 6.38 42.83 5.09
C SER H 225 7.43 43.95 5.07
N PHE H 226 7.01 45.20 4.88
CA PHE H 226 7.93 46.34 4.91
C PHE H 226 7.43 47.33 5.95
N PRO H 227 7.56 47.01 7.24
CA PRO H 227 6.96 47.85 8.27
C PRO H 227 7.78 49.12 8.54
N LEU H 228 7.12 50.09 9.15
CA LEU H 228 7.75 51.35 9.50
C LEU H 228 8.04 51.49 10.99
N LEU H 229 7.16 50.98 11.85
CA LEU H 229 7.34 51.07 13.29
C LEU H 229 7.90 49.77 13.87
N HIS H 230 7.32 48.63 13.51
CA HIS H 230 7.77 47.34 13.99
C HIS H 230 9.06 46.92 13.27
N GLY H 231 9.71 45.89 13.80
CA GLY H 231 10.93 45.40 13.21
C GLY H 231 10.69 44.61 11.94
N SER H 232 11.78 44.33 11.22
CA SER H 232 11.70 43.61 9.96
C SER H 232 11.34 42.14 10.15
N THR H 233 11.54 41.59 11.35
CA THR H 233 11.19 40.22 11.65
C THR H 233 9.80 40.09 12.27
N ARG H 234 9.07 41.19 12.42
CA ARG H 234 7.72 41.13 12.96
C ARG H 234 6.78 40.53 11.93
N ARG H 235 5.97 39.56 12.35
CA ARG H 235 5.19 38.75 11.43
C ARG H 235 4.02 39.59 10.92
N GLY H 236 4.13 40.07 9.69
CA GLY H 236 3.14 40.99 9.15
C GLY H 236 3.11 42.34 9.84
N GLY H 237 4.29 42.92 10.09
CA GLY H 237 4.38 44.17 10.82
C GLY H 237 3.84 45.37 10.08
N LEU H 238 3.89 45.36 8.75
CA LEU H 238 3.35 46.47 7.98
C LEU H 238 1.83 46.53 8.08
N VAL H 239 1.17 45.38 8.22
CA VAL H 239 -0.28 45.36 8.36
C VAL H 239 -0.69 46.03 9.67
N PHE H 240 0.06 45.75 10.74
CA PHE H 240 -0.17 46.45 12.00
C PHE H 240 0.22 47.92 11.90
N ASP H 241 1.24 48.24 11.10
CA ASP H 241 1.74 49.61 11.03
C ASP H 241 0.79 50.50 10.23
N VAL H 242 -0.05 49.91 9.38
CA VAL H 242 -1.11 50.68 8.76
C VAL H 242 -2.42 50.53 9.55
N ALA H 243 -2.58 49.46 10.33
CA ALA H 243 -3.79 49.28 11.10
C ALA H 243 -3.85 50.15 12.35
N ASP H 244 -2.69 50.50 12.93
CA ASP H 244 -2.69 51.27 14.19
C ASP H 244 -3.16 52.70 14.01
N ILE H 245 -3.25 53.18 12.76
CA ILE H 245 -4.00 54.39 12.44
C ILE H 245 -5.47 54.23 12.86
N ILE H 246 -6.02 53.03 12.70
CA ILE H 246 -7.45 52.81 12.84
C ILE H 246 -7.76 52.24 14.22
N LYS H 247 -6.81 51.48 14.80
CA LYS H 247 -7.02 50.96 16.16
C LYS H 247 -7.12 52.08 17.20
N THR H 248 -6.31 53.13 17.07
CA THR H 248 -6.28 54.16 18.10
C THR H 248 -7.42 55.16 17.98
N SER H 249 -8.11 55.21 16.83
CA SER H 249 -9.09 56.25 16.60
C SER H 249 -10.49 55.75 16.25
N ILE H 250 -10.62 54.51 15.76
CA ILE H 250 -11.88 54.02 15.22
C ILE H 250 -12.25 52.71 15.91
N ILE H 251 -11.30 51.77 15.94
CA ILE H 251 -11.55 50.45 16.50
C ILE H 251 -11.76 50.51 18.02
N LEU H 252 -10.94 51.30 18.71
CA LEU H 252 -11.08 51.44 20.16
C LEU H 252 -12.43 52.03 20.59
N PRO H 253 -12.94 53.20 20.02
CA PRO H 253 -14.27 53.65 20.45
C PRO H 253 -15.42 52.73 20.05
N LEU H 254 -15.37 52.19 18.83
CA LEU H 254 -16.44 51.31 18.35
C LEU H 254 -16.53 50.04 19.17
N ALA H 255 -15.40 49.34 19.32
CA ALA H 255 -15.36 48.10 20.09
C ALA H 255 -15.65 48.35 21.56
N PHE H 256 -15.18 49.46 22.11
CA PHE H 256 -15.35 49.68 23.54
C PHE H 256 -16.79 50.07 23.88
N HIS H 257 -17.44 50.89 23.04
CA HIS H 257 -18.83 51.23 23.31
C HIS H 257 -19.74 50.04 22.98
N ALA H 258 -19.37 49.23 21.98
CA ALA H 258 -20.21 48.11 21.60
C ALA H 258 -20.11 46.96 22.60
N ALA H 259 -18.94 46.78 23.21
CA ALA H 259 -18.81 45.84 24.30
C ALA H 259 -19.25 46.42 25.63
N ASP H 260 -19.46 47.74 25.71
CA ASP H 260 -20.23 48.30 26.82
C ASP H 260 -21.68 47.79 26.77
N GLN H 261 -22.27 47.74 25.57
CA GLN H 261 -23.56 47.06 25.41
C GLN H 261 -23.42 45.55 25.39
N GLY H 262 -22.27 45.04 24.91
CA GLY H 262 -22.04 43.60 24.90
C GLY H 262 -22.89 42.81 23.95
N MET H 263 -23.14 43.33 22.75
CA MET H 263 -23.90 42.59 21.75
C MET H 263 -22.98 41.66 20.94
N SER H 264 -23.59 40.94 20.02
CA SER H 264 -22.99 39.76 19.40
C SER H 264 -21.86 40.13 18.44
N ASN H 265 -21.00 39.15 18.18
CA ASN H 265 -19.83 39.35 17.33
C ASN H 265 -20.19 39.47 15.85
N THR H 266 -21.22 38.77 15.40
CA THR H 266 -21.62 38.86 14.00
C THR H 266 -22.28 40.20 13.71
N GLU H 267 -23.10 40.70 14.63
CA GLU H 267 -23.67 42.04 14.45
C GLU H 267 -22.62 43.12 14.64
N PHE H 268 -21.58 42.85 15.44
CA PHE H 268 -20.43 43.75 15.50
C PHE H 268 -19.69 43.78 14.17
N LYS H 269 -19.57 42.61 13.53
CA LYS H 269 -18.97 42.54 12.19
C LYS H 269 -19.79 43.34 11.18
N ARG H 270 -21.12 43.21 11.24
CA ARG H 270 -21.99 43.95 10.33
C ARG H 270 -21.90 45.46 10.57
N SER H 271 -21.88 45.88 11.84
CA SER H 271 -21.76 47.30 12.15
C SER H 271 -20.38 47.84 11.79
N CYS H 272 -19.34 47.01 11.91
CA CYS H 272 -17.99 47.43 11.55
C CYS H 272 -17.86 47.62 10.05
N VAL H 273 -18.42 46.71 9.25
CA VAL H 273 -18.42 46.88 7.79
C VAL H 273 -19.28 48.08 7.39
N ALA H 274 -20.39 48.31 8.10
CA ALA H 274 -21.25 49.46 7.82
C ALA H 274 -20.52 50.78 8.11
N TYR H 275 -19.79 50.85 9.22
CA TYR H 275 -19.02 52.05 9.52
C TYR H 275 -17.83 52.22 8.58
N PHE H 276 -17.23 51.10 8.16
CA PHE H 276 -16.12 51.14 7.20
C PHE H 276 -16.59 51.68 5.85
N ASP H 277 -17.82 51.32 5.45
CA ASP H 277 -18.39 51.84 4.22
C ASP H 277 -18.80 53.31 4.37
N LYS H 278 -19.46 53.65 5.49
CA LYS H 278 -20.04 54.98 5.63
C LYS H 278 -18.99 56.06 5.85
N ASN H 279 -18.01 55.77 6.71
CA ASN H 279 -16.93 56.72 6.95
C ASN H 279 -16.00 56.75 5.74
N ASP H 280 -15.95 55.66 4.97
CA ASP H 280 -15.09 55.47 3.79
C ASP H 280 -13.62 55.65 4.18
N ILE H 281 -13.18 54.69 5.00
CA ILE H 281 -11.86 54.73 5.60
C ILE H 281 -10.79 54.07 4.72
N LEU H 282 -11.16 53.11 3.88
CA LEU H 282 -10.19 52.45 2.99
C LEU H 282 -9.56 53.47 2.06
N ALA H 283 -10.39 54.35 1.48
CA ALA H 283 -9.89 55.43 0.64
C ALA H 283 -9.03 56.42 1.43
N TYR H 284 -9.30 56.57 2.73
CA TYR H 284 -8.45 57.41 3.56
C TYR H 284 -7.06 56.79 3.72
N LEU H 285 -6.99 55.45 3.84
CA LEU H 285 -5.67 54.82 3.88
C LEU H 285 -4.96 54.86 2.53
N ILE H 286 -5.68 54.78 1.40
CA ILE H 286 -5.04 55.04 0.11
C ILE H 286 -4.53 56.47 0.02
N ASN H 287 -5.28 57.44 0.55
CA ASN H 287 -4.80 58.82 0.58
C ASN H 287 -3.56 58.97 1.45
N ASN H 288 -3.52 58.25 2.58
CA ASN H 288 -2.37 58.27 3.47
C ASN H 288 -1.13 57.70 2.79
N ILE H 289 -1.25 56.51 2.20
CA ILE H 289 -0.09 55.86 1.58
C ILE H 289 0.32 56.61 0.31
N LYS H 290 -0.64 57.26 -0.37
CA LYS H 290 -0.30 58.09 -1.52
C LYS H 290 0.48 59.33 -1.12
N ARG H 291 0.13 59.96 0.01
CA ARG H 291 0.93 61.12 0.42
C ARG H 291 2.22 60.71 1.12
N LEU H 292 2.34 59.47 1.60
CA LEU H 292 3.66 58.98 2.00
C LEU H 292 4.56 58.75 0.79
N CYS H 293 4.02 58.07 -0.24
CA CYS H 293 4.86 57.62 -1.35
C CYS H 293 5.24 58.79 -2.25
N MET H 294 4.29 59.66 -2.56
CA MET H 294 4.58 60.82 -3.41
C MET H 294 5.34 61.92 -2.67
N GLU H 295 5.26 61.93 -1.34
CA GLU H 295 5.91 62.91 -0.46
C GLU H 295 5.56 64.36 -0.79
#